data_1OJG
#
_entry.id   1OJG
#
_cell.length_a   1.000
_cell.length_b   1.000
_cell.length_c   1.000
_cell.angle_alpha   90.00
_cell.angle_beta   90.00
_cell.angle_gamma   90.00
#
_symmetry.space_group_name_H-M   'P 1'
#
_entity_poly.entity_id   1
_entity_poly.type   'polypeptide(L)'
_entity_poly.pdbx_seq_one_letter_code
;SDMTRDGLANKALAVARTLADSPEIRQGLQKKPQESGIQAIAEAVRKRNDLLFIVVTDMQSLRYSHPEAQRIGQPFKGDD
ILKALNGEENVAINRGFLAQALRVFTPIYDENHKQIGVVAIGLELSRVTQQINDSR
;
_entity_poly.pdbx_strand_id   A
#
# COMPACT_ATOMS: atom_id res chain seq x y z
N SER A 1 1.35 10.94 7.83
CA SER A 1 1.70 12.15 7.03
C SER A 1 3.22 12.27 6.89
N ASP A 2 3.83 12.99 7.78
CA ASP A 2 5.31 13.17 7.72
C ASP A 2 6.01 11.89 8.21
N MET A 3 5.83 11.58 9.47
CA MET A 3 6.53 10.42 10.06
C MET A 3 6.52 9.23 9.09
N THR A 4 5.34 8.85 8.66
CA THR A 4 5.20 7.70 7.75
C THR A 4 6.00 7.95 6.45
N ARG A 5 6.04 9.17 6.02
CA ARG A 5 6.77 9.51 4.78
C ARG A 5 8.08 8.75 4.66
N ASP A 6 8.89 8.82 5.69
CA ASP A 6 10.24 8.17 5.71
C ASP A 6 10.22 6.71 6.15
N GLY A 7 9.68 6.43 7.31
CA GLY A 7 9.70 5.02 7.81
C GLY A 7 8.63 4.19 7.13
N LEU A 8 7.41 4.63 6.98
CA LEU A 8 6.44 3.80 6.25
C LEU A 8 7.08 3.56 4.89
N ALA A 9 7.69 4.58 4.28
CA ALA A 9 8.31 4.30 2.97
C ALA A 9 9.20 3.07 3.11
N ASN A 10 10.19 3.10 3.98
CA ASN A 10 11.11 1.95 4.21
C ASN A 10 10.45 0.82 5.03
N LYS A 11 10.17 1.08 6.29
CA LYS A 11 9.57 0.07 7.20
C LYS A 11 8.38 -0.66 6.58
N ALA A 12 7.47 -0.01 5.89
CA ALA A 12 6.31 -0.73 5.31
C ALA A 12 6.66 -1.32 3.95
N LEU A 13 7.58 -0.74 3.24
CA LEU A 13 7.97 -1.35 1.95
C LEU A 13 8.56 -2.74 2.25
N ALA A 14 9.43 -2.82 3.21
CA ALA A 14 10.09 -4.13 3.57
C ALA A 14 9.14 -5.23 4.11
N VAL A 15 8.26 -4.96 5.05
CA VAL A 15 7.40 -6.07 5.56
C VAL A 15 6.32 -6.32 4.51
N ALA A 16 5.95 -5.30 3.82
CA ALA A 16 4.98 -5.49 2.74
C ALA A 16 5.68 -6.39 1.72
N ARG A 17 6.96 -6.29 1.67
CA ARG A 17 7.72 -7.14 0.73
C ARG A 17 7.88 -8.58 1.27
N THR A 18 7.68 -8.89 2.55
CA THR A 18 7.92 -10.33 2.90
C THR A 18 6.79 -11.12 2.32
N LEU A 19 5.64 -10.60 2.48
CA LEU A 19 4.44 -11.27 1.97
C LEU A 19 4.20 -10.92 0.51
N ALA A 20 4.45 -9.72 0.07
CA ALA A 20 4.25 -9.42 -1.38
C ALA A 20 5.21 -10.33 -2.12
N ASP A 21 6.09 -10.85 -1.35
CA ASP A 21 7.14 -11.82 -1.87
C ASP A 21 6.71 -13.29 -1.72
N SER A 22 5.68 -13.57 -1.00
CA SER A 22 5.29 -15.01 -0.84
C SER A 22 4.82 -15.58 -2.21
N PRO A 23 3.96 -16.57 -2.26
CA PRO A 23 3.44 -17.12 -3.54
C PRO A 23 2.00 -16.69 -3.87
N GLU A 24 1.17 -16.61 -2.86
CA GLU A 24 -0.25 -16.17 -3.13
C GLU A 24 -0.19 -14.89 -3.99
N ILE A 25 0.86 -14.16 -3.80
CA ILE A 25 1.06 -12.84 -4.50
C ILE A 25 0.99 -12.96 -6.02
N ARG A 26 2.05 -13.43 -6.64
CA ARG A 26 2.05 -13.52 -8.13
C ARG A 26 0.71 -14.16 -8.53
N GLN A 27 0.23 -15.00 -7.67
CA GLN A 27 -1.09 -15.62 -7.92
C GLN A 27 -2.22 -14.66 -7.57
N GLY A 28 -1.98 -13.58 -6.86
CA GLY A 28 -3.11 -12.65 -6.57
C GLY A 28 -3.14 -11.81 -7.81
N LEU A 29 -1.98 -11.42 -8.24
CA LEU A 29 -1.84 -10.66 -9.49
C LEU A 29 -2.64 -11.40 -10.55
N GLN A 30 -2.58 -12.71 -10.53
CA GLN A 30 -3.34 -13.48 -11.53
C GLN A 30 -4.81 -13.27 -11.22
N LYS A 31 -5.17 -12.54 -10.18
CA LYS A 31 -6.59 -12.28 -9.83
C LYS A 31 -6.81 -10.74 -9.80
N LYS A 32 -7.84 -10.29 -9.10
CA LYS A 32 -8.20 -8.85 -8.99
C LYS A 32 -8.50 -8.54 -7.48
N PRO A 33 -8.61 -7.28 -7.09
CA PRO A 33 -8.88 -6.82 -5.67
C PRO A 33 -9.86 -7.67 -4.81
N GLN A 34 -11.13 -7.58 -5.07
CA GLN A 34 -12.13 -8.26 -4.20
C GLN A 34 -11.91 -9.78 -4.03
N GLU A 35 -11.09 -10.41 -4.84
CA GLU A 35 -10.90 -11.91 -4.71
C GLU A 35 -9.43 -12.25 -4.46
N SER A 36 -8.59 -11.26 -4.34
CA SER A 36 -7.15 -11.56 -4.10
C SER A 36 -6.99 -12.18 -2.72
N GLY A 37 -5.82 -12.05 -2.13
CA GLY A 37 -5.63 -12.57 -0.74
C GLY A 37 -4.59 -11.67 -0.06
N ILE A 38 -4.94 -10.44 0.13
CA ILE A 38 -4.03 -9.44 0.73
C ILE A 38 -3.93 -9.66 2.24
N GLN A 39 -4.48 -10.70 2.77
CA GLN A 39 -4.39 -10.94 4.22
C GLN A 39 -2.93 -11.16 4.71
N ALA A 40 -2.02 -11.65 3.88
CA ALA A 40 -0.64 -11.94 4.37
C ALA A 40 0.16 -10.68 4.35
N ILE A 41 0.38 -9.99 3.25
CA ILE A 41 1.05 -8.68 3.45
C ILE A 41 0.38 -8.05 4.70
N ALA A 42 -0.93 -8.09 4.87
CA ALA A 42 -1.51 -7.58 6.16
C ALA A 42 -0.64 -8.14 7.34
N GLU A 43 0.01 -9.25 7.10
CA GLU A 43 0.97 -9.68 8.22
C GLU A 43 1.81 -8.40 8.45
N ALA A 44 2.03 -7.68 7.37
CA ALA A 44 2.67 -6.31 7.45
C ALA A 44 1.67 -5.30 8.13
N VAL A 45 0.39 -5.51 7.98
CA VAL A 45 -0.56 -4.59 8.69
C VAL A 45 -0.20 -4.59 10.18
N ARG A 46 -0.20 -5.77 10.74
CA ARG A 46 0.11 -5.99 12.20
C ARG A 46 1.48 -5.41 12.60
N LYS A 47 2.54 -5.87 12.00
CA LYS A 47 3.88 -5.39 12.43
C LYS A 47 3.93 -3.85 12.35
N ARG A 48 3.53 -3.28 11.26
CA ARG A 48 3.54 -1.79 11.15
C ARG A 48 2.67 -1.18 12.26
N ASN A 49 1.36 -1.07 12.16
CA ASN A 49 0.62 -0.43 13.31
C ASN A 49 -0.80 -1.00 13.52
N ASP A 50 -1.03 -2.23 13.16
CA ASP A 50 -2.40 -2.81 13.28
C ASP A 50 -3.32 -2.14 12.23
N LEU A 51 -2.75 -1.23 11.46
CA LEU A 51 -3.62 -0.51 10.44
C LEU A 51 -2.84 -0.17 9.17
N LEU A 52 -3.52 0.13 8.07
CA LEU A 52 -2.81 0.45 6.76
C LEU A 52 -3.75 0.08 5.59
N PHE A 53 -3.48 0.42 4.33
CA PHE A 53 -4.21 -0.19 3.23
C PHE A 53 -3.01 -0.82 2.54
N ILE A 54 -2.57 -1.99 3.00
CA ILE A 54 -1.35 -2.58 2.38
C ILE A 54 -1.88 -3.38 1.23
N VAL A 55 -1.58 -2.86 0.11
CA VAL A 55 -2.10 -3.36 -1.15
C VAL A 55 -1.04 -3.83 -2.10
N VAL A 56 -1.36 -4.95 -2.70
CA VAL A 56 -0.59 -5.50 -3.80
C VAL A 56 -1.61 -5.35 -4.89
N THR A 57 -1.28 -4.99 -6.06
CA THR A 57 -2.36 -4.81 -7.08
C THR A 57 -2.13 -5.69 -8.27
N ASP A 58 -3.20 -6.18 -8.85
CA ASP A 58 -3.03 -6.81 -10.14
C ASP A 58 -2.83 -5.59 -11.01
N MET A 59 -2.88 -5.69 -12.28
CA MET A 59 -2.66 -4.42 -13.01
C MET A 59 -4.03 -3.69 -12.93
N GLN A 60 -4.41 -3.29 -11.72
CA GLN A 60 -5.62 -2.51 -11.46
C GLN A 60 -5.43 -2.15 -9.95
N SER A 61 -5.13 -0.90 -9.74
CA SER A 61 -4.95 -0.33 -8.40
C SER A 61 -6.20 -0.48 -7.66
N LEU A 62 -6.11 -0.39 -6.39
CA LEU A 62 -7.28 -0.42 -5.52
C LEU A 62 -6.73 -0.94 -4.22
N ARG A 63 -7.25 -0.41 -3.16
CA ARG A 63 -6.76 -0.84 -1.85
C ARG A 63 -7.38 -2.20 -1.61
N TYR A 64 -6.53 -3.13 -1.68
CA TYR A 64 -6.95 -4.51 -1.45
C TYR A 64 -7.25 -4.59 0.04
N SER A 65 -6.46 -3.84 0.79
CA SER A 65 -6.60 -3.81 2.27
C SER A 65 -6.93 -2.41 2.84
N HIS A 66 -7.50 -2.34 4.03
CA HIS A 66 -7.83 -1.02 4.70
C HIS A 66 -8.70 -1.29 5.94
N PRO A 67 -8.53 -0.62 7.06
CA PRO A 67 -9.41 -0.84 8.24
C PRO A 67 -10.85 -0.48 7.86
N GLU A 68 -11.05 0.73 7.40
CA GLU A 68 -12.40 1.15 6.95
C GLU A 68 -12.64 0.57 5.55
N ALA A 69 -13.83 0.15 5.28
CA ALA A 69 -14.15 -0.45 3.95
C ALA A 69 -14.36 0.60 2.86
N GLN A 70 -15.06 1.67 3.11
CA GLN A 70 -15.35 2.72 2.08
C GLN A 70 -14.10 3.42 1.48
N ARG A 71 -13.04 3.66 2.23
CA ARG A 71 -11.87 4.36 1.60
C ARG A 71 -11.33 3.47 0.48
N ILE A 72 -11.43 2.18 0.61
CA ILE A 72 -10.90 1.31 -0.49
C ILE A 72 -11.45 1.75 -1.86
N GLY A 73 -12.63 1.29 -2.17
CA GLY A 73 -13.28 1.53 -3.49
C GLY A 73 -12.96 2.90 -4.11
N GLN A 74 -12.36 3.85 -3.42
CA GLN A 74 -12.13 5.19 -4.08
C GLN A 74 -10.87 5.21 -5.00
N PRO A 75 -9.68 5.15 -4.46
CA PRO A 75 -8.41 5.22 -5.24
C PRO A 75 -8.49 4.64 -6.65
N PHE A 76 -8.27 5.47 -7.65
CA PHE A 76 -8.34 5.03 -9.06
C PHE A 76 -7.90 6.22 -9.93
N LYS A 77 -7.32 5.95 -11.06
CA LYS A 77 -6.81 7.08 -11.90
C LYS A 77 -5.98 8.03 -11.00
N GLY A 78 -5.69 7.58 -9.80
CA GLY A 78 -4.89 8.39 -8.83
C GLY A 78 -3.65 8.98 -9.50
N ASP A 79 -3.34 8.54 -10.69
CA ASP A 79 -2.16 9.10 -11.43
C ASP A 79 -0.86 8.83 -10.67
N ASP A 80 -0.92 8.39 -9.44
CA ASP A 80 0.35 8.11 -8.72
C ASP A 80 0.88 6.79 -9.28
N ILE A 81 0.00 5.94 -9.71
CA ILE A 81 0.41 4.62 -10.25
C ILE A 81 0.95 4.76 -11.69
N LEU A 82 0.40 5.67 -12.44
CA LEU A 82 0.86 5.94 -13.86
C LEU A 82 2.39 5.85 -13.95
N LYS A 83 3.08 6.21 -12.91
CA LYS A 83 4.57 6.14 -12.92
C LYS A 83 5.02 4.76 -12.40
N ALA A 84 4.37 4.26 -11.38
CA ALA A 84 4.78 2.95 -10.81
C ALA A 84 4.25 1.82 -11.70
N LEU A 85 2.98 1.90 -12.05
CA LEU A 85 2.37 0.85 -12.94
C LEU A 85 3.43 0.44 -13.98
N ASN A 86 4.12 1.43 -14.46
CA ASN A 86 5.16 1.27 -15.50
C ASN A 86 6.58 1.33 -14.95
N GLY A 87 6.78 1.07 -13.67
CA GLY A 87 8.16 1.14 -13.10
C GLY A 87 8.42 2.60 -12.66
N GLU A 88 8.28 2.79 -11.34
CA GLU A 88 8.61 4.15 -10.72
C GLU A 88 8.10 4.29 -9.26
N GLU A 89 8.92 4.91 -8.46
CA GLU A 89 8.54 5.17 -7.03
C GLU A 89 7.65 6.43 -6.94
N ASN A 90 6.64 6.45 -6.09
CA ASN A 90 5.79 7.69 -5.97
C ASN A 90 4.99 7.66 -4.64
N VAL A 91 4.76 8.80 -4.01
CA VAL A 91 3.97 8.82 -2.73
C VAL A 91 2.97 10.00 -2.79
N ALA A 92 1.85 9.89 -2.12
CA ALA A 92 0.82 10.99 -2.19
C ALA A 92 -0.09 10.90 -0.98
N ILE A 93 -0.80 11.96 -0.71
CA ILE A 93 -1.70 12.01 0.48
C ILE A 93 -3.17 11.76 0.10
N ASN A 94 -3.87 11.06 0.96
CA ASN A 94 -5.32 10.76 0.79
C ASN A 94 -6.05 11.62 1.81
N ARG A 95 -7.33 11.89 1.66
CA ARG A 95 -7.98 12.78 2.68
C ARG A 95 -9.45 12.39 2.87
N GLY A 96 -9.73 11.71 3.93
CA GLY A 96 -11.12 11.31 4.24
C GLY A 96 -11.30 11.40 5.75
N PHE A 97 -12.52 11.45 6.22
CA PHE A 97 -12.74 11.56 7.69
C PHE A 97 -11.80 10.60 8.43
N LEU A 98 -10.92 11.12 9.26
CA LEU A 98 -9.96 10.24 10.01
C LEU A 98 -9.04 9.53 9.00
N ALA A 99 -9.36 9.59 7.72
CA ALA A 99 -8.53 8.89 6.71
C ALA A 99 -7.27 9.68 6.32
N GLN A 100 -7.16 10.94 6.71
CA GLN A 100 -5.93 11.74 6.34
C GLN A 100 -4.71 10.81 6.50
N ALA A 101 -4.02 10.48 5.44
CA ALA A 101 -2.93 9.46 5.55
C ALA A 101 -1.94 9.58 4.40
N LEU A 102 -0.73 9.06 4.54
CA LEU A 102 0.22 9.11 3.38
C LEU A 102 0.31 7.71 2.76
N ARG A 103 0.76 7.59 1.54
CA ARG A 103 0.88 6.24 0.93
C ARG A 103 2.04 6.24 -0.08
N VAL A 104 2.73 5.12 -0.19
CA VAL A 104 3.86 4.99 -1.18
C VAL A 104 3.41 4.14 -2.35
N PHE A 105 4.18 4.14 -3.40
CA PHE A 105 3.85 3.35 -4.61
C PHE A 105 5.09 2.63 -5.10
N THR A 106 4.93 1.40 -5.51
CA THR A 106 6.08 0.60 -5.98
C THR A 106 5.57 -0.30 -7.13
N PRO A 107 6.45 -0.76 -8.00
CA PRO A 107 6.07 -1.60 -9.19
C PRO A 107 6.34 -3.10 -9.04
N ILE A 108 5.57 -3.94 -9.74
CA ILE A 108 5.79 -5.42 -9.64
C ILE A 108 6.28 -5.91 -10.99
N TYR A 109 7.29 -6.74 -11.00
CA TYR A 109 7.88 -7.23 -12.28
C TYR A 109 7.41 -8.65 -12.60
N ASP A 110 7.17 -8.92 -13.84
CA ASP A 110 6.76 -10.29 -14.23
C ASP A 110 7.84 -11.30 -13.81
N GLU A 111 8.94 -10.85 -13.24
CA GLU A 111 10.07 -11.76 -12.81
C GLU A 111 11.11 -11.70 -13.92
N ASN A 112 11.06 -10.64 -14.69
CA ASN A 112 11.99 -10.42 -15.81
C ASN A 112 12.34 -8.93 -15.83
N HIS A 113 12.13 -8.25 -14.74
CA HIS A 113 12.41 -6.80 -14.68
C HIS A 113 11.37 -6.11 -15.57
N LYS A 114 10.36 -6.84 -15.98
CA LYS A 114 9.29 -6.23 -16.84
C LYS A 114 8.13 -5.82 -15.92
N GLN A 115 7.87 -4.55 -15.87
CA GLN A 115 6.77 -4.00 -15.00
C GLN A 115 5.36 -4.46 -15.40
N ILE A 116 4.64 -5.09 -14.50
CA ILE A 116 3.25 -5.57 -14.83
C ILE A 116 2.23 -5.32 -13.72
N GLY A 117 2.63 -4.70 -12.67
CA GLY A 117 1.68 -4.52 -11.51
C GLY A 117 2.23 -3.50 -10.53
N VAL A 118 1.48 -3.17 -9.48
CA VAL A 118 2.00 -2.15 -8.51
C VAL A 118 1.69 -2.49 -7.05
N VAL A 119 2.60 -2.12 -6.17
CA VAL A 119 2.41 -2.35 -4.70
C VAL A 119 2.26 -0.98 -4.01
N ALA A 120 1.13 -0.70 -3.44
CA ALA A 120 0.94 0.62 -2.73
C ALA A 120 0.79 0.31 -1.24
N ILE A 121 1.06 1.25 -0.37
CA ILE A 121 0.98 0.97 1.06
C ILE A 121 0.50 2.24 1.70
N GLY A 122 -0.73 2.28 2.17
CA GLY A 122 -1.26 3.54 2.75
C GLY A 122 -1.42 3.47 4.25
N LEU A 123 -0.76 4.36 4.93
CA LEU A 123 -0.89 4.40 6.43
C LEU A 123 -2.13 5.24 6.77
N GLU A 124 -3.18 4.58 7.23
CA GLU A 124 -4.48 5.26 7.62
C GLU A 124 -4.20 6.39 8.63
N LEU A 125 -3.25 6.16 9.50
CA LEU A 125 -2.92 7.22 10.52
C LEU A 125 -4.01 7.30 11.59
N SER A 126 -3.62 7.72 12.78
CA SER A 126 -4.58 7.88 13.94
C SER A 126 -3.79 7.67 15.24
N ARG A 127 -3.99 6.52 15.85
CA ARG A 127 -3.19 6.22 17.10
C ARG A 127 -1.73 6.40 16.74
N VAL A 128 -1.30 7.63 16.72
CA VAL A 128 0.13 7.96 16.41
C VAL A 128 0.36 9.48 16.58
N THR A 129 -0.67 10.32 16.46
CA THR A 129 -0.50 11.81 16.61
C THR A 129 0.55 12.13 17.67
N GLN A 130 0.34 11.73 18.89
CA GLN A 130 1.30 12.01 19.99
C GLN A 130 2.76 11.75 19.51
N GLN A 131 3.06 10.53 19.19
CA GLN A 131 4.43 10.14 18.72
C GLN A 131 4.85 10.98 17.50
N ILE A 132 3.93 11.22 16.60
CA ILE A 132 4.22 12.05 15.39
C ILE A 132 4.57 13.50 15.79
N ASN A 133 3.96 14.04 16.83
CA ASN A 133 4.24 15.48 17.14
C ASN A 133 5.54 15.68 17.92
N ASP A 134 5.81 14.91 18.94
CA ASP A 134 7.07 15.17 19.73
C ASP A 134 8.28 14.66 18.93
N SER A 135 8.35 13.38 18.67
CA SER A 135 9.53 12.81 17.94
C SER A 135 9.73 13.45 16.54
N ARG A 136 8.74 13.47 15.69
CA ARG A 136 8.94 14.09 14.33
C ARG A 136 8.73 15.61 14.43
N SER A 1 -0.46 13.46 7.49
CA SER A 1 -0.37 13.95 6.08
C SER A 1 1.08 14.24 5.74
N ASP A 2 1.72 15.07 6.51
CA ASP A 2 3.14 15.38 6.24
C ASP A 2 4.00 14.19 6.70
N MET A 3 3.90 13.88 7.97
CA MET A 3 4.70 12.78 8.58
C MET A 3 4.85 11.63 7.58
N THR A 4 3.72 11.06 7.22
CA THR A 4 3.68 9.96 6.25
C THR A 4 4.38 10.38 4.95
N ARG A 5 4.17 11.59 4.49
CA ARG A 5 4.82 12.04 3.21
C ARG A 5 6.23 11.45 3.04
N ASP A 6 7.05 11.61 4.04
CA ASP A 6 8.47 11.11 4.00
C ASP A 6 8.65 9.69 4.53
N GLY A 7 8.20 9.45 5.72
CA GLY A 7 8.42 8.11 6.33
C GLY A 7 7.54 7.10 5.63
N LEU A 8 6.27 7.35 5.42
CA LEU A 8 5.48 6.36 4.65
C LEU A 8 6.23 6.21 3.31
N ALA A 9 6.66 7.31 2.70
CA ALA A 9 7.38 7.15 1.43
C ALA A 9 8.50 6.12 1.58
N ASN A 10 9.40 6.30 2.54
CA ASN A 10 10.56 5.39 2.80
C ASN A 10 10.19 4.19 3.67
N LYS A 11 9.78 4.44 4.89
CA LYS A 11 9.48 3.34 5.85
C LYS A 11 8.51 2.34 5.25
N ALA A 12 7.58 2.74 4.45
CA ALA A 12 6.62 1.79 3.86
C ALA A 12 7.22 1.16 2.61
N LEU A 13 8.05 1.88 1.89
CA LEU A 13 8.71 1.23 0.71
C LEU A 13 9.28 -0.13 1.17
N ALA A 14 9.95 -0.22 2.29
CA ALA A 14 10.46 -1.55 2.72
C ALA A 14 9.30 -2.46 3.09
N VAL A 15 8.31 -1.98 3.76
CA VAL A 15 7.15 -2.86 4.07
C VAL A 15 6.67 -3.47 2.75
N ALA A 16 6.56 -2.65 1.76
CA ALA A 16 6.18 -3.16 0.43
C ALA A 16 7.14 -4.32 0.10
N ARG A 17 8.30 -4.33 0.70
CA ARG A 17 9.21 -5.45 0.33
C ARG A 17 8.76 -6.78 0.95
N THR A 18 8.23 -6.82 2.17
CA THR A 18 7.81 -8.12 2.71
C THR A 18 6.78 -8.71 1.75
N LEU A 19 6.05 -7.88 1.05
CA LEU A 19 5.04 -8.47 0.10
C LEU A 19 5.77 -9.00 -1.07
N ALA A 20 6.88 -8.45 -1.33
CA ALA A 20 7.64 -8.91 -2.46
C ALA A 20 8.41 -10.19 -2.12
N ASP A 21 8.57 -10.64 -0.85
CA ASP A 21 9.47 -11.83 -0.61
C ASP A 21 8.72 -13.13 -0.35
N SER A 22 7.50 -13.13 0.11
CA SER A 22 6.86 -14.45 0.42
C SER A 22 6.40 -15.18 -0.85
N PRO A 23 5.49 -16.15 -0.72
CA PRO A 23 4.92 -16.91 -1.88
C PRO A 23 3.44 -16.60 -2.17
N GLU A 24 2.68 -16.42 -1.14
CA GLU A 24 1.23 -16.13 -1.35
C GLU A 24 1.05 -14.96 -2.31
N ILE A 25 1.95 -14.02 -2.29
CA ILE A 25 1.80 -12.80 -3.14
C ILE A 25 1.72 -13.16 -4.64
N ARG A 26 2.84 -13.55 -5.20
CA ARG A 26 2.87 -13.93 -6.65
C ARG A 26 1.71 -14.89 -6.91
N GLN A 27 1.43 -15.76 -5.97
CA GLN A 27 0.30 -16.68 -6.17
C GLN A 27 -0.99 -15.92 -5.97
N GLY A 28 -0.93 -14.72 -5.41
CA GLY A 28 -2.19 -13.97 -5.23
C GLY A 28 -2.40 -13.34 -6.56
N LEU A 29 -1.32 -12.91 -7.13
CA LEU A 29 -1.40 -12.30 -8.44
C LEU A 29 -2.04 -13.31 -9.37
N GLN A 30 -1.86 -14.60 -9.13
CA GLN A 30 -2.49 -15.60 -10.01
C GLN A 30 -4.00 -15.42 -9.86
N LYS A 31 -4.48 -14.54 -8.97
CA LYS A 31 -5.94 -14.25 -8.89
C LYS A 31 -6.09 -12.71 -8.80
N LYS A 32 -7.13 -12.24 -8.16
CA LYS A 32 -7.40 -10.78 -7.97
C LYS A 32 -7.50 -10.48 -6.43
N PRO A 33 -7.30 -9.24 -6.02
CA PRO A 33 -7.35 -8.76 -4.58
C PRO A 33 -8.27 -9.51 -3.60
N GLN A 34 -9.19 -10.30 -4.03
CA GLN A 34 -10.07 -10.99 -3.02
C GLN A 34 -9.43 -12.34 -2.64
N GLU A 35 -8.26 -12.65 -3.21
CA GLU A 35 -7.65 -14.00 -2.95
C GLU A 35 -6.14 -13.96 -2.57
N SER A 36 -5.49 -12.83 -2.47
CA SER A 36 -4.04 -12.92 -2.08
C SER A 36 -3.95 -13.40 -0.63
N GLY A 37 -2.86 -13.09 0.02
CA GLY A 37 -2.72 -13.51 1.45
C GLY A 37 -1.84 -12.50 2.18
N ILE A 38 -2.26 -11.28 2.16
CA ILE A 38 -1.54 -10.16 2.82
C ILE A 38 -1.18 -10.50 4.25
N GLN A 39 -1.63 -11.57 4.78
CA GLN A 39 -1.30 -11.88 6.17
C GLN A 39 0.20 -11.72 6.52
N ALA A 40 1.13 -12.19 5.70
CA ALA A 40 2.59 -12.18 6.05
C ALA A 40 3.21 -10.88 5.66
N ILE A 41 3.09 -10.43 4.44
CA ILE A 41 3.57 -9.05 4.21
C ILE A 41 3.00 -8.23 5.41
N ALA A 42 1.71 -8.29 5.67
CA ALA A 42 1.16 -7.58 6.89
C ALA A 42 2.13 -7.89 8.06
N GLU A 43 2.86 -8.95 7.93
CA GLU A 43 3.95 -9.11 9.02
C GLU A 43 4.62 -7.71 9.05
N ALA A 44 4.57 -7.09 7.90
CA ALA A 44 5.00 -5.65 7.72
C ALA A 44 3.97 -4.69 8.41
N VAL A 45 2.73 -5.06 8.52
CA VAL A 45 1.81 -4.09 9.25
C VAL A 45 2.22 -3.97 10.71
N ARG A 46 2.49 -5.09 11.33
CA ARG A 46 2.86 -5.10 12.77
C ARG A 46 4.04 -4.17 12.96
N LYS A 47 5.07 -4.36 12.21
CA LYS A 47 6.24 -3.47 12.39
C LYS A 47 5.78 -2.01 12.18
N ARG A 48 4.80 -1.82 11.34
CA ARG A 48 4.32 -0.42 11.15
C ARG A 48 3.47 -0.01 12.35
N ASN A 49 2.17 -0.17 12.30
CA ASN A 49 1.34 0.28 13.47
C ASN A 49 0.13 -0.67 13.70
N ASP A 50 0.26 -1.92 13.39
CA ASP A 50 -0.94 -2.81 13.53
C ASP A 50 -2.07 -2.30 12.59
N LEU A 51 -1.69 -1.58 11.54
CA LEU A 51 -2.74 -0.98 10.64
C LEU A 51 -2.06 -0.49 9.35
N LEU A 52 -2.77 -0.29 8.27
CA LEU A 52 -2.12 0.15 6.98
C LEU A 52 -3.14 -0.10 5.87
N PHE A 53 -2.84 0.26 4.62
CA PHE A 53 -3.69 -0.15 3.52
C PHE A 53 -2.63 -0.55 2.52
N ILE A 54 -2.07 -1.72 2.64
CA ILE A 54 -0.98 -2.10 1.69
C ILE A 54 -1.62 -2.97 0.64
N VAL A 55 -1.54 -2.50 -0.55
CA VAL A 55 -2.17 -3.18 -1.67
C VAL A 55 -1.17 -3.99 -2.45
N VAL A 56 -1.61 -5.18 -2.67
CA VAL A 56 -0.93 -6.18 -3.46
C VAL A 56 -2.09 -6.62 -4.29
N THR A 57 -2.06 -6.31 -5.53
CA THR A 57 -3.20 -6.63 -6.40
C THR A 57 -2.67 -7.28 -7.60
N ASP A 58 -3.57 -7.78 -8.34
CA ASP A 58 -3.19 -8.23 -9.67
C ASP A 58 -3.15 -6.89 -10.37
N MET A 59 -2.93 -6.84 -11.63
CA MET A 59 -2.93 -5.44 -12.17
C MET A 59 -4.38 -4.94 -12.01
N GLN A 60 -4.85 -4.64 -10.77
CA GLN A 60 -6.26 -4.20 -10.59
C GLN A 60 -6.35 -3.07 -9.54
N SER A 61 -5.79 -3.25 -8.32
CA SER A 61 -5.84 -2.26 -7.21
C SER A 61 -6.97 -2.64 -6.27
N LEU A 62 -6.72 -2.56 -4.97
CA LEU A 62 -7.73 -2.88 -3.91
C LEU A 62 -6.91 -3.21 -2.63
N ARG A 63 -6.78 -2.18 -1.84
CA ARG A 63 -6.01 -2.31 -0.55
C ARG A 63 -6.31 -3.63 0.11
N TYR A 64 -5.50 -4.59 -0.15
CA TYR A 64 -5.75 -5.92 0.41
C TYR A 64 -5.84 -5.79 1.91
N SER A 65 -5.17 -4.78 2.44
CA SER A 65 -5.12 -4.58 3.93
C SER A 65 -5.83 -3.32 4.43
N HIS A 66 -6.41 -3.33 5.61
CA HIS A 66 -7.14 -2.11 6.04
C HIS A 66 -7.66 -2.18 7.51
N PRO A 67 -7.77 -1.05 8.19
CA PRO A 67 -8.42 -0.99 9.53
C PRO A 67 -9.90 -0.69 9.29
N GLU A 68 -10.16 -0.11 8.14
CA GLU A 68 -11.55 0.25 7.70
C GLU A 68 -11.91 -0.67 6.52
N ALA A 69 -13.09 -1.20 6.49
CA ALA A 69 -13.46 -2.11 5.37
C ALA A 69 -13.76 -1.33 4.07
N GLN A 70 -14.47 -0.23 4.11
CA GLN A 70 -14.83 0.49 2.84
C GLN A 70 -13.66 1.19 2.10
N ARG A 71 -12.57 1.56 2.75
CA ARG A 71 -11.48 2.26 2.01
C ARG A 71 -10.88 1.25 1.04
N ILE A 72 -10.92 -0.02 1.35
CA ILE A 72 -10.39 -0.99 0.36
C ILE A 72 -11.11 -0.81 -0.99
N GLY A 73 -12.21 -1.48 -1.17
CA GLY A 73 -12.94 -1.48 -2.47
C GLY A 73 -12.93 -0.12 -3.17
N GLN A 74 -12.54 0.95 -2.55
CA GLN A 74 -12.65 2.27 -3.23
C GLN A 74 -11.67 2.46 -4.43
N PRO A 75 -10.39 2.63 -4.19
CA PRO A 75 -9.37 2.88 -5.24
C PRO A 75 -9.77 2.32 -6.61
N PHE A 76 -9.86 3.17 -7.63
CA PHE A 76 -10.23 2.72 -9.00
C PHE A 76 -10.21 3.97 -9.92
N LYS A 77 -9.68 3.80 -11.09
CA LYS A 77 -9.53 4.97 -12.04
C LYS A 77 -8.85 6.16 -11.30
N GLY A 78 -8.44 5.93 -10.07
CA GLY A 78 -7.75 7.01 -9.29
C GLY A 78 -6.74 7.75 -10.18
N ASP A 79 -6.34 7.17 -11.26
CA ASP A 79 -5.36 7.81 -12.20
C ASP A 79 -3.97 7.86 -11.59
N ASP A 80 -3.82 7.69 -10.31
CA ASP A 80 -2.45 7.70 -9.77
C ASP A 80 -1.86 6.35 -10.20
N ILE A 81 -2.72 5.45 -10.60
CA ILE A 81 -2.26 4.09 -10.99
C ILE A 81 -1.91 4.02 -12.50
N LEU A 82 -2.52 4.82 -13.34
CA LEU A 82 -2.21 4.79 -14.82
C LEU A 82 -0.69 4.63 -15.05
N LYS A 83 0.09 5.49 -14.50
CA LYS A 83 1.57 5.40 -14.67
C LYS A 83 2.14 4.26 -13.83
N ALA A 84 1.61 4.05 -12.65
CA ALA A 84 2.11 2.94 -11.77
C ALA A 84 1.83 1.64 -12.50
N LEU A 85 0.61 1.56 -12.99
CA LEU A 85 0.15 0.35 -13.73
C LEU A 85 1.37 -0.27 -14.38
N ASN A 86 2.17 0.56 -14.97
CA ASN A 86 3.44 0.07 -15.50
C ASN A 86 4.52 0.55 -14.56
N GLY A 87 5.17 1.61 -14.94
CA GLY A 87 6.33 2.12 -14.14
C GLY A 87 6.20 3.64 -13.82
N GLU A 88 6.19 3.90 -12.52
CA GLU A 88 6.11 5.32 -12.03
C GLU A 88 6.07 5.40 -10.49
N GLU A 89 6.22 6.60 -9.99
CA GLU A 89 6.13 6.83 -8.50
C GLU A 89 5.05 7.89 -8.29
N ASN A 90 4.08 7.62 -7.44
CA ASN A 90 3.01 8.64 -7.19
C ASN A 90 2.44 8.51 -5.78
N VAL A 91 2.21 9.64 -5.15
CA VAL A 91 1.66 9.63 -3.75
C VAL A 91 0.53 10.66 -3.65
N ALA A 92 -0.65 10.24 -3.19
CA ALA A 92 -1.83 11.16 -3.09
C ALA A 92 -2.57 10.98 -1.75
N ILE A 93 -3.47 11.87 -1.48
CA ILE A 93 -4.26 11.89 -0.19
C ILE A 93 -5.68 11.32 -0.36
N ASN A 94 -6.15 10.59 0.65
CA ASN A 94 -7.52 9.98 0.63
C ASN A 94 -8.32 10.66 1.75
N ARG A 95 -9.63 10.72 1.64
CA ARG A 95 -10.40 11.43 2.71
C ARG A 95 -11.77 10.76 2.88
N GLY A 96 -11.95 10.06 3.96
CA GLY A 96 -13.27 9.40 4.21
C GLY A 96 -13.41 9.13 5.71
N PHE A 97 -14.24 9.89 6.37
CA PHE A 97 -14.44 9.71 7.85
C PHE A 97 -13.12 9.36 8.55
N LEU A 98 -12.40 10.35 9.00
CA LEU A 98 -11.10 10.10 9.71
C LEU A 98 -10.04 9.59 8.73
N ALA A 99 -10.46 8.91 7.71
CA ALA A 99 -9.45 8.31 6.79
C ALA A 99 -8.44 9.34 6.26
N GLN A 100 -8.55 10.60 6.57
CA GLN A 100 -7.52 11.58 6.04
C GLN A 100 -6.12 10.94 6.23
N ALA A 101 -5.58 10.35 5.19
CA ALA A 101 -4.27 9.61 5.24
C ALA A 101 -3.55 9.71 3.88
N LEU A 102 -2.26 9.42 3.82
CA LEU A 102 -1.53 9.51 2.50
C LEU A 102 -1.19 8.12 1.97
N ARG A 103 -1.01 7.97 0.66
CA ARG A 103 -0.65 6.64 0.09
C ARG A 103 0.45 6.80 -0.97
N VAL A 104 1.23 5.76 -1.19
CA VAL A 104 2.28 5.78 -2.29
C VAL A 104 1.94 4.75 -3.37
N PHE A 105 2.36 5.01 -4.57
CA PHE A 105 2.11 4.08 -5.70
C PHE A 105 3.43 3.53 -6.26
N THR A 106 3.44 2.25 -6.57
CA THR A 106 4.64 1.58 -7.10
C THR A 106 4.13 0.39 -7.95
N PRO A 107 4.93 -0.15 -8.85
CA PRO A 107 4.52 -1.28 -9.76
C PRO A 107 5.07 -2.68 -9.41
N ILE A 108 4.47 -3.73 -9.95
CA ILE A 108 4.99 -5.12 -9.69
C ILE A 108 5.29 -5.78 -11.01
N TYR A 109 6.41 -6.47 -11.11
CA TYR A 109 6.76 -7.14 -12.41
C TYR A 109 6.83 -8.67 -12.29
N ASP A 110 6.65 -9.35 -13.38
CA ASP A 110 6.68 -10.85 -13.36
C ASP A 110 7.97 -11.35 -12.69
N GLU A 111 8.96 -11.65 -13.49
CA GLU A 111 10.26 -12.15 -12.96
C GLU A 111 11.33 -11.94 -14.03
N ASN A 112 11.13 -10.94 -14.87
CA ASN A 112 12.13 -10.61 -15.92
C ASN A 112 12.13 -9.09 -16.03
N HIS A 113 11.71 -8.45 -14.97
CA HIS A 113 11.64 -6.96 -14.93
C HIS A 113 10.57 -6.46 -15.91
N LYS A 114 9.38 -7.05 -15.89
CA LYS A 114 8.25 -6.62 -16.80
C LYS A 114 6.97 -6.39 -15.95
N GLN A 115 6.42 -5.20 -15.98
CA GLN A 115 5.21 -4.84 -15.14
C GLN A 115 3.93 -5.72 -15.33
N ILE A 116 3.48 -6.39 -14.28
CA ILE A 116 2.24 -7.23 -14.39
C ILE A 116 1.37 -7.15 -13.12
N GLY A 117 1.53 -6.11 -12.38
CA GLY A 117 0.75 -6.00 -11.10
C GLY A 117 1.05 -4.65 -10.44
N VAL A 118 0.32 -4.26 -9.41
CA VAL A 118 0.67 -2.92 -8.77
C VAL A 118 0.67 -2.98 -7.24
N VAL A 119 1.66 -2.32 -6.66
CA VAL A 119 1.82 -2.27 -5.17
C VAL A 119 1.76 -0.80 -4.67
N ALA A 120 0.75 -0.49 -3.94
CA ALA A 120 0.61 0.88 -3.34
C ALA A 120 0.66 0.71 -1.81
N ILE A 121 0.83 1.76 -1.04
CA ILE A 121 0.90 1.58 0.44
C ILE A 121 0.19 2.77 1.06
N GLY A 122 -0.97 2.53 1.60
CA GLY A 122 -1.76 3.64 2.19
C GLY A 122 -1.69 3.63 3.69
N LEU A 123 -1.11 4.64 4.23
CA LEU A 123 -1.01 4.74 5.73
C LEU A 123 -2.27 5.44 6.22
N GLU A 124 -3.10 4.67 6.91
CA GLU A 124 -4.42 5.14 7.48
C GLU A 124 -4.13 6.01 8.72
N LEU A 125 -4.67 7.20 8.76
CA LEU A 125 -4.43 8.10 9.96
C LEU A 125 -3.01 7.88 10.52
N SER A 126 -2.41 8.92 11.07
CA SER A 126 -1.00 8.84 11.60
C SER A 126 -0.94 9.00 13.13
N ARG A 127 -1.30 7.99 13.88
CA ARG A 127 -1.21 8.08 15.38
C ARG A 127 0.25 8.27 15.81
N VAL A 128 1.08 8.90 15.01
CA VAL A 128 2.52 9.06 15.36
C VAL A 128 2.95 10.53 15.37
N THR A 129 2.12 11.43 14.90
CA THR A 129 2.48 12.91 14.90
C THR A 129 3.29 13.26 16.16
N GLN A 130 2.81 12.90 17.31
CA GLN A 130 3.50 13.22 18.58
C GLN A 130 5.04 12.99 18.43
N GLN A 131 5.45 11.75 18.35
CA GLN A 131 6.91 11.40 18.19
C GLN A 131 7.56 12.15 17.02
N ILE A 132 6.83 12.32 15.96
CA ILE A 132 7.30 13.03 14.73
C ILE A 132 7.22 14.54 14.94
N ASN A 133 6.50 14.99 15.95
CA ASN A 133 6.36 16.47 16.15
C ASN A 133 7.53 16.96 16.99
N ASP A 134 7.95 16.24 18.00
CA ASP A 134 9.09 16.76 18.80
C ASP A 134 10.40 16.69 17.96
N SER A 135 10.91 15.53 17.69
CA SER A 135 12.20 15.41 16.91
C SER A 135 12.21 16.28 15.63
N ARG A 136 11.23 16.08 14.79
CA ARG A 136 11.15 16.84 13.50
C ARG A 136 10.97 18.32 13.82
N SER A 1 2.36 11.28 10.01
CA SER A 1 2.47 11.21 8.52
C SER A 1 3.93 11.44 8.10
N ASP A 2 4.65 12.21 8.86
CA ASP A 2 6.06 12.49 8.52
C ASP A 2 6.94 11.24 8.66
N MET A 3 7.09 10.81 9.89
CA MET A 3 8.03 9.71 10.14
C MET A 3 7.76 8.52 9.21
N THR A 4 6.51 8.10 9.11
CA THR A 4 6.18 6.96 8.26
C THR A 4 6.70 7.27 6.85
N ARG A 5 6.63 8.50 6.45
CA ARG A 5 7.13 8.86 5.10
C ARG A 5 8.44 8.14 4.78
N ASP A 6 9.39 8.24 5.67
CA ASP A 6 10.76 7.65 5.48
C ASP A 6 10.87 6.17 5.84
N GLY A 7 10.59 5.83 7.07
CA GLY A 7 10.75 4.41 7.51
C GLY A 7 9.63 3.56 6.93
N LEU A 8 8.40 3.97 6.98
CA LEU A 8 7.34 3.13 6.34
C LEU A 8 7.81 2.92 4.91
N ALA A 9 8.27 3.97 4.25
CA ALA A 9 8.71 3.76 2.86
C ALA A 9 9.72 2.63 2.80
N ASN A 10 10.76 2.63 3.61
CA ASN A 10 11.79 1.56 3.63
C ASN A 10 11.33 0.32 4.41
N LYS A 11 10.94 0.52 5.65
CA LYS A 11 10.54 -0.63 6.55
C LYS A 11 9.30 -1.36 6.05
N ALA A 12 8.39 -0.74 5.32
CA ALA A 12 7.17 -1.48 4.86
C ALA A 12 7.41 -1.99 3.46
N LEU A 13 8.08 -1.24 2.63
CA LEU A 13 8.38 -1.78 1.29
C LEU A 13 9.08 -3.14 1.46
N ALA A 14 9.90 -3.31 2.46
CA ALA A 14 10.67 -4.58 2.64
C ALA A 14 9.90 -5.75 3.28
N VAL A 15 9.18 -5.58 4.34
CA VAL A 15 8.48 -6.78 4.92
C VAL A 15 7.37 -7.12 3.95
N ALA A 16 6.94 -6.13 3.27
CA ALA A 16 5.98 -6.38 2.20
C ALA A 16 6.71 -7.26 1.21
N ARG A 17 8.02 -7.10 1.16
CA ARG A 17 8.75 -7.97 0.20
C ARG A 17 8.81 -9.41 0.72
N THR A 18 8.61 -9.77 2.00
CA THR A 18 8.76 -11.23 2.27
C THR A 18 7.63 -11.92 1.60
N LEU A 19 6.49 -11.39 1.82
CA LEU A 19 5.28 -12.00 1.26
C LEU A 19 4.99 -11.52 -0.17
N ALA A 20 5.12 -10.24 -0.49
CA ALA A 20 4.89 -9.84 -1.92
C ALA A 20 5.86 -10.70 -2.76
N ASP A 21 6.84 -11.22 -2.10
CA ASP A 21 7.84 -12.12 -2.80
C ASP A 21 7.32 -13.56 -2.82
N SER A 22 6.21 -13.86 -2.23
CA SER A 22 5.76 -15.29 -2.26
C SER A 22 5.14 -15.63 -3.65
N PRO A 23 4.31 -16.65 -3.76
CA PRO A 23 3.62 -17.02 -5.04
C PRO A 23 2.13 -16.61 -5.08
N GLU A 24 1.54 -16.54 -3.93
CA GLU A 24 0.12 -16.08 -3.82
C GLU A 24 0.11 -14.58 -4.02
N ILE A 25 1.07 -14.06 -4.69
CA ILE A 25 1.09 -12.62 -5.02
C ILE A 25 0.74 -12.56 -6.50
N ARG A 26 1.75 -12.80 -7.32
CA ARG A 26 1.53 -12.80 -8.78
C ARG A 26 0.27 -13.62 -9.09
N GLN A 27 -0.04 -14.63 -8.31
CA GLN A 27 -1.27 -15.39 -8.58
C GLN A 27 -2.47 -14.69 -7.94
N GLY A 28 -2.29 -13.73 -7.02
CA GLY A 28 -3.47 -13.07 -6.37
C GLY A 28 -3.63 -11.72 -7.03
N LEU A 29 -2.71 -11.47 -7.87
CA LEU A 29 -2.74 -10.29 -8.73
C LEU A 29 -3.70 -10.76 -9.82
N GLN A 30 -3.37 -11.88 -10.34
CA GLN A 30 -4.27 -12.54 -11.34
C GLN A 30 -5.73 -12.64 -10.85
N LYS A 31 -6.08 -12.36 -9.63
CA LYS A 31 -7.53 -12.57 -9.19
C LYS A 31 -8.12 -11.27 -8.62
N LYS A 32 -7.82 -10.13 -9.24
CA LYS A 32 -8.33 -8.79 -8.88
C LYS A 32 -8.49 -8.60 -7.32
N PRO A 33 -8.49 -7.40 -6.81
CA PRO A 33 -8.61 -7.12 -5.32
C PRO A 33 -9.47 -8.06 -4.55
N GLN A 34 -10.72 -8.12 -4.85
CA GLN A 34 -11.58 -9.01 -4.05
C GLN A 34 -10.93 -10.40 -3.98
N GLU A 35 -11.04 -11.01 -2.86
CA GLU A 35 -10.52 -12.40 -2.69
C GLU A 35 -8.98 -12.50 -2.86
N SER A 36 -8.27 -11.42 -3.00
CA SER A 36 -6.79 -11.55 -3.18
C SER A 36 -6.12 -11.77 -1.83
N GLY A 37 -6.05 -13.01 -1.39
CA GLY A 37 -5.47 -13.31 -0.03
C GLY A 37 -4.27 -12.38 0.33
N ILE A 38 -4.43 -11.12 0.13
CA ILE A 38 -3.41 -10.09 0.43
C ILE A 38 -3.26 -10.02 1.95
N GLN A 39 -3.52 -11.11 2.58
CA GLN A 39 -3.38 -11.21 4.04
C GLN A 39 -1.92 -11.49 4.37
N ALA A 40 -1.11 -12.03 3.47
CA ALA A 40 0.31 -12.25 3.80
C ALA A 40 0.91 -10.86 3.76
N ILE A 41 1.49 -10.34 2.70
CA ILE A 41 2.06 -8.94 2.81
C ILE A 41 1.43 -8.15 4.00
N ALA A 42 0.13 -8.00 4.10
CA ALA A 42 -0.46 -7.31 5.30
C ALA A 42 0.07 -7.96 6.60
N GLU A 43 -0.01 -9.26 6.61
CA GLU A 43 0.40 -10.07 7.81
C GLU A 43 1.83 -9.82 8.26
N ALA A 44 2.90 -9.93 7.48
CA ALA A 44 4.20 -9.67 8.16
C ALA A 44 4.37 -8.18 8.30
N VAL A 45 4.04 -7.46 7.27
CA VAL A 45 4.25 -6.01 7.42
C VAL A 45 3.56 -5.57 8.75
N ARG A 46 2.24 -5.55 8.79
CA ARG A 46 1.53 -5.18 10.07
C ARG A 46 2.24 -5.80 11.28
N LYS A 47 2.81 -7.00 11.15
CA LYS A 47 3.55 -7.55 12.37
C LYS A 47 4.28 -6.35 13.01
N ARG A 48 4.63 -5.37 12.17
CA ARG A 48 5.07 -4.02 12.67
C ARG A 48 4.23 -3.68 13.90
N ASN A 49 2.94 -3.62 13.79
CA ASN A 49 2.13 -3.29 14.99
C ASN A 49 0.72 -3.89 14.86
N ASP A 50 0.00 -3.57 13.81
CA ASP A 50 -1.36 -4.20 13.58
C ASP A 50 -2.23 -3.43 12.53
N LEU A 51 -1.73 -2.36 11.94
CA LEU A 51 -2.64 -1.59 10.99
C LEU A 51 -1.98 -1.19 9.66
N LEU A 52 -2.82 -0.86 8.67
CA LEU A 52 -2.30 -0.46 7.28
C LEU A 52 -3.34 -0.83 6.18
N PHE A 53 -3.13 -0.48 4.89
CA PHE A 53 -3.97 -1.02 3.83
C PHE A 53 -2.88 -1.26 2.77
N ILE A 54 -2.23 -2.42 2.83
CA ILE A 54 -1.09 -2.70 1.88
C ILE A 54 -1.61 -3.59 0.78
N VAL A 55 -1.25 -3.23 -0.37
CA VAL A 55 -1.78 -3.91 -1.55
C VAL A 55 -0.78 -4.23 -2.63
N VAL A 56 -1.12 -5.32 -3.30
CA VAL A 56 -0.43 -5.73 -4.53
C VAL A 56 -1.57 -5.48 -5.51
N THR A 57 -1.35 -4.81 -6.59
CA THR A 57 -2.51 -4.49 -7.48
C THR A 57 -2.27 -4.97 -8.86
N ASP A 58 -3.34 -5.26 -9.53
CA ASP A 58 -3.24 -5.52 -10.95
C ASP A 58 -3.37 -4.08 -11.45
N MET A 59 -3.39 -3.84 -12.69
CA MET A 59 -3.48 -2.40 -13.03
C MET A 59 -4.95 -1.97 -12.81
N GLN A 60 -5.41 -1.83 -11.55
CA GLN A 60 -6.82 -1.44 -11.27
C GLN A 60 -6.88 -0.48 -10.06
N SER A 61 -6.11 -0.73 -9.01
CA SER A 61 -6.09 0.10 -7.77
C SER A 61 -7.19 -0.33 -6.86
N LEU A 62 -6.89 -0.43 -5.58
CA LEU A 62 -7.87 -0.78 -4.54
C LEU A 62 -7.00 -1.33 -3.42
N ARG A 63 -7.28 -0.93 -2.23
CA ARG A 63 -6.44 -1.45 -1.12
C ARG A 63 -6.87 -2.88 -0.97
N TYR A 64 -6.06 -3.73 -1.51
CA TYR A 64 -6.37 -5.17 -1.49
C TYR A 64 -6.60 -5.55 -0.04
N SER A 65 -5.94 -4.83 0.84
CA SER A 65 -6.01 -5.14 2.29
C SER A 65 -6.94 -4.24 3.10
N HIS A 66 -7.60 -4.81 4.10
CA HIS A 66 -8.61 -4.03 4.87
C HIS A 66 -8.39 -3.99 6.42
N PRO A 67 -7.97 -2.87 6.99
CA PRO A 67 -7.90 -2.71 8.46
C PRO A 67 -9.31 -2.28 8.86
N GLU A 68 -9.84 -1.50 7.96
CA GLU A 68 -11.23 -0.99 7.98
C GLU A 68 -11.64 -1.08 6.50
N ALA A 69 -12.83 -1.52 6.26
CA ALA A 69 -13.33 -1.81 4.86
C ALA A 69 -13.55 -0.62 3.91
N GLN A 70 -14.21 0.43 4.28
CA GLN A 70 -14.51 1.54 3.31
C GLN A 70 -13.30 2.33 2.77
N ARG A 71 -12.22 2.54 3.50
CA ARG A 71 -11.14 3.33 2.86
C ARG A 71 -10.68 2.54 1.64
N ILE A 72 -10.71 1.23 1.71
CA ILE A 72 -10.31 0.42 0.51
C ILE A 72 -11.10 0.85 -0.75
N GLY A 73 -12.27 0.29 -0.92
CA GLY A 73 -13.13 0.51 -2.12
C GLY A 73 -13.02 1.93 -2.70
N GLN A 74 -12.42 2.86 -2.03
CA GLN A 74 -12.38 4.24 -2.58
C GLN A 74 -11.30 4.45 -3.69
N PRO A 75 -10.02 4.50 -3.36
CA PRO A 75 -8.92 4.72 -4.35
C PRO A 75 -9.23 4.29 -5.78
N PHE A 76 -9.42 5.25 -6.66
CA PHE A 76 -9.73 5.01 -8.10
C PHE A 76 -9.98 6.41 -8.71
N LYS A 77 -9.35 7.42 -8.13
CA LYS A 77 -9.51 8.84 -8.60
C LYS A 77 -8.57 9.78 -7.81
N GLY A 78 -7.99 9.31 -6.74
CA GLY A 78 -7.03 10.17 -5.99
C GLY A 78 -6.00 10.79 -6.97
N ASP A 79 -5.83 10.19 -8.12
CA ASP A 79 -4.87 10.75 -9.15
C ASP A 79 -3.41 10.62 -8.72
N ASP A 80 -3.12 10.05 -7.58
CA ASP A 80 -1.69 9.90 -7.19
C ASP A 80 -1.18 8.63 -7.88
N ILE A 81 -2.08 7.76 -8.26
CA ILE A 81 -1.67 6.49 -8.93
C ILE A 81 -1.34 6.75 -10.41
N LEU A 82 -1.86 7.80 -10.98
CA LEU A 82 -1.57 8.10 -12.41
C LEU A 82 -0.06 8.00 -12.63
N LYS A 83 0.71 8.43 -11.66
CA LYS A 83 2.17 8.33 -11.80
C LYS A 83 2.56 6.88 -11.61
N ALA A 84 1.90 6.13 -10.75
CA ALA A 84 2.33 4.70 -10.55
C ALA A 84 1.62 3.77 -11.55
N LEU A 85 0.42 4.10 -11.95
CA LEU A 85 -0.37 3.25 -12.91
C LEU A 85 0.52 2.87 -14.10
N ASN A 86 1.51 3.66 -14.39
CA ASN A 86 2.43 3.39 -15.49
C ASN A 86 3.42 2.29 -15.06
N GLY A 87 4.58 2.68 -14.52
CA GLY A 87 5.64 1.79 -14.01
C GLY A 87 6.65 2.60 -13.12
N GLU A 88 6.20 3.50 -12.24
CA GLU A 88 7.19 4.32 -11.43
C GLU A 88 6.64 4.61 -10.01
N GLU A 89 7.53 5.02 -9.14
CA GLU A 89 7.16 5.30 -7.73
C GLU A 89 6.16 6.48 -7.59
N ASN A 90 5.54 6.61 -6.44
CA ASN A 90 4.61 7.74 -6.20
C ASN A 90 4.20 7.76 -4.70
N VAL A 91 4.16 8.92 -4.09
CA VAL A 91 3.80 9.03 -2.63
C VAL A 91 2.72 10.10 -2.45
N ALA A 92 1.72 9.86 -1.62
CA ALA A 92 0.62 10.89 -1.44
C ALA A 92 0.03 10.78 -0.03
N ILE A 93 -0.76 11.75 0.36
CA ILE A 93 -1.41 11.76 1.71
C ILE A 93 -2.89 11.35 1.59
N ASN A 94 -3.34 10.49 2.47
CA ASN A 94 -4.77 10.00 2.45
C ASN A 94 -5.53 10.64 3.61
N ARG A 95 -6.82 10.80 3.48
CA ARG A 95 -7.57 11.43 4.59
C ARG A 95 -9.04 11.04 4.43
N GLY A 96 -9.47 10.03 5.15
CA GLY A 96 -10.89 9.60 5.00
C GLY A 96 -11.39 9.01 6.30
N PHE A 97 -12.25 9.71 6.99
CA PHE A 97 -12.81 9.19 8.26
C PHE A 97 -11.67 8.93 9.27
N LEU A 98 -10.83 7.97 9.00
CA LEU A 98 -9.70 7.65 9.94
C LEU A 98 -8.39 7.53 9.16
N ALA A 99 -8.40 7.86 7.91
CA ALA A 99 -7.17 7.66 7.09
C ALA A 99 -6.14 8.80 7.24
N GLN A 100 -6.35 9.76 8.13
CA GLN A 100 -5.28 10.82 8.34
C GLN A 100 -3.95 10.05 8.51
N ALA A 101 -3.28 9.83 7.42
CA ALA A 101 -2.10 8.92 7.42
C ALA A 101 -1.33 9.05 6.10
N LEU A 102 -0.17 8.42 5.95
CA LEU A 102 0.59 8.55 4.64
C LEU A 102 0.68 7.20 3.93
N ARG A 103 0.91 7.22 2.63
CA ARG A 103 1.05 5.94 1.87
C ARG A 103 2.12 6.07 0.77
N VAL A 104 2.72 4.95 0.44
CA VAL A 104 3.76 4.91 -0.67
C VAL A 104 3.31 3.97 -1.78
N PHE A 105 3.52 4.38 -3.00
CA PHE A 105 3.13 3.55 -4.17
C PHE A 105 4.38 3.07 -4.90
N THR A 106 4.32 1.89 -5.45
CA THR A 106 5.46 1.31 -6.19
C THR A 106 4.88 0.55 -7.40
N PRO A 107 5.65 0.35 -8.44
CA PRO A 107 5.22 -0.38 -9.68
C PRO A 107 5.63 -1.87 -9.72
N ILE A 108 4.89 -2.68 -10.46
CA ILE A 108 5.23 -4.14 -10.55
C ILE A 108 5.57 -4.47 -12.01
N TYR A 109 6.62 -5.25 -12.25
CA TYR A 109 7.05 -5.57 -13.65
C TYR A 109 6.75 -7.01 -14.07
N ASP A 110 6.50 -7.21 -15.33
CA ASP A 110 6.31 -8.61 -15.83
C ASP A 110 7.70 -9.23 -15.91
N GLU A 111 8.40 -9.24 -14.80
CA GLU A 111 9.77 -9.82 -14.69
C GLU A 111 10.67 -9.47 -15.90
N ASN A 112 10.37 -8.43 -16.62
CA ASN A 112 11.24 -8.04 -17.79
C ASN A 112 11.37 -6.51 -17.84
N HIS A 113 11.41 -5.89 -16.71
CA HIS A 113 11.52 -4.41 -16.65
C HIS A 113 10.30 -3.81 -17.32
N LYS A 114 9.43 -4.64 -17.86
CA LYS A 114 8.18 -4.12 -18.47
C LYS A 114 7.24 -3.88 -17.28
N GLN A 115 6.76 -2.70 -17.10
CA GLN A 115 5.89 -2.44 -15.90
C GLN A 115 4.65 -3.36 -15.91
N ILE A 116 3.52 -3.00 -15.27
CA ILE A 116 2.23 -3.79 -15.34
C ILE A 116 1.35 -3.62 -14.09
N GLY A 117 1.78 -2.96 -13.06
CA GLY A 117 0.87 -2.94 -11.86
C GLY A 117 1.38 -2.01 -10.80
N VAL A 118 0.68 -1.88 -9.69
CA VAL A 118 1.14 -0.94 -8.62
C VAL A 118 0.97 -1.51 -7.22
N VAL A 119 1.96 -1.29 -6.38
CA VAL A 119 1.92 -1.76 -4.97
C VAL A 119 1.72 -0.53 -4.08
N ALA A 120 0.75 -0.54 -3.23
CA ALA A 120 0.54 0.63 -2.31
C ALA A 120 0.77 0.12 -0.89
N ILE A 121 1.33 0.93 -0.02
CA ILE A 121 1.58 0.51 1.35
C ILE A 121 1.20 1.69 2.19
N GLY A 122 0.02 1.67 2.75
CA GLY A 122 -0.45 2.85 3.52
C GLY A 122 -0.56 2.58 4.99
N LEU A 123 0.01 3.47 5.71
CA LEU A 123 -0.04 3.40 7.21
C LEU A 123 -1.30 4.15 7.67
N GLU A 124 -2.25 3.42 8.27
CA GLU A 124 -3.57 4.02 8.77
C GLU A 124 -3.33 4.84 10.07
N LEU A 125 -3.83 6.05 10.19
CA LEU A 125 -3.67 6.87 11.47
C LEU A 125 -2.37 6.56 12.24
N SER A 126 -2.03 7.42 13.19
CA SER A 126 -0.78 7.23 14.00
C SER A 126 -0.74 8.24 15.17
N ARG A 127 -1.71 8.17 16.05
CA ARG A 127 -1.81 9.07 17.26
C ARG A 127 -0.76 10.20 17.25
N VAL A 128 0.45 9.96 16.79
CA VAL A 128 1.54 11.00 16.81
C VAL A 128 1.46 11.84 15.56
N THR A 129 0.31 11.89 14.95
CA THR A 129 0.11 12.66 13.71
C THR A 129 -0.09 14.14 13.96
N GLN A 130 -0.79 14.53 14.99
CA GLN A 130 -1.02 15.99 15.20
C GLN A 130 0.26 16.61 15.73
N GLN A 131 0.78 16.09 16.80
CA GLN A 131 2.04 16.63 17.35
C GLN A 131 3.08 16.70 16.23
N ILE A 132 3.54 15.57 15.77
CA ILE A 132 4.59 15.56 14.69
C ILE A 132 4.36 16.60 13.56
N ASN A 133 3.41 16.33 12.71
CA ASN A 133 3.10 17.22 11.57
C ASN A 133 3.05 18.68 11.97
N ASP A 134 2.01 19.11 12.66
CA ASP A 134 1.91 20.55 12.99
C ASP A 134 3.26 21.05 13.54
N SER A 135 3.74 20.49 14.61
CA SER A 135 5.04 20.97 15.16
C SER A 135 6.07 21.08 14.01
N ARG A 136 6.53 19.97 13.47
CA ARG A 136 7.51 20.05 12.35
C ARG A 136 6.85 20.71 11.13
N SER A 1 1.75 12.81 10.05
CA SER A 1 2.03 12.02 8.81
C SER A 1 3.51 12.19 8.45
N ASP A 2 4.21 12.99 9.19
CA ASP A 2 5.65 13.21 8.91
C ASP A 2 6.47 11.93 9.15
N MET A 3 6.49 11.50 10.39
CA MET A 3 7.35 10.37 10.79
C MET A 3 7.26 9.23 9.78
N THR A 4 6.05 8.72 9.56
CA THR A 4 5.82 7.63 8.63
C THR A 4 6.44 8.01 7.27
N ARG A 5 6.36 9.26 6.91
CA ARG A 5 6.92 9.68 5.60
C ARG A 5 8.28 9.01 5.32
N ASP A 6 9.17 9.11 6.27
CA ASP A 6 10.59 8.59 6.17
C ASP A 6 10.74 7.09 6.41
N GLY A 7 10.34 6.62 7.55
CA GLY A 7 10.54 5.18 7.88
C GLY A 7 9.46 4.34 7.21
N LEU A 8 8.20 4.71 7.24
CA LEU A 8 7.21 3.89 6.50
C LEU A 8 7.72 3.81 5.07
N ALA A 9 8.13 4.94 4.50
CA ALA A 9 8.67 4.90 3.13
C ALA A 9 9.67 3.74 3.04
N ASN A 10 10.70 3.73 3.85
CA ASN A 10 11.74 2.66 3.85
C ASN A 10 11.34 1.40 4.65
N LYS A 11 11.24 1.51 5.97
CA LYS A 11 10.90 0.36 6.86
C LYS A 11 9.71 -0.43 6.33
N ALA A 12 8.80 0.17 5.60
CA ALA A 12 7.62 -0.59 5.08
C ALA A 12 7.95 -1.10 3.69
N LEU A 13 8.72 -0.38 2.96
CA LEU A 13 9.13 -0.89 1.64
C LEU A 13 9.78 -2.27 1.79
N ALA A 14 10.58 -2.47 2.80
CA ALA A 14 11.29 -3.77 2.97
C ALA A 14 10.45 -4.92 3.57
N VAL A 15 9.74 -4.75 4.64
CA VAL A 15 8.98 -5.95 5.12
C VAL A 15 7.96 -6.20 4.07
N ALA A 16 7.52 -5.17 3.48
CA ALA A 16 6.58 -5.36 2.37
C ALA A 16 7.35 -6.21 1.36
N ARG A 17 8.66 -6.13 1.37
CA ARG A 17 9.41 -7.06 0.46
C ARG A 17 8.83 -8.47 0.72
N THR A 18 8.27 -8.70 1.91
CA THR A 18 7.65 -10.00 2.14
C THR A 18 6.34 -10.02 1.35
N LEU A 19 5.63 -8.91 1.35
CA LEU A 19 4.39 -8.80 0.54
C LEU A 19 4.69 -9.29 -0.86
N ALA A 20 5.81 -8.88 -1.28
CA ALA A 20 6.27 -9.17 -2.63
C ALA A 20 6.97 -10.50 -2.77
N ASP A 21 7.24 -11.29 -1.73
CA ASP A 21 8.10 -12.51 -1.99
C ASP A 21 7.35 -13.82 -2.16
N SER A 22 6.20 -14.01 -1.60
CA SER A 22 5.57 -15.34 -1.80
C SER A 22 5.33 -15.59 -3.32
N PRO A 23 4.46 -16.51 -3.65
CA PRO A 23 4.06 -16.82 -5.05
C PRO A 23 2.58 -16.49 -5.35
N GLU A 24 1.77 -16.52 -4.33
CA GLU A 24 0.33 -16.25 -4.58
C GLU A 24 0.23 -14.89 -5.25
N ILE A 25 1.15 -14.04 -4.92
CA ILE A 25 1.19 -12.66 -5.46
C ILE A 25 0.93 -12.66 -6.97
N ARG A 26 1.97 -12.93 -7.72
CA ARG A 26 1.83 -12.96 -9.20
C ARG A 26 0.61 -13.80 -9.59
N GLN A 27 0.39 -14.87 -8.90
CA GLN A 27 -0.78 -15.74 -9.23
C GLN A 27 -2.07 -15.14 -8.69
N GLY A 28 -1.99 -14.15 -7.82
CA GLY A 28 -3.21 -13.55 -7.26
C GLY A 28 -3.45 -12.32 -8.07
N LEU A 29 -2.56 -12.12 -8.98
CA LEU A 29 -2.72 -11.07 -9.96
C LEU A 29 -3.48 -11.75 -11.08
N GLN A 30 -3.37 -13.05 -11.15
CA GLN A 30 -4.09 -13.75 -12.22
C GLN A 30 -5.58 -13.50 -11.99
N LYS A 31 -5.98 -12.76 -10.93
CA LYS A 31 -7.42 -12.40 -10.74
C LYS A 31 -7.46 -10.90 -10.32
N LYS A 32 -8.33 -10.56 -9.40
CA LYS A 32 -8.46 -9.16 -8.89
C LYS A 32 -8.43 -9.16 -7.32
N PRO A 33 -8.05 -8.04 -6.69
CA PRO A 33 -7.93 -7.84 -5.19
C PRO A 33 -8.87 -8.62 -4.26
N GLN A 34 -9.87 -9.28 -4.74
CA GLN A 34 -10.77 -10.01 -3.77
C GLN A 34 -10.33 -11.50 -3.70
N GLU A 35 -9.51 -11.95 -4.62
CA GLU A 35 -9.08 -13.40 -4.63
C GLU A 35 -7.55 -13.57 -4.39
N SER A 36 -6.79 -12.52 -4.21
CA SER A 36 -5.33 -12.76 -3.95
C SER A 36 -5.17 -13.24 -2.49
N GLY A 37 -4.04 -13.06 -1.89
CA GLY A 37 -3.86 -13.50 -0.47
C GLY A 37 -2.69 -12.75 0.17
N ILE A 38 -2.29 -11.68 -0.44
CA ILE A 38 -1.15 -10.87 0.03
C ILE A 38 -1.29 -10.56 1.54
N GLN A 39 -2.50 -10.61 2.02
CA GLN A 39 -2.76 -10.34 3.46
C GLN A 39 -1.87 -11.25 4.36
N ALA A 40 -1.17 -12.19 3.78
CA ALA A 40 -0.34 -13.16 4.58
C ALA A 40 1.12 -12.71 4.72
N ILE A 41 1.76 -12.44 3.63
CA ILE A 41 3.13 -11.96 3.67
C ILE A 41 3.02 -10.52 4.14
N ALA A 42 1.95 -9.87 3.73
CA ALA A 42 1.74 -8.49 4.22
C ALA A 42 1.69 -8.61 5.73
N GLU A 43 0.94 -9.58 6.17
CA GLU A 43 0.85 -9.87 7.61
C GLU A 43 2.24 -9.95 8.16
N ALA A 44 3.29 -10.19 7.41
CA ALA A 44 4.58 -10.15 8.11
C ALA A 44 4.77 -8.68 8.45
N VAL A 45 4.54 -7.87 7.48
CA VAL A 45 4.76 -6.44 7.75
C VAL A 45 3.94 -5.99 8.99
N ARG A 46 2.63 -5.91 8.83
CA ARG A 46 1.68 -5.48 9.91
C ARG A 46 1.91 -6.21 11.25
N LYS A 47 1.62 -7.50 11.33
CA LYS A 47 1.80 -8.26 12.63
C LYS A 47 3.02 -7.71 13.36
N ARG A 48 4.05 -7.36 12.67
CA ARG A 48 5.23 -6.77 13.35
C ARG A 48 5.08 -5.24 13.53
N ASN A 49 4.25 -4.53 12.76
CA ASN A 49 4.14 -3.05 13.01
C ASN A 49 2.90 -2.81 13.87
N ASP A 50 2.04 -3.79 13.91
CA ASP A 50 0.73 -3.73 14.63
C ASP A 50 -0.27 -2.83 13.88
N LEU A 51 -0.16 -2.62 12.56
CA LEU A 51 -1.21 -1.79 11.84
C LEU A 51 -0.72 -1.59 10.37
N LEU A 52 -1.65 -1.38 9.42
CA LEU A 52 -1.20 -1.17 7.96
C LEU A 52 -2.34 -1.53 6.96
N PHE A 53 -2.26 -1.13 5.70
CA PHE A 53 -3.16 -1.65 4.68
C PHE A 53 -2.19 -1.72 3.51
N ILE A 54 -1.53 -2.85 3.39
CA ILE A 54 -0.48 -3.02 2.34
C ILE A 54 -1.15 -3.63 1.11
N VAL A 55 -0.92 -3.02 0.01
CA VAL A 55 -1.62 -3.42 -1.24
C VAL A 55 -0.72 -3.90 -2.40
N VAL A 56 -1.14 -5.04 -2.91
CA VAL A 56 -0.61 -5.62 -4.17
C VAL A 56 -1.94 -5.73 -4.88
N THR A 57 -2.10 -5.18 -6.04
CA THR A 57 -3.44 -5.24 -6.70
C THR A 57 -3.24 -5.56 -8.13
N ASP A 58 -4.28 -5.97 -8.82
CA ASP A 58 -4.11 -6.09 -10.26
C ASP A 58 -4.23 -4.65 -10.68
N MET A 59 -4.23 -4.36 -11.92
CA MET A 59 -4.36 -2.94 -12.23
C MET A 59 -5.81 -2.60 -11.81
N GLN A 60 -6.10 -2.59 -10.48
CA GLN A 60 -7.45 -2.29 -9.98
C GLN A 60 -7.31 -1.35 -8.76
N SER A 61 -6.47 -1.70 -7.75
CA SER A 61 -6.29 -0.91 -6.51
C SER A 61 -7.25 -1.48 -5.49
N LEU A 62 -6.82 -1.62 -4.26
CA LEU A 62 -7.67 -2.14 -3.18
C LEU A 62 -6.64 -2.65 -2.18
N ARG A 63 -6.92 -2.41 -0.96
CA ARG A 63 -5.99 -2.82 0.11
C ARG A 63 -6.31 -4.24 0.47
N TYR A 64 -5.60 -5.15 -0.09
CA TYR A 64 -5.93 -6.56 0.19
C TYR A 64 -5.89 -6.75 1.68
N SER A 65 -5.21 -5.81 2.28
CA SER A 65 -4.96 -5.85 3.74
C SER A 65 -5.66 -4.72 4.50
N HIS A 66 -6.11 -4.96 5.73
CA HIS A 66 -6.88 -3.88 6.39
C HIS A 66 -6.89 -3.90 7.94
N PRO A 67 -6.74 -2.74 8.58
CA PRO A 67 -6.92 -2.63 10.04
C PRO A 67 -8.40 -2.33 10.23
N GLU A 68 -8.93 -1.65 9.24
CA GLU A 68 -10.37 -1.30 9.14
C GLU A 68 -10.79 -1.78 7.75
N ALA A 69 -11.78 -2.59 7.67
CA ALA A 69 -12.23 -3.15 6.37
C ALA A 69 -12.61 -2.07 5.32
N GLN A 70 -13.32 -1.03 5.67
CA GLN A 70 -13.75 0.00 4.64
C GLN A 70 -12.62 0.85 4.01
N ARG A 71 -11.51 1.12 4.69
CA ARG A 71 -10.45 1.97 4.02
C ARG A 71 -10.13 1.25 2.71
N ILE A 72 -10.29 -0.05 2.72
CA ILE A 72 -10.00 -0.87 1.48
C ILE A 72 -10.94 -0.51 0.31
N GLY A 73 -12.09 -1.15 0.24
CA GLY A 73 -13.03 -0.95 -0.91
C GLY A 73 -13.00 0.48 -1.47
N GLN A 74 -12.41 1.44 -0.81
CA GLN A 74 -12.43 2.81 -1.38
C GLN A 74 -11.49 2.90 -2.63
N PRO A 75 -10.17 2.90 -2.46
CA PRO A 75 -9.19 2.96 -3.59
C PRO A 75 -9.78 2.57 -4.96
N PHE A 76 -9.34 3.27 -6.00
CA PHE A 76 -9.79 3.04 -7.42
C PHE A 76 -9.94 4.41 -8.11
N LYS A 77 -9.27 5.42 -7.57
CA LYS A 77 -9.32 6.79 -8.22
C LYS A 77 -8.42 7.76 -7.44
N GLY A 78 -7.83 7.34 -6.37
CA GLY A 78 -6.86 8.25 -5.67
C GLY A 78 -5.89 8.81 -6.73
N ASP A 79 -5.78 8.12 -7.84
CA ASP A 79 -4.91 8.57 -8.99
C ASP A 79 -3.41 8.40 -8.70
N ASP A 80 -3.00 8.02 -7.54
CA ASP A 80 -1.54 7.86 -7.31
C ASP A 80 -1.06 6.59 -7.97
N ILE A 81 -1.95 5.67 -8.23
CA ILE A 81 -1.51 4.39 -8.85
C ILE A 81 -1.19 4.61 -10.31
N LEU A 82 -1.74 5.62 -10.92
CA LEU A 82 -1.43 5.92 -12.34
C LEU A 82 0.09 5.97 -12.50
N LYS A 83 0.78 6.28 -11.44
CA LYS A 83 2.27 6.41 -11.49
C LYS A 83 2.96 5.05 -11.26
N ALA A 84 2.47 4.21 -10.37
CA ALA A 84 3.16 2.91 -10.14
C ALA A 84 2.74 1.97 -11.26
N LEU A 85 1.47 1.94 -11.51
CA LEU A 85 0.93 1.11 -12.60
C LEU A 85 1.91 1.19 -13.77
N ASN A 86 2.40 2.39 -13.99
CA ASN A 86 3.33 2.70 -15.12
C ASN A 86 4.80 2.78 -14.70
N GLY A 87 5.18 2.36 -13.53
CA GLY A 87 6.61 2.48 -13.14
C GLY A 87 6.84 3.92 -12.60
N GLU A 88 6.82 4.02 -11.28
CA GLU A 88 7.14 5.33 -10.60
C GLU A 88 6.85 5.28 -9.09
N GLU A 89 7.49 6.15 -8.37
CA GLU A 89 7.27 6.23 -6.88
C GLU A 89 6.33 7.41 -6.57
N ASN A 90 5.48 7.28 -5.59
CA ASN A 90 4.57 8.43 -5.24
C ASN A 90 4.05 8.25 -3.80
N VAL A 91 3.87 9.33 -3.05
CA VAL A 91 3.36 9.20 -1.65
C VAL A 91 2.33 10.30 -1.35
N ALA A 92 1.22 9.91 -0.78
CA ALA A 92 0.11 10.86 -0.48
C ALA A 92 -0.65 10.42 0.78
N ILE A 93 -1.51 11.27 1.28
CA ILE A 93 -2.30 10.97 2.51
C ILE A 93 -3.73 10.45 2.17
N ASN A 94 -4.21 9.45 2.90
CA ASN A 94 -5.56 8.84 2.63
C ASN A 94 -6.48 9.04 3.84
N ARG A 95 -7.75 9.14 3.58
CA ARG A 95 -8.74 9.35 4.66
C ARG A 95 -10.08 8.78 4.21
N GLY A 96 -10.54 7.74 4.85
CA GLY A 96 -11.85 7.14 4.44
C GLY A 96 -12.55 6.51 5.64
N PHE A 97 -13.66 7.07 6.05
CA PHE A 97 -14.42 6.53 7.21
C PHE A 97 -13.46 6.05 8.30
N LEU A 98 -12.33 6.70 8.44
CA LEU A 98 -11.35 6.27 9.48
C LEU A 98 -10.48 7.46 9.93
N ALA A 99 -9.32 7.66 9.37
CA ALA A 99 -8.45 8.80 9.84
C ALA A 99 -7.21 9.00 8.95
N GLN A 100 -6.69 10.21 8.93
CA GLN A 100 -5.48 10.52 8.08
C GLN A 100 -4.34 9.53 8.34
N ALA A 101 -3.62 9.23 7.29
CA ALA A 101 -2.48 8.25 7.32
C ALA A 101 -1.63 8.50 6.07
N LEU A 102 -0.34 8.12 6.01
CA LEU A 102 0.43 8.37 4.74
C LEU A 102 0.69 7.05 4.03
N ARG A 103 0.98 7.08 2.74
CA ARG A 103 1.24 5.79 2.04
C ARG A 103 2.17 6.01 0.84
N VAL A 104 2.95 5.00 0.54
CA VAL A 104 3.90 5.08 -0.64
C VAL A 104 3.37 4.22 -1.77
N PHE A 105 3.80 4.52 -2.95
CA PHE A 105 3.36 3.78 -4.15
C PHE A 105 4.56 3.24 -4.90
N THR A 106 4.49 2.00 -5.33
CA THR A 106 5.59 1.37 -6.08
C THR A 106 4.92 0.47 -7.15
N PRO A 107 5.62 0.10 -8.17
CA PRO A 107 5.05 -0.69 -9.31
C PRO A 107 5.47 -2.16 -9.40
N ILE A 108 4.74 -2.94 -10.17
CA ILE A 108 5.11 -4.38 -10.34
C ILE A 108 5.41 -4.62 -11.80
N TYR A 109 6.56 -5.15 -12.11
CA TYR A 109 6.87 -5.39 -13.54
C TYR A 109 6.74 -6.86 -13.88
N ASP A 110 6.50 -7.13 -15.12
CA ASP A 110 6.36 -8.55 -15.53
C ASP A 110 7.62 -9.29 -15.04
N GLU A 111 8.65 -9.26 -15.81
CA GLU A 111 9.91 -9.96 -15.41
C GLU A 111 10.97 -9.53 -16.38
N ASN A 112 10.87 -8.32 -16.77
CA ASN A 112 11.80 -7.76 -17.77
C ASN A 112 11.98 -6.29 -17.44
N HIS A 113 11.67 -5.90 -16.22
CA HIS A 113 11.73 -4.47 -15.81
C HIS A 113 10.68 -3.73 -16.64
N LYS A 114 9.52 -4.35 -16.76
CA LYS A 114 8.36 -3.75 -17.54
C LYS A 114 7.15 -3.64 -16.59
N GLN A 115 6.67 -2.44 -16.37
CA GLN A 115 5.53 -2.17 -15.42
C GLN A 115 4.15 -2.79 -15.78
N ILE A 116 3.59 -3.61 -14.91
CA ILE A 116 2.25 -4.24 -15.20
C ILE A 116 1.32 -4.31 -13.96
N GLY A 117 1.63 -3.63 -12.91
CA GLY A 117 0.78 -3.78 -11.66
C GLY A 117 1.06 -2.68 -10.63
N VAL A 118 0.36 -2.68 -9.47
CA VAL A 118 0.60 -1.57 -8.45
C VAL A 118 0.99 -2.11 -7.07
N VAL A 119 2.02 -1.53 -6.45
CA VAL A 119 2.40 -1.94 -5.05
C VAL A 119 2.39 -0.69 -4.15
N ALA A 120 1.40 -0.59 -3.31
CA ALA A 120 1.29 0.56 -2.35
C ALA A 120 1.50 0.03 -0.94
N ILE A 121 1.88 0.88 0.00
CA ILE A 121 2.16 0.44 1.37
C ILE A 121 1.65 1.57 2.24
N GLY A 122 0.49 1.43 2.82
CA GLY A 122 -0.08 2.56 3.59
C GLY A 122 -0.21 2.25 5.07
N LEU A 123 0.34 3.14 5.83
CA LEU A 123 0.29 3.05 7.33
C LEU A 123 -0.92 3.84 7.85
N GLU A 124 -1.78 3.19 8.63
CA GLU A 124 -3.03 3.85 9.21
C GLU A 124 -2.63 4.79 10.37
N LEU A 125 -3.14 6.00 10.46
CA LEU A 125 -2.77 6.89 11.60
C LEU A 125 -3.88 7.91 11.84
N SER A 126 -3.63 8.91 12.63
CA SER A 126 -4.67 9.93 12.89
C SER A 126 -4.05 11.17 13.56
N ARG A 127 -4.61 11.54 14.68
CA ARG A 127 -4.09 12.73 15.45
C ARG A 127 -2.64 13.10 15.02
N VAL A 128 -2.51 13.65 13.84
CA VAL A 128 -1.14 14.05 13.33
C VAL A 128 -1.28 14.98 12.10
N THR A 129 -2.41 15.04 11.48
CA THR A 129 -2.58 15.87 10.26
C THR A 129 -2.54 17.38 10.54
N GLN A 130 -3.22 17.88 11.54
CA GLN A 130 -3.22 19.36 11.76
C GLN A 130 -1.87 19.82 12.33
N GLN A 131 -1.45 19.23 13.41
CA GLN A 131 -0.16 19.68 13.99
C GLN A 131 0.91 19.66 12.90
N ILE A 132 1.29 18.50 12.48
CA ILE A 132 2.33 18.37 11.43
C ILE A 132 2.11 19.40 10.30
N ASN A 133 1.18 19.09 9.43
CA ASN A 133 0.92 19.97 8.24
C ASN A 133 1.02 21.46 8.60
N ASP A 134 0.03 22.03 9.24
CA ASP A 134 0.10 23.49 9.55
C ASP A 134 1.47 23.84 10.15
N SER A 135 1.83 23.29 11.27
CA SER A 135 3.15 23.65 11.86
C SER A 135 4.24 23.39 10.82
N ARG A 136 4.49 22.16 10.51
CA ARG A 136 5.54 21.85 9.50
C ARG A 136 5.27 22.62 8.21
N SER A 1 1.74 11.63 9.38
CA SER A 1 1.71 11.37 7.92
C SER A 1 3.11 11.57 7.35
N ASP A 2 3.82 12.55 7.83
CA ASP A 2 5.19 12.79 7.33
C ASP A 2 6.06 11.58 7.68
N MET A 3 6.22 11.40 8.98
CA MET A 3 7.10 10.36 9.56
C MET A 3 7.12 9.12 8.67
N THR A 4 5.94 8.56 8.50
CA THR A 4 5.77 7.35 7.71
C THR A 4 6.27 7.63 6.28
N ARG A 5 6.12 8.83 5.81
CA ARG A 5 6.62 9.16 4.43
C ARG A 5 7.93 8.45 4.11
N ASP A 6 8.88 8.61 4.99
CA ASP A 6 10.27 8.05 4.81
C ASP A 6 10.45 6.60 5.24
N GLY A 7 10.14 6.29 6.46
CA GLY A 7 10.36 4.90 6.94
C GLY A 7 9.26 4.01 6.41
N LEU A 8 8.02 4.42 6.42
CA LEU A 8 6.98 3.54 5.81
C LEU A 8 7.45 3.25 4.38
N ALA A 9 7.89 4.26 3.65
CA ALA A 9 8.38 3.99 2.27
C ALA A 9 9.34 2.81 2.30
N ASN A 10 10.40 2.88 3.07
CA ASN A 10 11.42 1.80 3.19
C ASN A 10 10.98 0.63 4.08
N LYS A 11 10.63 0.93 5.31
CA LYS A 11 10.28 -0.14 6.29
C LYS A 11 9.00 -0.86 5.92
N ALA A 12 8.09 -0.29 5.12
CA ALA A 12 6.83 -1.02 4.79
C ALA A 12 6.95 -1.69 3.45
N LEU A 13 7.64 -1.10 2.54
CA LEU A 13 7.82 -1.77 1.24
C LEU A 13 8.66 -3.04 1.46
N ALA A 14 9.61 -3.03 2.37
CA ALA A 14 10.51 -4.21 2.61
C ALA A 14 9.90 -5.36 3.46
N VAL A 15 9.23 -5.10 4.56
CA VAL A 15 8.70 -6.29 5.33
C VAL A 15 7.54 -6.82 4.51
N ALA A 16 6.88 -5.94 3.90
CA ALA A 16 5.77 -6.34 3.02
C ALA A 16 6.40 -7.21 1.95
N ARG A 17 7.62 -6.92 1.60
CA ARG A 17 8.28 -7.74 0.59
C ARG A 17 8.59 -9.13 1.15
N THR A 18 8.59 -9.41 2.46
CA THR A 18 8.94 -10.82 2.81
C THR A 18 7.86 -11.65 2.22
N LEU A 19 6.68 -11.21 2.43
CA LEU A 19 5.53 -11.96 1.93
C LEU A 19 5.21 -11.48 0.50
N ALA A 20 5.33 -10.21 0.17
CA ALA A 20 5.08 -9.83 -1.27
C ALA A 20 6.09 -10.65 -2.10
N ASP A 21 7.10 -11.09 -1.46
CA ASP A 21 8.12 -11.95 -2.17
C ASP A 21 7.66 -13.42 -2.19
N SER A 22 6.58 -13.76 -1.57
CA SER A 22 6.13 -15.20 -1.58
C SER A 22 5.52 -15.59 -2.96
N PRO A 23 4.67 -16.60 -3.04
CA PRO A 23 4.01 -17.02 -4.32
C PRO A 23 2.51 -16.68 -4.41
N GLU A 24 1.89 -16.46 -3.30
CA GLU A 24 0.44 -16.09 -3.37
C GLU A 24 0.36 -14.77 -4.12
N ILE A 25 1.33 -13.96 -3.89
CA ILE A 25 1.43 -12.60 -4.52
C ILE A 25 1.19 -12.63 -6.05
N ARG A 26 2.22 -12.83 -6.83
CA ARG A 26 2.06 -12.85 -8.32
C ARG A 26 0.85 -13.69 -8.62
N GLN A 27 0.61 -14.65 -7.79
CA GLN A 27 -0.57 -15.51 -8.00
C GLN A 27 -1.85 -14.85 -7.55
N GLY A 28 -1.81 -13.82 -6.73
CA GLY A 28 -3.10 -13.15 -6.31
C GLY A 28 -3.35 -12.24 -7.44
N LEU A 29 -2.30 -11.63 -7.90
CA LEU A 29 -2.42 -10.74 -9.07
C LEU A 29 -3.21 -11.50 -10.12
N GLN A 30 -2.99 -12.79 -10.17
CA GLN A 30 -3.76 -13.65 -11.11
C GLN A 30 -5.15 -13.90 -10.51
N LYS A 31 -5.49 -13.27 -9.38
CA LYS A 31 -6.82 -13.49 -8.73
C LYS A 31 -7.41 -12.17 -8.20
N LYS A 32 -7.18 -11.07 -8.88
CA LYS A 32 -7.70 -9.68 -8.50
C LYS A 32 -8.02 -9.49 -6.98
N PRO A 33 -7.96 -8.24 -6.50
CA PRO A 33 -8.22 -7.87 -5.06
C PRO A 33 -9.05 -8.87 -4.32
N GLN A 34 -10.26 -9.07 -4.72
CA GLN A 34 -11.06 -10.02 -3.95
C GLN A 34 -10.28 -11.36 -3.89
N GLU A 35 -10.31 -11.98 -2.77
CA GLU A 35 -9.65 -13.32 -2.65
C GLU A 35 -8.11 -13.28 -2.92
N SER A 36 -7.49 -12.14 -2.95
CA SER A 36 -5.99 -12.11 -3.23
C SER A 36 -5.22 -12.24 -1.92
N GLY A 37 -5.07 -13.45 -1.48
CA GLY A 37 -4.44 -13.66 -0.14
C GLY A 37 -3.15 -12.80 0.15
N ILE A 38 -2.74 -11.79 -0.61
CA ILE A 38 -1.49 -11.08 -0.23
C ILE A 38 -1.50 -10.69 1.25
N GLN A 39 -2.66 -10.81 1.87
CA GLN A 39 -2.81 -10.51 3.35
C GLN A 39 -1.55 -10.98 4.08
N ALA A 40 -0.79 -11.86 3.46
CA ALA A 40 0.52 -12.20 4.03
C ALA A 40 1.18 -10.82 3.91
N ILE A 41 1.83 -10.41 2.81
CA ILE A 41 2.43 -8.99 2.77
C ILE A 41 1.79 -8.14 3.90
N ALA A 42 0.49 -7.99 3.96
CA ALA A 42 -0.11 -7.22 5.09
C ALA A 42 0.39 -7.77 6.41
N GLU A 43 0.12 -9.04 6.60
CA GLU A 43 0.53 -9.74 7.83
C GLU A 43 1.93 -9.38 8.25
N ALA A 44 2.99 -9.54 7.48
CA ALA A 44 4.26 -9.13 8.11
C ALA A 44 4.24 -7.63 8.37
N VAL A 45 4.08 -6.79 7.35
CA VAL A 45 4.19 -5.34 7.72
C VAL A 45 3.32 -5.02 8.96
N ARG A 46 2.00 -5.22 8.93
CA ARG A 46 1.14 -4.89 10.10
C ARG A 46 1.69 -5.53 11.39
N LYS A 47 2.19 -6.76 11.32
CA LYS A 47 2.78 -7.38 12.58
C LYS A 47 3.42 -6.23 13.37
N ARG A 48 4.14 -5.38 12.66
CA ARG A 48 4.61 -4.06 13.25
C ARG A 48 3.49 -3.57 14.19
N ASN A 49 2.25 -3.44 13.78
CA ASN A 49 1.21 -3.04 14.80
C ASN A 49 -0.12 -3.81 14.58
N ASP A 50 -0.80 -3.57 13.49
CA ASP A 50 -2.07 -4.35 13.18
C ASP A 50 -2.93 -3.55 12.16
N LEU A 51 -2.51 -2.34 11.89
CA LEU A 51 -3.29 -1.51 10.91
C LEU A 51 -2.47 -1.30 9.63
N LEU A 52 -3.18 -1.05 8.54
CA LEU A 52 -2.51 -0.87 7.18
C LEU A 52 -3.55 -1.15 6.06
N PHE A 53 -3.36 -0.72 4.79
CA PHE A 53 -4.23 -1.18 3.73
C PHE A 53 -3.17 -1.39 2.66
N ILE A 54 -2.50 -2.52 2.65
CA ILE A 54 -1.38 -2.72 1.67
C ILE A 54 -1.84 -3.64 0.58
N VAL A 55 -1.19 -3.48 -0.49
CA VAL A 55 -1.60 -4.15 -1.69
C VAL A 55 -0.46 -4.44 -2.64
N VAL A 56 -0.55 -5.62 -3.18
CA VAL A 56 0.32 -6.02 -4.29
C VAL A 56 -0.77 -5.90 -5.33
N THR A 57 -0.59 -5.25 -6.43
CA THR A 57 -1.77 -5.09 -7.35
C THR A 57 -1.49 -5.67 -8.69
N ASP A 58 -2.55 -6.08 -9.30
CA ASP A 58 -2.51 -6.44 -10.69
C ASP A 58 -3.01 -5.12 -11.26
N MET A 59 -3.42 -5.11 -12.46
CA MET A 59 -3.89 -3.79 -12.97
C MET A 59 -5.39 -3.60 -12.67
N GLN A 60 -5.75 -3.26 -11.45
CA GLN A 60 -7.16 -3.06 -11.03
C GLN A 60 -7.19 -2.05 -9.90
N SER A 61 -6.13 -1.97 -9.09
CA SER A 61 -6.07 -1.09 -7.95
C SER A 61 -7.18 -1.46 -7.03
N LEU A 62 -6.90 -1.48 -5.76
CA LEU A 62 -7.88 -1.78 -4.72
C LEU A 62 -6.98 -2.31 -3.62
N ARG A 63 -7.28 -1.98 -2.43
CA ARG A 63 -6.45 -2.52 -1.34
C ARG A 63 -6.71 -4.01 -1.43
N TYR A 64 -5.70 -4.77 -1.26
CA TYR A 64 -5.88 -6.25 -1.27
C TYR A 64 -5.97 -6.63 0.18
N SER A 65 -5.84 -5.64 1.04
CA SER A 65 -5.83 -5.93 2.50
C SER A 65 -6.81 -5.07 3.26
N HIS A 66 -7.39 -5.58 4.34
CA HIS A 66 -8.47 -4.81 5.01
C HIS A 66 -8.52 -4.86 6.56
N PRO A 67 -8.11 -3.81 7.25
CA PRO A 67 -8.27 -3.69 8.71
C PRO A 67 -9.60 -2.95 8.94
N GLU A 68 -9.77 -1.88 8.19
CA GLU A 68 -11.03 -1.07 8.19
C GLU A 68 -11.69 -1.39 6.85
N ALA A 69 -12.91 -1.73 6.85
CA ALA A 69 -13.58 -2.15 5.61
C ALA A 69 -13.59 -1.12 4.45
N GLN A 70 -14.14 0.06 4.66
CA GLN A 70 -14.29 1.08 3.54
C GLN A 70 -13.04 1.81 2.99
N ARG A 71 -11.97 2.07 3.71
CA ARG A 71 -10.88 2.81 3.01
C ARG A 71 -10.47 1.95 1.79
N ILE A 72 -10.60 0.65 1.94
CA ILE A 72 -10.24 -0.24 0.78
C ILE A 72 -11.01 0.19 -0.48
N GLY A 73 -12.17 -0.37 -0.65
CA GLY A 73 -13.05 -0.11 -1.83
C GLY A 73 -12.85 1.28 -2.50
N GLN A 74 -12.10 2.21 -1.92
CA GLN A 74 -12.00 3.56 -2.57
C GLN A 74 -11.06 3.60 -3.82
N PRO A 75 -9.76 3.49 -3.67
CA PRO A 75 -8.77 3.56 -4.77
C PRO A 75 -9.35 3.31 -6.18
N PHE A 76 -9.67 4.39 -6.89
CA PHE A 76 -10.23 4.32 -8.27
C PHE A 76 -10.59 5.78 -8.69
N LYS A 77 -10.17 6.76 -7.91
CA LYS A 77 -10.48 8.22 -8.19
C LYS A 77 -9.53 9.12 -7.35
N GLY A 78 -9.07 8.63 -6.23
CA GLY A 78 -8.11 9.43 -5.36
C GLY A 78 -7.05 10.18 -6.20
N ASP A 79 -6.89 9.84 -7.46
CA ASP A 79 -5.87 10.54 -8.33
C ASP A 79 -4.42 10.30 -7.87
N ASP A 80 -4.15 9.06 -7.55
CA ASP A 80 -2.73 8.76 -7.08
C ASP A 80 -2.18 7.59 -7.87
N ILE A 81 -3.01 6.73 -8.34
CA ILE A 81 -2.47 5.55 -9.08
C ILE A 81 -2.12 5.95 -10.52
N LEU A 82 -2.60 7.06 -11.00
CA LEU A 82 -2.30 7.45 -12.40
C LEU A 82 -0.80 7.43 -12.64
N LYS A 83 -0.03 7.95 -11.74
CA LYS A 83 1.44 7.98 -11.93
C LYS A 83 2.01 6.58 -11.73
N ALA A 84 1.42 5.76 -10.89
CA ALA A 84 2.02 4.40 -10.67
C ALA A 84 1.53 3.44 -11.77
N LEU A 85 0.46 3.80 -12.41
CA LEU A 85 -0.11 2.95 -13.48
C LEU A 85 0.96 2.69 -14.56
N ASN A 86 1.99 3.49 -14.57
CA ASN A 86 3.07 3.34 -15.53
C ASN A 86 4.00 2.21 -15.03
N GLY A 87 5.15 2.60 -14.53
CA GLY A 87 6.15 1.70 -13.93
C GLY A 87 7.04 2.54 -12.94
N GLU A 88 6.48 3.44 -12.13
CA GLU A 88 7.34 4.28 -11.23
C GLU A 88 6.61 4.60 -9.90
N GLU A 89 7.36 4.99 -8.89
CA GLU A 89 6.76 5.31 -7.55
C GLU A 89 6.00 6.66 -7.56
N ASN A 90 5.18 6.87 -6.52
CA ASN A 90 4.40 8.12 -6.37
C ASN A 90 3.90 8.13 -4.92
N VAL A 91 3.69 9.27 -4.31
CA VAL A 91 3.22 9.26 -2.86
C VAL A 91 2.05 10.26 -2.66
N ALA A 92 0.97 9.83 -2.02
CA ALA A 92 -0.22 10.74 -1.80
C ALA A 92 -0.88 10.50 -0.41
N ILE A 93 -1.63 11.47 0.04
CA ILE A 93 -2.32 11.42 1.39
C ILE A 93 -3.84 11.07 1.25
N ASN A 94 -4.35 10.28 2.18
CA ASN A 94 -5.81 9.87 2.20
C ASN A 94 -6.46 10.36 3.48
N ARG A 95 -7.77 10.42 3.48
CA ARG A 95 -8.47 10.92 4.69
C ARG A 95 -9.95 10.52 4.60
N GLY A 96 -10.38 9.60 5.41
CA GLY A 96 -11.82 9.19 5.33
C GLY A 96 -12.23 8.43 6.59
N PHE A 97 -13.13 9.00 7.36
CA PHE A 97 -13.59 8.31 8.60
C PHE A 97 -12.40 8.07 9.53
N LEU A 98 -11.54 7.13 9.20
CA LEU A 98 -10.36 6.86 10.06
C LEU A 98 -9.66 8.17 10.42
N ALA A 99 -8.87 8.70 9.51
CA ALA A 99 -8.11 9.96 9.82
C ALA A 99 -6.95 10.14 8.82
N GLN A 100 -6.45 11.35 8.69
CA GLN A 100 -5.28 11.60 7.77
C GLN A 100 -4.25 10.47 7.95
N ALA A 101 -3.74 9.95 6.87
CA ALA A 101 -2.75 8.84 6.91
C ALA A 101 -1.97 8.90 5.60
N LEU A 102 -0.74 8.41 5.51
CA LEU A 102 -0.01 8.50 4.21
C LEU A 102 0.14 7.13 3.56
N ARG A 103 0.24 7.10 2.24
CA ARG A 103 0.48 5.81 1.53
C ARG A 103 1.59 6.03 0.49
N VAL A 104 2.28 4.97 0.14
CA VAL A 104 3.36 5.06 -0.92
C VAL A 104 2.97 4.18 -2.08
N PHE A 105 3.48 4.47 -3.25
CA PHE A 105 3.14 3.66 -4.45
C PHE A 105 4.42 3.17 -5.09
N THR A 106 4.42 1.95 -5.51
CA THR A 106 5.60 1.35 -6.17
C THR A 106 5.05 0.46 -7.31
N PRO A 107 5.74 0.35 -8.41
CA PRO A 107 5.31 -0.48 -9.60
C PRO A 107 5.84 -1.93 -9.61
N ILE A 108 5.13 -2.81 -10.28
CA ILE A 108 5.58 -4.23 -10.36
C ILE A 108 5.87 -4.62 -11.80
N TYR A 109 7.00 -5.26 -12.04
CA TYR A 109 7.41 -5.63 -13.40
C TYR A 109 7.18 -7.09 -13.75
N ASP A 110 6.82 -7.38 -14.96
CA ASP A 110 6.68 -8.80 -15.37
C ASP A 110 8.09 -9.41 -15.41
N GLU A 111 8.83 -9.23 -14.36
CA GLU A 111 10.23 -9.77 -14.25
C GLU A 111 11.01 -9.60 -15.58
N ASN A 112 10.64 -8.65 -16.38
CA ASN A 112 11.38 -8.37 -17.64
C ASN A 112 11.49 -6.85 -17.79
N HIS A 113 11.54 -6.16 -16.69
CA HIS A 113 11.63 -4.67 -16.74
C HIS A 113 10.39 -4.10 -17.41
N LYS A 114 9.44 -4.94 -17.77
CA LYS A 114 8.18 -4.42 -18.38
C LYS A 114 7.19 -4.23 -17.20
N GLN A 115 6.66 -3.05 -17.07
CA GLN A 115 5.76 -2.71 -15.92
C GLN A 115 4.35 -3.32 -15.99
N ILE A 116 3.91 -3.97 -14.92
CA ILE A 116 2.54 -4.60 -14.96
C ILE A 116 1.73 -4.42 -13.67
N GLY A 117 2.09 -3.54 -12.77
CA GLY A 117 1.26 -3.52 -11.52
C GLY A 117 1.63 -2.38 -10.60
N VAL A 118 0.90 -2.22 -9.51
CA VAL A 118 1.21 -1.11 -8.54
C VAL A 118 1.13 -1.63 -7.09
N VAL A 119 2.12 -1.30 -6.29
CA VAL A 119 2.12 -1.72 -4.86
C VAL A 119 1.78 -0.48 -4.03
N ALA A 120 0.76 -0.53 -3.25
CA ALA A 120 0.39 0.64 -2.40
C ALA A 120 0.44 0.18 -0.95
N ILE A 121 0.90 1.03 -0.07
CA ILE A 121 1.01 0.66 1.35
C ILE A 121 0.39 1.79 2.12
N GLY A 122 -0.74 1.57 2.73
CA GLY A 122 -1.40 2.69 3.46
C GLY A 122 -1.21 2.58 4.95
N LEU A 123 -0.58 3.56 5.49
CA LEU A 123 -0.36 3.61 6.97
C LEU A 123 -1.51 4.43 7.58
N GLU A 124 -2.36 3.79 8.40
CA GLU A 124 -3.54 4.49 9.03
C GLU A 124 -3.03 5.41 10.18
N LEU A 125 -3.51 6.65 10.27
CA LEU A 125 -3.06 7.59 11.39
C LEU A 125 -1.67 7.23 11.92
N SER A 126 -1.58 6.71 13.13
CA SER A 126 -0.28 6.32 13.81
C SER A 126 0.04 7.32 14.95
N ARG A 127 -0.69 7.12 16.01
CA ARG A 127 -0.59 7.92 17.29
C ARG A 127 0.44 9.07 17.24
N VAL A 128 1.70 8.82 16.89
CA VAL A 128 2.77 9.88 16.95
C VAL A 128 2.76 10.80 15.73
N THR A 129 1.67 10.90 15.09
CA THR A 129 1.55 11.79 13.90
C THR A 129 1.31 13.21 14.30
N GLN A 130 0.56 13.46 15.34
CA GLN A 130 0.29 14.88 15.67
C GLN A 130 1.54 15.51 16.24
N GLN A 131 2.04 14.97 17.33
CA GLN A 131 3.26 15.55 17.92
C GLN A 131 4.35 15.69 16.83
N ILE A 132 4.89 14.61 16.36
CA ILE A 132 5.98 14.68 15.34
C ILE A 132 5.76 15.74 14.24
N ASN A 133 4.82 15.48 13.38
CA ASN A 133 4.52 16.40 12.26
C ASN A 133 4.59 17.87 12.72
N ASP A 134 3.56 18.35 13.37
CA ASP A 134 3.56 19.79 13.78
C ASP A 134 4.83 20.17 14.52
N SER A 135 5.10 19.59 15.68
CA SER A 135 6.32 20.05 16.42
C SER A 135 7.49 20.07 15.42
N ARG A 136 8.00 18.94 15.03
CA ARG A 136 9.12 18.92 14.01
C ARG A 136 8.92 20.05 12.99
N SER A 1 1.09 12.23 9.03
CA SER A 1 1.34 12.03 7.58
C SER A 1 2.83 12.20 7.30
N ASP A 2 3.49 13.02 8.07
CA ASP A 2 4.94 13.22 7.85
C ASP A 2 5.69 11.96 8.29
N MET A 3 5.65 11.65 9.57
CA MET A 3 6.44 10.52 10.09
C MET A 3 6.39 9.32 9.14
N THR A 4 5.18 8.87 8.83
CA THR A 4 5.02 7.72 7.96
C THR A 4 5.66 8.04 6.58
N ARG A 5 5.61 9.28 6.17
CA ARG A 5 6.24 9.66 4.86
C ARG A 5 7.59 8.98 4.64
N ASP A 6 8.53 9.24 5.52
CA ASP A 6 9.93 8.71 5.41
C ASP A 6 10.05 7.25 5.82
N GLY A 7 9.73 6.93 7.03
CA GLY A 7 9.94 5.53 7.49
C GLY A 7 8.93 4.59 6.85
N LEU A 8 7.64 4.87 6.87
CA LEU A 8 6.71 3.94 6.19
C LEU A 8 7.23 3.69 4.76
N ALA A 9 7.66 4.73 4.05
CA ALA A 9 8.11 4.45 2.67
C ALA A 9 9.18 3.39 2.69
N ASN A 10 10.17 3.49 3.52
CA ASN A 10 11.29 2.52 3.61
C ASN A 10 10.88 1.27 4.38
N LYS A 11 10.69 1.41 5.66
CA LYS A 11 10.30 0.27 6.51
C LYS A 11 9.15 -0.52 5.89
N ALA A 12 7.96 0.02 5.60
CA ALA A 12 6.87 -0.82 5.01
C ALA A 12 7.23 -1.29 3.59
N LEU A 13 7.90 -0.50 2.79
CA LEU A 13 8.27 -1.00 1.43
C LEU A 13 9.03 -2.31 1.58
N ALA A 14 9.93 -2.39 2.50
CA ALA A 14 10.76 -3.63 2.67
C ALA A 14 10.01 -4.80 3.33
N VAL A 15 9.38 -4.63 4.46
CA VAL A 15 8.64 -5.76 5.09
C VAL A 15 7.53 -6.15 4.13
N ALA A 16 6.85 -5.19 3.58
CA ALA A 16 5.80 -5.54 2.60
C ALA A 16 6.46 -6.41 1.54
N ARG A 17 7.73 -6.21 1.35
CA ARG A 17 8.46 -7.01 0.33
C ARG A 17 8.77 -8.43 0.84
N THR A 18 8.79 -8.73 2.13
CA THR A 18 9.14 -10.14 2.48
C THR A 18 8.02 -10.99 1.99
N LEU A 19 6.87 -10.54 2.27
CA LEU A 19 5.67 -11.28 1.94
C LEU A 19 5.16 -10.90 0.55
N ALA A 20 5.33 -9.68 0.09
CA ALA A 20 4.87 -9.38 -1.30
C ALA A 20 5.79 -10.17 -2.25
N ASP A 21 6.87 -10.59 -1.68
CA ASP A 21 7.93 -11.40 -2.42
C ASP A 21 7.68 -12.91 -2.33
N SER A 22 6.75 -13.35 -1.54
CA SER A 22 6.55 -14.83 -1.44
C SER A 22 5.91 -15.38 -2.76
N PRO A 23 5.15 -16.48 -2.75
CA PRO A 23 4.51 -17.04 -3.99
C PRO A 23 2.99 -16.78 -4.11
N GLU A 24 2.33 -16.69 -3.00
CA GLU A 24 0.87 -16.32 -3.02
C GLU A 24 0.83 -14.85 -3.37
N ILE A 25 1.83 -14.38 -4.06
CA ILE A 25 1.89 -13.00 -4.53
C ILE A 25 1.47 -13.06 -6.00
N ARG A 26 2.43 -13.38 -6.82
CA ARG A 26 2.16 -13.47 -8.27
C ARG A 26 0.87 -14.30 -8.47
N GLN A 27 0.61 -15.23 -7.59
CA GLN A 27 -0.63 -16.04 -7.72
C GLN A 27 -1.84 -15.27 -7.19
N GLY A 28 -1.69 -14.25 -6.37
CA GLY A 28 -2.88 -13.51 -5.88
C GLY A 28 -3.06 -12.52 -6.96
N LEU A 29 -1.94 -12.05 -7.43
CA LEU A 29 -1.92 -11.09 -8.50
C LEU A 29 -2.69 -11.74 -9.65
N GLN A 30 -2.55 -13.01 -9.73
CA GLN A 30 -3.29 -13.77 -10.74
C GLN A 30 -4.74 -13.93 -10.24
N LYS A 31 -5.10 -13.39 -9.06
CA LYS A 31 -6.51 -13.54 -8.54
C LYS A 31 -7.11 -12.19 -8.03
N LYS A 32 -6.97 -11.09 -8.78
CA LYS A 32 -7.51 -9.70 -8.41
C LYS A 32 -7.89 -9.50 -6.92
N PRO A 33 -7.90 -8.25 -6.47
CA PRO A 33 -8.25 -7.89 -5.06
C PRO A 33 -9.24 -8.84 -4.41
N GLN A 34 -10.40 -8.98 -4.94
CA GLN A 34 -11.38 -9.87 -4.28
C GLN A 34 -10.75 -11.26 -4.05
N GLU A 35 -10.88 -11.73 -2.83
CA GLU A 35 -10.38 -13.11 -2.50
C GLU A 35 -8.85 -13.24 -2.60
N SER A 36 -8.12 -12.16 -2.69
CA SER A 36 -6.62 -12.27 -2.82
C SER A 36 -6.00 -12.54 -1.44
N GLY A 37 -5.71 -13.80 -1.17
CA GLY A 37 -5.15 -14.14 0.17
C GLY A 37 -4.02 -13.11 0.60
N ILE A 38 -4.36 -11.88 0.84
CA ILE A 38 -3.37 -10.83 1.25
C ILE A 38 -2.93 -11.04 2.70
N GLN A 39 -3.39 -12.03 3.37
CA GLN A 39 -2.97 -12.27 4.76
C GLN A 39 -1.44 -12.30 4.95
N ALA A 40 -0.63 -12.70 3.98
CA ALA A 40 0.84 -12.69 4.18
C ALA A 40 1.15 -11.25 3.92
N ILE A 41 1.38 -10.81 2.71
CA ILE A 41 1.71 -9.35 2.53
C ILE A 41 1.22 -8.62 3.82
N ALA A 42 -0.07 -8.66 4.06
CA ALA A 42 -0.62 -8.09 5.32
C ALA A 42 0.28 -8.50 6.54
N GLU A 43 0.56 -9.79 6.69
CA GLU A 43 1.50 -10.15 7.85
C GLU A 43 2.55 -9.02 7.93
N ALA A 44 3.16 -8.57 6.84
CA ALA A 44 4.04 -7.35 6.91
C ALA A 44 3.26 -6.21 7.65
N VAL A 45 1.99 -6.31 7.75
CA VAL A 45 1.30 -5.23 8.59
C VAL A 45 1.84 -5.28 10.00
N ARG A 46 2.15 -6.50 10.43
CA ARG A 46 2.59 -6.77 11.84
C ARG A 46 4.08 -6.58 12.06
N LYS A 47 4.90 -7.13 11.23
CA LYS A 47 6.36 -6.98 11.46
C LYS A 47 6.71 -5.51 11.42
N ARG A 48 6.07 -4.80 10.57
CA ARG A 48 6.21 -3.35 10.55
C ARG A 48 5.73 -2.84 11.91
N ASN A 49 4.47 -2.87 12.21
CA ASN A 49 3.99 -2.41 13.56
C ASN A 49 2.58 -2.95 13.89
N ASP A 50 1.71 -3.23 12.91
CA ASP A 50 0.30 -3.79 13.12
C ASP A 50 -0.69 -3.13 12.15
N LEU A 51 -0.35 -1.92 11.80
CA LEU A 51 -1.30 -1.15 10.88
C LEU A 51 -0.65 -0.67 9.56
N LEU A 52 -1.51 -0.55 8.56
CA LEU A 52 -1.10 -0.07 7.17
C LEU A 52 -2.09 -0.79 6.20
N PHE A 53 -2.35 -0.43 4.94
CA PHE A 53 -3.16 -1.37 4.13
C PHE A 53 -2.09 -1.92 3.20
N ILE A 54 -1.49 -3.05 3.51
CA ILE A 54 -0.39 -3.57 2.64
C ILE A 54 -1.07 -4.46 1.61
N VAL A 55 -0.90 -4.02 0.43
CA VAL A 55 -1.56 -4.60 -0.74
C VAL A 55 -0.63 -4.75 -1.92
N VAL A 56 -0.81 -5.86 -2.57
CA VAL A 56 -0.10 -6.16 -3.82
C VAL A 56 -1.23 -5.96 -4.81
N THR A 57 -1.01 -5.40 -5.95
CA THR A 57 -2.16 -5.14 -6.87
C THR A 57 -1.84 -5.62 -8.25
N ASP A 58 -2.85 -5.96 -8.98
CA ASP A 58 -2.66 -6.21 -10.39
C ASP A 58 -2.80 -4.80 -10.93
N MET A 59 -2.83 -4.59 -12.20
CA MET A 59 -2.91 -3.18 -12.59
C MET A 59 -4.37 -2.69 -12.48
N GLN A 60 -4.87 -2.42 -11.27
CA GLN A 60 -6.27 -1.98 -11.08
C GLN A 60 -6.41 -1.03 -9.88
N SER A 61 -5.72 -1.29 -8.78
CA SER A 61 -5.79 -0.46 -7.53
C SER A 61 -6.88 -0.98 -6.65
N LEU A 62 -6.63 -1.10 -5.36
CA LEU A 62 -7.66 -1.55 -4.41
C LEU A 62 -6.85 -2.08 -3.22
N ARG A 63 -7.10 -1.50 -2.07
CA ARG A 63 -6.36 -1.97 -0.87
C ARG A 63 -6.81 -3.41 -0.67
N TYR A 64 -5.95 -4.30 -1.05
CA TYR A 64 -6.27 -5.74 -0.90
C TYR A 64 -6.56 -5.89 0.60
N SER A 65 -5.92 -5.02 1.36
CA SER A 65 -6.03 -5.02 2.84
C SER A 65 -6.53 -3.66 3.38
N HIS A 66 -6.96 -3.61 4.64
CA HIS A 66 -7.53 -2.33 5.18
C HIS A 66 -7.97 -2.52 6.65
N PRO A 67 -8.16 -1.44 7.40
CA PRO A 67 -8.72 -1.52 8.77
C PRO A 67 -10.24 -1.46 8.63
N GLU A 68 -10.71 -0.55 7.79
CA GLU A 68 -12.16 -0.47 7.47
C GLU A 68 -12.28 -0.96 6.02
N ALA A 69 -13.24 -1.78 5.79
CA ALA A 69 -13.39 -2.34 4.42
C ALA A 69 -13.84 -1.28 3.41
N GLN A 70 -14.50 -0.22 3.79
CA GLN A 70 -14.95 0.82 2.81
C GLN A 70 -13.80 1.60 2.11
N ARG A 71 -12.69 1.92 2.76
CA ARG A 71 -11.61 2.69 2.06
C ARG A 71 -11.06 1.81 0.95
N ILE A 72 -11.08 0.50 1.12
CA ILE A 72 -10.55 -0.39 0.03
C ILE A 72 -10.97 0.11 -1.37
N GLY A 73 -12.14 -0.29 -1.77
CA GLY A 73 -12.71 0.03 -3.11
C GLY A 73 -12.53 1.48 -3.53
N GLN A 74 -12.13 2.37 -2.67
CA GLN A 74 -12.03 3.78 -3.10
C GLN A 74 -10.97 3.97 -4.22
N PRO A 75 -9.69 3.83 -3.93
CA PRO A 75 -8.58 4.02 -4.91
C PRO A 75 -8.88 3.57 -6.36
N PHE A 76 -9.07 4.53 -7.27
CA PHE A 76 -9.35 4.24 -8.70
C PHE A 76 -9.67 5.60 -9.36
N LYS A 77 -9.09 6.66 -8.81
CA LYS A 77 -9.32 8.04 -9.33
C LYS A 77 -8.42 9.00 -8.51
N GLY A 78 -7.81 8.50 -7.48
CA GLY A 78 -6.89 9.34 -6.65
C GLY A 78 -5.90 10.08 -7.57
N ASP A 79 -5.73 9.62 -8.80
CA ASP A 79 -4.77 10.29 -9.76
C ASP A 79 -3.33 10.07 -9.28
N ASP A 80 -3.16 9.32 -8.22
CA ASP A 80 -1.79 9.05 -7.73
C ASP A 80 -1.24 7.78 -8.40
N ILE A 81 -2.11 6.91 -8.84
CA ILE A 81 -1.63 5.63 -9.46
C ILE A 81 -1.34 5.76 -10.97
N LEU A 82 -1.96 6.68 -11.65
CA LEU A 82 -1.71 6.89 -13.13
C LEU A 82 -0.21 6.67 -13.45
N LYS A 83 0.66 7.31 -12.74
CA LYS A 83 2.13 7.12 -13.01
C LYS A 83 2.55 5.72 -12.58
N ALA A 84 1.90 5.14 -11.57
CA ALA A 84 2.32 3.78 -11.09
C ALA A 84 1.54 2.70 -11.87
N LEU A 85 0.29 2.97 -12.22
CA LEU A 85 -0.57 2.00 -12.99
C LEU A 85 0.31 1.27 -14.01
N ASN A 86 1.24 1.98 -14.58
CA ASN A 86 2.18 1.41 -15.52
C ASN A 86 3.18 0.59 -14.70
N GLY A 87 4.31 1.15 -14.26
CA GLY A 87 5.26 0.42 -13.39
C GLY A 87 6.32 1.41 -12.81
N GLU A 88 5.89 2.46 -12.10
CA GLU A 88 6.86 3.46 -11.50
C GLU A 88 6.35 3.87 -10.09
N GLU A 89 7.24 4.33 -9.26
CA GLU A 89 6.85 4.73 -7.87
C GLU A 89 5.96 5.99 -7.86
N ASN A 90 5.20 6.22 -6.79
CA ASN A 90 4.35 7.44 -6.69
C ASN A 90 3.88 7.60 -5.22
N VAL A 91 3.80 8.81 -4.69
CA VAL A 91 3.37 8.98 -3.24
C VAL A 91 2.29 10.08 -3.12
N ALA A 92 1.20 9.80 -2.42
CA ALA A 92 0.06 10.79 -2.28
C ALA A 92 -0.71 10.56 -0.95
N ILE A 93 -1.49 11.53 -0.52
CA ILE A 93 -2.27 11.42 0.76
C ILE A 93 -3.73 10.97 0.49
N ASN A 94 -4.19 9.94 1.18
CA ASN A 94 -5.60 9.45 1.07
C ASN A 94 -6.39 10.07 2.21
N ARG A 95 -7.67 10.25 2.05
CA ARG A 95 -8.49 10.89 3.13
C ARG A 95 -9.73 10.04 3.31
N GLY A 96 -10.39 10.08 4.43
CA GLY A 96 -11.61 9.27 4.65
C GLY A 96 -12.31 9.79 5.90
N PHE A 97 -13.56 9.48 6.08
CA PHE A 97 -14.30 9.97 7.27
C PHE A 97 -13.44 9.80 8.53
N LEU A 98 -12.49 8.90 8.52
CA LEU A 98 -11.64 8.73 9.74
C LEU A 98 -10.68 9.92 9.83
N ALA A 99 -9.59 9.91 9.10
CA ALA A 99 -8.61 11.04 9.19
C ALA A 99 -7.50 10.93 8.15
N GLN A 100 -6.87 12.03 7.87
CA GLN A 100 -5.77 12.05 6.85
C GLN A 100 -4.85 10.85 7.06
N ALA A 101 -4.36 10.28 5.99
CA ALA A 101 -3.48 9.08 6.06
C ALA A 101 -2.48 9.16 4.91
N LEU A 102 -1.26 8.62 4.99
CA LEU A 102 -0.35 8.70 3.80
C LEU A 102 -0.21 7.30 3.16
N ARG A 103 0.05 7.23 1.86
CA ARG A 103 0.22 5.90 1.21
C ARG A 103 1.32 5.95 0.14
N VAL A 104 2.18 4.96 0.13
CA VAL A 104 3.28 4.88 -0.89
C VAL A 104 2.95 3.84 -1.93
N PHE A 105 3.19 4.19 -3.16
CA PHE A 105 2.90 3.29 -4.31
C PHE A 105 4.21 2.78 -4.90
N THR A 106 4.23 1.53 -5.28
CA THR A 106 5.45 0.91 -5.86
C THR A 106 5.00 0.03 -7.04
N PRO A 107 5.83 -0.15 -8.03
CA PRO A 107 5.50 -0.97 -9.26
C PRO A 107 5.90 -2.46 -9.23
N ILE A 108 5.14 -3.31 -9.94
CA ILE A 108 5.44 -4.78 -9.98
C ILE A 108 5.79 -5.15 -11.43
N TYR A 109 6.93 -5.77 -11.65
CA TYR A 109 7.37 -6.13 -13.03
C TYR A 109 7.00 -7.57 -13.35
N ASP A 110 6.60 -7.85 -14.57
CA ASP A 110 6.27 -9.27 -14.89
C ASP A 110 7.48 -10.16 -14.55
N GLU A 111 8.59 -9.60 -14.10
CA GLU A 111 9.85 -10.37 -13.76
C GLU A 111 10.79 -10.25 -14.96
N ASN A 112 10.39 -9.47 -15.91
CA ASN A 112 11.21 -9.23 -17.13
C ASN A 112 11.34 -7.72 -17.37
N HIS A 113 11.44 -6.96 -16.31
CA HIS A 113 11.56 -5.48 -16.42
C HIS A 113 10.30 -4.94 -17.10
N LYS A 114 9.39 -5.81 -17.51
CA LYS A 114 8.14 -5.30 -18.16
C LYS A 114 7.18 -4.87 -17.03
N GLN A 115 6.70 -3.67 -17.09
CA GLN A 115 5.83 -3.11 -15.99
C GLN A 115 4.38 -3.67 -15.96
N ILE A 116 3.89 -4.21 -14.85
CA ILE A 116 2.48 -4.76 -14.87
C ILE A 116 1.64 -4.57 -13.59
N GLY A 117 2.07 -3.85 -12.61
CA GLY A 117 1.20 -3.80 -11.37
C GLY A 117 1.68 -2.76 -10.39
N VAL A 118 0.94 -2.50 -9.31
CA VAL A 118 1.37 -1.47 -8.31
C VAL A 118 1.15 -1.97 -6.88
N VAL A 119 2.10 -1.69 -6.02
CA VAL A 119 1.99 -2.09 -4.59
C VAL A 119 1.62 -0.84 -3.79
N ALA A 120 0.59 -0.91 -3.00
CA ALA A 120 0.16 0.28 -2.19
C ALA A 120 0.35 -0.04 -0.70
N ILE A 121 0.50 0.96 0.13
CA ILE A 121 0.70 0.70 1.57
C ILE A 121 0.14 1.92 2.26
N GLY A 122 -1.10 1.89 2.71
CA GLY A 122 -1.70 3.12 3.30
C GLY A 122 -1.80 3.07 4.81
N LEU A 123 -1.41 4.15 5.41
CA LEU A 123 -1.45 4.30 6.91
C LEU A 123 -2.70 5.12 7.30
N GLU A 124 -3.66 4.50 7.97
CA GLU A 124 -4.93 5.23 8.40
C GLU A 124 -4.56 6.45 9.27
N LEU A 125 -3.70 6.19 10.22
CA LEU A 125 -3.32 7.30 11.17
C LEU A 125 -2.05 6.98 11.96
N SER A 126 -1.65 7.91 12.80
CA SER A 126 -0.44 7.71 13.64
C SER A 126 -0.47 8.75 14.79
N ARG A 127 -1.51 8.68 15.58
CA ARG A 127 -1.73 9.60 16.77
C ARG A 127 -0.83 10.84 16.73
N VAL A 128 0.46 10.70 16.81
CA VAL A 128 1.43 11.82 16.77
C VAL A 128 1.44 12.44 15.37
N THR A 129 0.32 12.43 14.72
CA THR A 129 0.19 13.04 13.35
C THR A 129 -0.04 14.54 13.45
N GLN A 130 -0.68 15.03 14.48
CA GLN A 130 -0.92 16.50 14.56
C GLN A 130 0.37 17.18 15.00
N GLN A 131 0.86 16.77 16.14
CA GLN A 131 2.12 17.35 16.68
C GLN A 131 3.16 17.27 15.55
N ILE A 132 3.57 16.09 15.19
CA ILE A 132 4.59 15.94 14.10
C ILE A 132 4.29 16.80 12.83
N ASN A 133 3.27 16.44 12.07
CA ASN A 133 2.94 17.16 10.80
C ASN A 133 3.20 18.68 10.89
N ASP A 134 2.32 19.43 11.51
CA ASP A 134 2.54 20.91 11.57
C ASP A 134 3.95 21.25 12.07
N SER A 135 4.32 20.83 13.25
CA SER A 135 5.67 21.20 13.74
C SER A 135 6.72 20.78 12.70
N ARG A 136 6.90 19.51 12.51
CA ARG A 136 7.90 19.05 11.51
C ARG A 136 7.39 19.35 10.09
N SER A 1 2.48 10.99 9.01
CA SER A 1 3.78 11.67 9.28
C SER A 1 4.69 11.53 8.06
N ASP A 2 5.52 12.50 7.81
CA ASP A 2 6.40 12.42 6.61
C ASP A 2 7.29 11.20 6.74
N MET A 3 7.92 11.13 7.88
CA MET A 3 8.86 10.02 8.12
C MET A 3 8.06 8.72 7.99
N THR A 4 6.77 8.62 8.25
CA THR A 4 6.09 7.36 7.99
C THR A 4 6.27 7.14 6.47
N ARG A 5 6.20 8.18 5.66
CA ARG A 5 6.40 7.90 4.19
C ARG A 5 7.74 7.15 3.98
N ASP A 6 8.85 7.66 4.50
CA ASP A 6 10.24 7.08 4.28
C ASP A 6 10.46 5.68 4.85
N GLY A 7 10.40 5.56 6.16
CA GLY A 7 10.63 4.26 6.83
C GLY A 7 9.54 3.30 6.45
N LEU A 8 8.29 3.66 6.60
CA LEU A 8 7.24 2.71 6.19
C LEU A 8 7.56 2.26 4.76
N ALA A 9 8.03 3.16 3.93
CA ALA A 9 8.40 2.67 2.57
C ALA A 9 9.43 1.55 2.71
N ASN A 10 10.61 1.81 3.22
CA ASN A 10 11.67 0.78 3.46
C ASN A 10 11.17 -0.40 4.32
N LYS A 11 10.83 -0.15 5.57
CA LYS A 11 10.37 -1.23 6.50
C LYS A 11 9.02 -1.82 6.08
N ALA A 12 8.19 -1.16 5.27
CA ALA A 12 6.87 -1.78 4.90
C ALA A 12 7.00 -2.46 3.56
N LEU A 13 7.76 -1.90 2.68
CA LEU A 13 8.00 -2.56 1.37
C LEU A 13 8.76 -3.88 1.61
N ALA A 14 9.60 -3.93 2.59
CA ALA A 14 10.38 -5.18 2.86
C ALA A 14 9.54 -6.28 3.55
N VAL A 15 8.73 -5.98 4.53
CA VAL A 15 7.95 -7.09 5.15
C VAL A 15 6.87 -7.51 4.16
N ALA A 16 6.40 -6.57 3.42
CA ALA A 16 5.45 -6.94 2.35
C ALA A 16 6.22 -7.93 1.48
N ARG A 17 7.52 -7.82 1.53
CA ARG A 17 8.29 -8.78 0.72
C ARG A 17 8.22 -10.17 1.36
N THR A 18 7.93 -10.37 2.65
CA THR A 18 7.97 -11.80 3.10
C THR A 18 6.82 -12.52 2.48
N LEU A 19 5.66 -12.02 2.66
CA LEU A 19 4.49 -12.72 2.10
C LEU A 19 4.35 -12.45 0.61
N ALA A 20 4.50 -11.23 0.15
CA ALA A 20 4.41 -11.01 -1.33
C ALA A 20 5.41 -11.92 -1.97
N ASP A 21 6.30 -12.38 -1.18
CA ASP A 21 7.35 -13.34 -1.69
C ASP A 21 6.83 -14.77 -1.60
N SER A 22 5.75 -14.99 -0.93
CA SER A 22 5.24 -16.40 -0.84
C SER A 22 4.64 -16.80 -2.21
N PRO A 23 3.77 -17.77 -2.24
CA PRO A 23 3.06 -18.20 -3.47
C PRO A 23 1.56 -17.84 -3.50
N GLU A 24 1.01 -17.50 -2.36
CA GLU A 24 -0.44 -17.12 -2.30
C GLU A 24 -0.63 -15.73 -2.87
N ILE A 25 0.23 -14.80 -2.58
CA ILE A 25 -0.02 -13.43 -3.08
C ILE A 25 -0.17 -13.44 -4.61
N ARG A 26 0.94 -13.55 -5.29
CA ARG A 26 0.89 -13.57 -6.79
C ARG A 26 -0.23 -14.50 -7.25
N GLN A 27 -0.44 -15.58 -6.56
CA GLN A 27 -1.53 -16.50 -6.96
C GLN A 27 -2.92 -15.98 -6.55
N GLY A 28 -3.01 -15.00 -5.68
CA GLY A 28 -4.36 -14.47 -5.27
C GLY A 28 -4.56 -13.30 -6.18
N LEU A 29 -3.53 -12.51 -6.24
CA LEU A 29 -3.51 -11.35 -7.13
C LEU A 29 -3.94 -11.84 -8.50
N GLN A 30 -3.75 -13.12 -8.68
CA GLN A 30 -4.14 -13.78 -9.93
C GLN A 30 -5.63 -13.42 -10.26
N LYS A 31 -6.35 -12.78 -9.33
CA LYS A 31 -7.81 -12.48 -9.61
C LYS A 31 -8.32 -11.17 -8.89
N LYS A 32 -8.18 -9.98 -9.41
CA LYS A 32 -8.68 -8.70 -8.73
C LYS A 32 -8.84 -8.78 -7.15
N PRO A 33 -8.96 -7.63 -6.48
CA PRO A 33 -9.14 -7.53 -4.99
C PRO A 33 -9.93 -8.65 -4.37
N GLN A 34 -11.20 -8.72 -4.65
CA GLN A 34 -12.05 -9.72 -4.01
C GLN A 34 -11.27 -11.06 -3.79
N GLU A 35 -11.41 -11.57 -2.62
CA GLU A 35 -10.77 -12.90 -2.31
C GLU A 35 -9.23 -12.85 -2.42
N SER A 36 -8.61 -11.70 -2.37
CA SER A 36 -7.11 -11.64 -2.46
C SER A 36 -6.51 -11.73 -1.07
N GLY A 37 -6.37 -12.94 -0.58
CA GLY A 37 -5.84 -13.14 0.82
C GLY A 37 -4.70 -12.15 1.21
N ILE A 38 -4.89 -10.88 1.05
CA ILE A 38 -3.87 -9.85 1.42
C ILE A 38 -3.67 -9.92 2.93
N GLN A 39 -4.37 -10.77 3.60
CA GLN A 39 -4.20 -10.89 5.05
C GLN A 39 -2.73 -11.26 5.43
N ALA A 40 -1.89 -11.85 4.56
CA ALA A 40 -0.51 -12.27 4.95
C ALA A 40 0.50 -11.13 4.82
N ILE A 41 0.81 -10.56 3.65
CA ILE A 41 1.67 -9.34 3.65
C ILE A 41 1.10 -8.40 4.71
N ALA A 42 -0.20 -8.35 4.90
CA ALA A 42 -0.73 -7.52 6.01
C ALA A 42 -0.23 -8.13 7.30
N GLU A 43 -0.40 -9.42 7.40
CA GLU A 43 0.02 -10.17 8.61
C GLU A 43 1.42 -9.81 9.04
N ALA A 44 2.48 -9.93 8.24
CA ALA A 44 3.78 -9.56 8.84
C ALA A 44 3.89 -8.06 8.82
N VAL A 45 3.54 -7.46 7.72
CA VAL A 45 3.67 -5.99 7.70
C VAL A 45 2.88 -5.38 8.90
N ARG A 46 1.57 -5.33 8.78
CA ARG A 46 0.66 -4.81 9.84
C ARG A 46 1.21 -5.14 11.22
N LYS A 47 1.41 -6.40 11.52
CA LYS A 47 1.97 -6.69 12.89
C LYS A 47 2.89 -5.54 13.28
N ARG A 48 3.79 -5.14 12.42
CA ARG A 48 4.64 -3.95 12.74
C ARG A 48 3.75 -2.71 13.08
N ASN A 49 3.15 -1.95 12.15
CA ASN A 49 2.50 -0.69 12.70
C ASN A 49 1.26 -1.09 13.51
N ASP A 50 0.95 -2.37 13.50
CA ASP A 50 -0.31 -2.84 14.13
C ASP A 50 -1.50 -2.18 13.38
N LEU A 51 -1.43 -2.08 12.05
CA LEU A 51 -2.54 -1.47 11.21
C LEU A 51 -1.84 -1.06 9.87
N LEU A 52 -2.55 -0.76 8.77
CA LEU A 52 -1.84 -0.32 7.45
C LEU A 52 -2.71 -0.77 6.25
N PHE A 53 -2.56 -0.26 4.99
CA PHE A 53 -3.30 -0.89 3.89
C PHE A 53 -2.14 -1.48 3.05
N ILE A 54 -1.65 -2.68 3.32
CA ILE A 54 -0.52 -3.17 2.46
C ILE A 54 -1.19 -3.93 1.35
N VAL A 55 -1.05 -3.37 0.23
CA VAL A 55 -1.73 -3.87 -0.96
C VAL A 55 -0.76 -4.24 -2.06
N VAL A 56 -1.05 -5.39 -2.64
CA VAL A 56 -0.34 -5.83 -3.86
C VAL A 56 -1.50 -5.73 -4.86
N THR A 57 -1.34 -5.08 -5.97
CA THR A 57 -2.53 -4.92 -6.89
C THR A 57 -2.24 -5.58 -8.20
N ASP A 58 -3.26 -5.96 -8.88
CA ASP A 58 -3.08 -6.43 -10.25
C ASP A 58 -3.04 -5.07 -10.92
N MET A 59 -2.96 -4.97 -12.18
CA MET A 59 -2.89 -3.56 -12.68
C MET A 59 -4.28 -2.97 -12.42
N GLN A 60 -4.61 -2.62 -11.16
CA GLN A 60 -5.92 -2.04 -10.82
C GLN A 60 -5.68 -0.88 -9.83
N SER A 61 -4.95 -1.07 -8.72
CA SER A 61 -4.74 0.03 -7.74
C SER A 61 -5.92 -0.03 -6.86
N LEU A 62 -5.77 0.05 -5.57
CA LEU A 62 -6.92 0.04 -4.67
C LEU A 62 -6.40 -0.63 -3.44
N ARG A 63 -6.86 -0.26 -2.34
CA ARG A 63 -6.37 -0.95 -1.13
C ARG A 63 -6.95 -2.35 -1.25
N TYR A 64 -6.15 -3.25 -0.90
CA TYR A 64 -6.54 -4.67 -0.89
C TYR A 64 -6.93 -4.92 0.54
N SER A 65 -6.20 -4.26 1.37
CA SER A 65 -6.35 -4.36 2.83
C SER A 65 -6.83 -3.04 3.45
N HIS A 66 -7.25 -3.07 4.70
CA HIS A 66 -7.79 -1.82 5.30
C HIS A 66 -8.13 -1.97 6.80
N PRO A 67 -8.10 -0.91 7.58
CA PRO A 67 -8.56 -0.93 8.97
C PRO A 67 -10.05 -0.56 8.93
N GLU A 68 -10.36 0.35 8.04
CA GLU A 68 -11.76 0.79 7.81
C GLU A 68 -12.24 0.11 6.54
N ALA A 69 -13.21 -0.74 6.64
CA ALA A 69 -13.70 -1.46 5.43
C ALA A 69 -13.96 -0.50 4.25
N GLN A 70 -14.62 0.59 4.44
CA GLN A 70 -14.93 1.54 3.31
C GLN A 70 -13.70 2.19 2.64
N ARG A 71 -12.61 2.45 3.34
CA ARG A 71 -11.47 3.10 2.63
C ARG A 71 -10.92 2.09 1.60
N ILE A 72 -11.16 0.81 1.79
CA ILE A 72 -10.64 -0.22 0.83
C ILE A 72 -10.63 0.24 -0.65
N GLY A 73 -11.69 -0.03 -1.37
CA GLY A 73 -11.78 0.24 -2.84
C GLY A 73 -12.20 1.64 -3.20
N GLN A 74 -12.63 2.41 -2.25
CA GLN A 74 -13.04 3.79 -2.64
C GLN A 74 -11.83 4.55 -3.25
N PRO A 75 -10.61 4.43 -2.73
CA PRO A 75 -9.42 5.11 -3.31
C PRO A 75 -9.29 4.92 -4.83
N PHE A 76 -9.44 5.99 -5.58
CA PHE A 76 -9.38 5.93 -7.06
C PHE A 76 -9.55 7.38 -7.53
N LYS A 77 -9.12 8.31 -6.71
CA LYS A 77 -9.27 9.76 -7.04
C LYS A 77 -7.97 10.55 -6.82
N GLY A 78 -6.82 10.04 -7.21
CA GLY A 78 -5.55 10.82 -6.96
C GLY A 78 -4.76 10.80 -8.25
N ASP A 79 -4.63 9.63 -8.85
CA ASP A 79 -3.91 9.50 -10.14
C ASP A 79 -2.39 9.58 -9.95
N ASP A 80 -1.86 9.36 -8.76
CA ASP A 80 -0.38 9.43 -8.60
C ASP A 80 0.21 8.07 -9.00
N ILE A 81 -0.61 7.11 -9.34
CA ILE A 81 -0.06 5.78 -9.75
C ILE A 81 0.32 5.78 -11.23
N LEU A 82 -0.26 6.64 -12.03
CA LEU A 82 0.11 6.70 -13.51
C LEU A 82 1.62 6.43 -13.68
N LYS A 83 2.42 7.05 -12.89
CA LYS A 83 3.90 6.83 -12.92
C LYS A 83 4.28 5.54 -12.19
N ALA A 84 3.68 5.22 -11.06
CA ALA A 84 4.12 3.98 -10.34
C ALA A 84 3.43 2.81 -10.96
N LEU A 85 2.23 3.04 -11.45
CA LEU A 85 1.43 2.00 -12.10
C LEU A 85 2.37 1.15 -12.92
N ASN A 86 3.38 1.78 -13.45
CA ASN A 86 4.39 1.06 -14.20
C ASN A 86 5.58 0.85 -13.29
N GLY A 87 6.63 1.58 -13.48
CA GLY A 87 7.87 1.33 -12.66
C GLY A 87 8.50 2.59 -12.03
N GLU A 88 7.79 3.40 -11.26
CA GLU A 88 8.40 4.61 -10.61
C GLU A 88 7.75 4.82 -9.21
N GLU A 89 8.51 5.23 -8.23
CA GLU A 89 7.89 5.48 -6.89
C GLU A 89 6.98 6.72 -6.94
N ASN A 90 6.03 6.83 -6.05
CA ASN A 90 5.15 8.01 -6.02
C ASN A 90 4.54 8.07 -4.62
N VAL A 91 4.36 9.22 -4.06
CA VAL A 91 3.84 9.31 -2.66
C VAL A 91 2.69 10.34 -2.62
N ALA A 92 1.70 10.10 -1.81
CA ALA A 92 0.53 11.03 -1.72
C ALA A 92 -0.22 10.78 -0.40
N ILE A 93 -1.06 11.68 0.00
CA ILE A 93 -1.81 11.54 1.30
C ILE A 93 -3.25 11.03 1.04
N ASN A 94 -3.72 10.14 1.88
CA ASN A 94 -5.10 9.56 1.73
C ASN A 94 -6.03 10.15 2.78
N ARG A 95 -7.23 10.45 2.38
CA ARG A 95 -8.16 11.05 3.36
C ARG A 95 -9.59 11.03 2.79
N GLY A 96 -10.46 10.30 3.41
CA GLY A 96 -11.86 10.24 2.94
C GLY A 96 -12.72 9.71 4.07
N PHE A 97 -13.53 10.53 4.66
CA PHE A 97 -14.36 10.07 5.81
C PHE A 97 -13.43 9.38 6.82
N LEU A 98 -12.15 9.56 6.65
CA LEU A 98 -11.14 8.95 7.58
C LEU A 98 -10.13 10.05 7.91
N ALA A 99 -9.21 9.84 8.83
CA ALA A 99 -8.29 10.95 9.22
C ALA A 99 -7.31 11.33 8.08
N GLN A 100 -6.08 11.65 8.41
CA GLN A 100 -5.07 11.96 7.35
C GLN A 100 -4.09 10.79 7.43
N ALA A 101 -3.50 10.35 6.35
CA ALA A 101 -2.62 9.16 6.42
C ALA A 101 -1.57 9.31 5.33
N LEU A 102 -0.30 8.93 5.48
CA LEU A 102 0.60 9.08 4.30
C LEU A 102 0.76 7.69 3.68
N ARG A 103 0.94 7.61 2.39
CA ARG A 103 1.06 6.27 1.76
C ARG A 103 2.07 6.29 0.60
N VAL A 104 2.70 5.16 0.39
CA VAL A 104 3.73 5.03 -0.69
C VAL A 104 3.27 4.08 -1.81
N PHE A 105 3.63 4.44 -3.02
CA PHE A 105 3.26 3.63 -4.23
C PHE A 105 4.52 2.98 -4.81
N THR A 106 4.40 1.71 -5.14
CA THR A 106 5.54 0.94 -5.69
C THR A 106 5.00 0.10 -6.88
N PRO A 107 5.85 -0.46 -7.71
CA PRO A 107 5.45 -1.25 -8.92
C PRO A 107 5.76 -2.76 -8.83
N ILE A 108 5.03 -3.60 -9.55
CA ILE A 108 5.32 -5.08 -9.52
C ILE A 108 5.70 -5.52 -10.92
N TYR A 109 6.83 -6.19 -11.09
CA TYR A 109 7.26 -6.62 -12.44
C TYR A 109 6.99 -8.10 -12.68
N ASP A 110 6.65 -8.46 -13.88
CA ASP A 110 6.40 -9.91 -14.13
C ASP A 110 7.72 -10.69 -13.97
N GLU A 111 8.75 -10.09 -13.41
CA GLU A 111 10.09 -10.77 -13.22
C GLU A 111 10.92 -10.56 -14.50
N ASN A 112 10.52 -9.64 -15.34
CA ASN A 112 11.28 -9.37 -16.60
C ASN A 112 11.32 -7.87 -16.81
N HIS A 113 11.43 -7.12 -15.75
CA HIS A 113 11.45 -5.64 -15.87
C HIS A 113 10.15 -5.18 -16.55
N LYS A 114 9.25 -6.12 -16.81
CA LYS A 114 7.94 -5.77 -17.42
C LYS A 114 7.01 -5.40 -16.26
N GLN A 115 6.31 -4.30 -16.33
CA GLN A 115 5.41 -3.89 -15.18
C GLN A 115 4.01 -4.53 -15.24
N ILE A 116 3.57 -5.20 -14.16
CA ILE A 116 2.20 -5.84 -14.17
C ILE A 116 1.37 -5.53 -12.93
N GLY A 117 1.83 -4.69 -12.07
CA GLY A 117 1.03 -4.45 -10.83
C GLY A 117 1.59 -3.28 -10.01
N VAL A 118 0.89 -2.90 -8.96
CA VAL A 118 1.35 -1.75 -8.09
C VAL A 118 1.24 -2.13 -6.60
N VAL A 119 2.20 -1.71 -5.80
CA VAL A 119 2.14 -2.00 -4.33
C VAL A 119 1.94 -0.67 -3.57
N ALA A 120 0.86 -0.54 -2.86
CA ALA A 120 0.58 0.72 -2.07
C ALA A 120 0.65 0.38 -0.58
N ILE A 121 0.91 1.33 0.29
CA ILE A 121 1.00 1.00 1.73
C ILE A 121 0.59 2.28 2.45
N GLY A 122 -0.55 2.29 3.08
CA GLY A 122 -1.03 3.55 3.71
C GLY A 122 -1.15 3.46 5.22
N LEU A 123 -0.71 4.50 5.85
CA LEU A 123 -0.78 4.63 7.36
C LEU A 123 -2.05 5.42 7.71
N GLU A 124 -3.09 4.70 8.16
CA GLU A 124 -4.42 5.32 8.56
C GLU A 124 -4.17 6.54 9.47
N LEU A 125 -3.53 6.24 10.58
CA LEU A 125 -3.22 7.33 11.60
C LEU A 125 -3.18 6.74 13.01
N SER A 126 -2.48 7.38 13.90
CA SER A 126 -2.38 6.86 15.30
C SER A 126 -1.85 7.97 16.24
N ARG A 127 -0.94 8.77 15.75
CA ARG A 127 -0.35 9.91 16.53
C ARG A 127 1.09 10.08 16.03
N VAL A 128 1.54 11.30 16.02
CA VAL A 128 2.92 11.67 15.57
C VAL A 128 2.82 12.25 14.17
N THR A 129 1.64 12.26 13.62
CA THR A 129 1.42 12.81 12.25
C THR A 129 1.46 14.33 12.23
N GLN A 130 0.76 14.97 13.14
CA GLN A 130 0.75 16.45 13.15
C GLN A 130 2.06 16.96 13.74
N GLN A 131 2.48 16.40 14.85
CA GLN A 131 3.74 16.89 15.46
C GLN A 131 4.83 16.89 14.38
N ILE A 132 5.31 15.74 14.04
CA ILE A 132 6.36 15.64 12.98
C ILE A 132 6.08 16.56 11.77
N ASN A 133 5.17 16.15 10.92
CA ASN A 133 4.87 16.95 9.70
C ASN A 133 4.85 18.46 9.97
N ASP A 134 3.79 18.97 10.54
CA ASP A 134 3.72 20.45 10.74
C ASP A 134 5.05 20.99 11.30
N SER A 135 5.45 20.55 12.45
CA SER A 135 6.73 21.06 13.02
C SER A 135 7.84 20.94 11.96
N ARG A 136 8.25 19.74 11.65
CA ARG A 136 9.32 19.55 10.65
C ARG A 136 8.91 20.20 9.32
N SER A 1 1.65 9.67 8.33
CA SER A 1 2.59 10.48 9.15
C SER A 1 3.88 10.72 8.39
N ASP A 2 4.65 11.67 8.82
CA ASP A 2 5.94 11.93 8.14
C ASP A 2 6.82 10.71 8.37
N MET A 3 7.00 10.42 9.65
CA MET A 3 7.91 9.33 10.08
C MET A 3 7.86 8.17 9.11
N THR A 4 6.65 7.65 8.92
CA THR A 4 6.42 6.51 8.06
C THR A 4 6.90 6.87 6.65
N ARG A 5 6.71 8.10 6.25
CA ARG A 5 7.17 8.52 4.88
C ARG A 5 8.49 7.82 4.49
N ASP A 6 9.54 8.11 5.23
CA ASP A 6 10.93 7.58 4.96
C ASP A 6 11.11 6.09 5.26
N GLY A 7 10.83 5.66 6.47
CA GLY A 7 11.06 4.22 6.81
C GLY A 7 9.88 3.35 6.35
N LEU A 8 8.66 3.80 6.39
CA LEU A 8 7.57 2.96 5.88
C LEU A 8 7.95 2.55 4.45
N ALA A 9 8.37 3.51 3.66
CA ALA A 9 8.76 3.16 2.27
C ALA A 9 9.73 1.99 2.30
N ASN A 10 10.88 2.15 2.91
CA ASN A 10 11.91 1.08 2.97
C ASN A 10 11.50 -0.11 3.86
N LYS A 11 11.19 0.15 5.10
CA LYS A 11 10.88 -0.97 6.04
C LYS A 11 9.55 -1.66 5.70
N ALA A 12 8.50 -0.96 5.34
CA ALA A 12 7.23 -1.68 5.05
C ALA A 12 7.33 -2.41 3.71
N LEU A 13 8.02 -1.86 2.77
CA LEU A 13 8.21 -2.56 1.48
C LEU A 13 9.04 -3.85 1.64
N ALA A 14 10.07 -3.84 2.43
CA ALA A 14 10.95 -5.06 2.58
C ALA A 14 10.33 -6.21 3.42
N VAL A 15 9.74 -5.95 4.53
CA VAL A 15 9.17 -7.09 5.34
C VAL A 15 7.97 -7.61 4.57
N ALA A 16 7.19 -6.72 4.08
CA ALA A 16 6.05 -7.16 3.27
C ALA A 16 6.62 -7.98 2.12
N ARG A 17 7.86 -7.70 1.76
CA ARG A 17 8.47 -8.47 0.67
C ARG A 17 8.77 -9.88 1.17
N THR A 18 8.77 -10.20 2.46
CA THR A 18 9.04 -11.62 2.75
C THR A 18 7.88 -12.34 2.17
N LEU A 19 6.73 -11.77 2.39
CA LEU A 19 5.50 -12.39 1.86
C LEU A 19 5.24 -11.90 0.41
N ALA A 20 5.42 -10.62 0.09
CA ALA A 20 5.22 -10.18 -1.36
C ALA A 20 6.15 -11.05 -2.22
N ASP A 21 7.10 -11.63 -1.59
CA ASP A 21 8.10 -12.51 -2.34
C ASP A 21 7.57 -13.94 -2.48
N SER A 22 6.67 -14.35 -1.65
CA SER A 22 6.17 -15.76 -1.73
C SER A 22 5.55 -16.08 -3.14
N PRO A 23 4.66 -17.06 -3.26
CA PRO A 23 3.98 -17.45 -4.55
C PRO A 23 2.48 -17.06 -4.65
N GLU A 24 1.79 -17.13 -3.55
CA GLU A 24 0.33 -16.74 -3.59
C GLU A 24 0.20 -15.32 -4.14
N ILE A 25 1.18 -14.50 -3.90
CA ILE A 25 1.18 -13.07 -4.35
C ILE A 25 0.91 -12.97 -5.87
N ARG A 26 1.93 -13.27 -6.64
CA ARG A 26 1.81 -13.18 -8.12
C ARG A 26 0.57 -13.91 -8.54
N GLN A 27 0.25 -14.94 -7.85
CA GLN A 27 -0.97 -15.69 -8.21
C GLN A 27 -2.24 -15.07 -7.62
N GLY A 28 -2.18 -14.22 -6.60
CA GLY A 28 -3.45 -13.62 -6.06
C GLY A 28 -3.63 -12.43 -6.94
N LEU A 29 -2.53 -11.74 -7.10
CA LEU A 29 -2.45 -10.59 -8.02
C LEU A 29 -3.11 -11.06 -9.31
N GLN A 30 -2.84 -12.29 -9.63
CA GLN A 30 -3.48 -12.92 -10.82
C GLN A 30 -4.98 -13.12 -10.53
N LYS A 31 -5.50 -12.62 -9.41
CA LYS A 31 -6.96 -12.85 -9.10
C LYS A 31 -7.67 -11.64 -8.38
N LYS A 32 -7.61 -10.42 -8.91
CA LYS A 32 -8.29 -9.20 -8.32
C LYS A 32 -8.41 -9.16 -6.76
N PRO A 33 -8.40 -7.96 -6.18
CA PRO A 33 -8.49 -7.71 -4.69
C PRO A 33 -9.30 -8.73 -3.83
N GLN A 34 -10.60 -8.73 -3.96
CA GLN A 34 -11.48 -9.59 -3.08
C GLN A 34 -10.99 -11.04 -2.86
N GLU A 35 -10.53 -11.71 -3.88
CA GLU A 35 -10.11 -13.15 -3.72
C GLU A 35 -8.58 -13.23 -3.65
N SER A 36 -7.94 -12.10 -3.54
CA SER A 36 -6.46 -12.09 -3.37
C SER A 36 -6.27 -12.16 -1.87
N GLY A 37 -5.53 -13.07 -1.29
CA GLY A 37 -5.38 -13.14 0.19
C GLY A 37 -4.11 -12.40 0.62
N ILE A 38 -4.22 -11.12 0.53
CA ILE A 38 -3.14 -10.15 0.90
C ILE A 38 -2.86 -10.24 2.41
N GLN A 39 -3.61 -11.03 3.10
CA GLN A 39 -3.37 -11.19 4.56
C GLN A 39 -1.89 -11.49 4.81
N ALA A 40 -1.19 -12.18 3.94
CA ALA A 40 0.24 -12.44 4.19
C ALA A 40 0.88 -11.09 3.99
N ILE A 41 1.48 -10.76 2.83
CA ILE A 41 2.13 -9.39 2.66
C ILE A 41 1.65 -8.41 3.74
N ALA A 42 0.40 -8.31 4.08
CA ALA A 42 0.03 -7.36 5.15
C ALA A 42 0.47 -7.91 6.51
N GLU A 43 0.16 -9.17 6.76
CA GLU A 43 0.56 -9.82 8.04
C GLU A 43 2.05 -9.60 8.31
N ALA A 44 3.03 -9.82 7.44
CA ALA A 44 4.38 -9.52 7.97
C ALA A 44 4.48 -8.02 8.21
N VAL A 45 4.24 -7.22 7.21
CA VAL A 45 4.42 -5.77 7.50
C VAL A 45 3.57 -5.41 8.75
N ARG A 46 2.26 -5.50 8.67
CA ARG A 46 1.38 -5.20 9.85
C ARG A 46 2.05 -5.72 11.14
N LYS A 47 2.57 -6.94 11.14
CA LYS A 47 3.30 -7.40 12.40
C LYS A 47 4.00 -6.15 12.99
N ARG A 48 4.61 -5.36 12.13
CA ARG A 48 5.18 -4.03 12.54
C ARG A 48 4.21 -3.35 13.54
N ASN A 49 2.89 -3.37 13.44
CA ASN A 49 2.14 -2.72 14.57
C ASN A 49 0.70 -3.28 14.68
N ASP A 50 -0.12 -3.09 13.67
CA ASP A 50 -1.53 -3.63 13.74
C ASP A 50 -2.44 -3.00 12.62
N LEU A 51 -2.00 -1.93 11.98
CA LEU A 51 -2.93 -1.27 10.95
C LEU A 51 -2.20 -0.75 9.68
N LEU A 52 -1.59 -1.63 8.95
CA LEU A 52 -0.88 -1.20 7.69
C LEU A 52 -1.46 -1.92 6.45
N PHE A 53 -1.62 -1.35 5.24
CA PHE A 53 -2.11 -2.18 4.12
C PHE A 53 -1.09 -2.20 3.00
N ILE A 54 -0.31 -3.27 2.92
CA ILE A 54 0.64 -3.38 1.78
C ILE A 54 -0.15 -4.22 0.81
N VAL A 55 -0.49 -3.58 -0.20
CA VAL A 55 -1.37 -4.09 -1.24
C VAL A 55 -0.61 -4.29 -2.52
N VAL A 56 -0.65 -5.50 -3.04
CA VAL A 56 -0.01 -5.79 -4.33
C VAL A 56 -1.22 -5.65 -5.22
N THR A 57 -1.11 -4.86 -6.24
CA THR A 57 -2.30 -4.60 -7.10
C THR A 57 -2.01 -5.04 -8.49
N ASP A 58 -3.02 -5.43 -9.18
CA ASP A 58 -2.84 -5.71 -10.60
C ASP A 58 -2.90 -4.33 -11.17
N MET A 59 -2.88 -4.17 -12.43
CA MET A 59 -2.85 -2.77 -12.87
C MET A 59 -4.24 -2.20 -12.67
N GLN A 60 -4.58 -2.01 -11.41
CA GLN A 60 -5.82 -1.43 -10.94
C GLN A 60 -5.42 -1.33 -9.48
N SER A 61 -5.67 -0.26 -8.78
CA SER A 61 -5.19 -0.24 -7.38
C SER A 61 -6.37 -0.38 -6.53
N LEU A 62 -6.15 -0.38 -5.26
CA LEU A 62 -7.22 -0.53 -4.26
C LEU A 62 -6.49 -1.12 -3.08
N ARG A 63 -6.87 -0.76 -1.89
CA ARG A 63 -6.12 -1.31 -0.73
C ARG A 63 -6.58 -2.73 -0.52
N TYR A 64 -5.87 -3.63 -1.13
CA TYR A 64 -6.23 -5.07 -1.03
C TYR A 64 -6.49 -5.35 0.46
N SER A 65 -5.77 -4.60 1.26
CA SER A 65 -5.85 -4.74 2.75
C SER A 65 -6.19 -3.43 3.49
N HIS A 66 -6.46 -3.52 4.78
CA HIS A 66 -6.82 -2.30 5.60
C HIS A 66 -7.26 -2.74 7.01
N PRO A 67 -7.36 -1.81 7.94
CA PRO A 67 -7.87 -2.08 9.30
C PRO A 67 -9.39 -1.90 9.27
N GLU A 68 -9.82 -0.88 8.54
CA GLU A 68 -11.28 -0.61 8.37
C GLU A 68 -11.66 -0.97 6.91
N ALA A 69 -12.10 -2.17 6.78
CA ALA A 69 -12.55 -2.73 5.45
C ALA A 69 -13.14 -1.65 4.53
N GLN A 70 -13.99 -0.80 5.02
CA GLN A 70 -14.62 0.24 4.15
C GLN A 70 -13.61 1.19 3.50
N ARG A 71 -12.51 1.53 4.13
CA ARG A 71 -11.59 2.47 3.48
C ARG A 71 -11.11 1.85 2.16
N ILE A 72 -10.91 0.56 2.14
CA ILE A 72 -10.48 -0.10 0.86
C ILE A 72 -11.30 0.48 -0.32
N GLY A 73 -12.47 -0.05 -0.55
CA GLY A 73 -13.37 0.38 -1.67
C GLY A 73 -13.16 1.85 -2.09
N GLN A 74 -12.53 2.70 -1.30
CA GLN A 74 -12.46 4.14 -1.72
C GLN A 74 -11.39 4.44 -2.83
N PRO A 75 -10.09 4.44 -2.54
CA PRO A 75 -9.02 4.76 -3.56
C PRO A 75 -9.35 4.38 -5.02
N PHE A 76 -9.47 5.38 -5.90
CA PHE A 76 -9.82 5.18 -7.34
C PHE A 76 -10.03 6.62 -7.89
N LYS A 77 -9.40 7.57 -7.26
CA LYS A 77 -9.54 9.02 -7.60
C LYS A 77 -8.31 9.78 -7.13
N GLY A 78 -7.63 9.29 -6.11
CA GLY A 78 -6.44 10.03 -5.57
C GLY A 78 -5.61 10.62 -6.73
N ASP A 79 -5.68 10.03 -7.89
CA ASP A 79 -4.91 10.52 -9.09
C ASP A 79 -3.42 10.50 -8.82
N ASP A 80 -2.99 9.88 -7.75
CA ASP A 80 -1.54 9.78 -7.49
C ASP A 80 -1.02 8.52 -8.19
N ILE A 81 -1.88 7.55 -8.44
CA ILE A 81 -1.43 6.28 -9.06
C ILE A 81 -1.29 6.40 -10.58
N LEU A 82 -1.85 7.40 -11.20
CA LEU A 82 -1.69 7.53 -12.69
C LEU A 82 -0.22 7.39 -13.01
N LYS A 83 0.62 7.85 -12.11
CA LYS A 83 2.06 7.71 -12.31
C LYS A 83 2.48 6.31 -11.94
N ALA A 84 1.81 5.62 -11.00
CA ALA A 84 2.30 4.25 -10.61
C ALA A 84 1.58 3.19 -11.46
N LEU A 85 0.32 3.41 -11.77
CA LEU A 85 -0.49 2.45 -12.59
C LEU A 85 0.39 1.92 -13.73
N ASN A 86 1.31 2.73 -14.18
CA ASN A 86 2.21 2.33 -15.26
C ASN A 86 3.30 1.43 -14.65
N GLY A 87 4.45 1.97 -14.29
CA GLY A 87 5.52 1.18 -13.62
C GLY A 87 6.53 2.11 -12.89
N GLU A 88 6.12 3.25 -12.33
CA GLU A 88 7.07 4.17 -11.58
C GLU A 88 6.55 4.39 -10.15
N GLU A 89 7.42 4.84 -9.27
CA GLU A 89 6.99 5.07 -7.85
C GLU A 89 6.16 6.37 -7.68
N ASN A 90 5.58 6.55 -6.49
CA ASN A 90 4.79 7.78 -6.17
C ASN A 90 4.44 7.76 -4.66
N VAL A 91 4.31 8.91 -4.03
CA VAL A 91 4.00 8.95 -2.56
C VAL A 91 2.85 9.98 -2.31
N ALA A 92 1.83 9.60 -1.55
CA ALA A 92 0.67 10.52 -1.30
C ALA A 92 0.06 10.27 0.09
N ILE A 93 -0.95 11.03 0.48
CA ILE A 93 -1.61 10.90 1.82
C ILE A 93 -3.04 10.33 1.70
N ASN A 94 -3.38 9.37 2.54
CA ASN A 94 -4.75 8.72 2.49
C ASN A 94 -5.67 9.33 3.55
N ARG A 95 -6.77 9.90 3.08
CA ARG A 95 -7.69 10.56 4.07
C ARG A 95 -9.16 10.34 3.72
N GLY A 96 -9.84 9.56 4.51
CA GLY A 96 -11.29 9.32 4.25
C GLY A 96 -11.99 8.89 5.54
N PHE A 97 -12.76 9.78 6.13
CA PHE A 97 -13.51 9.47 7.39
C PHE A 97 -12.57 9.05 8.52
N LEU A 98 -11.57 8.26 8.23
CA LEU A 98 -10.65 7.82 9.32
C LEU A 98 -9.76 8.96 9.78
N ALA A 99 -8.65 9.19 9.12
CA ALA A 99 -7.75 10.29 9.59
C ALA A 99 -6.54 10.40 8.66
N GLN A 100 -5.92 11.56 8.58
CA GLN A 100 -4.73 11.69 7.70
C GLN A 100 -3.79 10.50 7.96
N ALA A 101 -3.28 9.94 6.90
CA ALA A 101 -2.40 8.72 6.96
C ALA A 101 -1.41 8.84 5.80
N LEU A 102 -0.22 8.22 5.80
CA LEU A 102 0.65 8.38 4.59
C LEU A 102 0.82 7.03 3.89
N ARG A 103 1.01 7.04 2.60
CA ARG A 103 1.17 5.74 1.88
C ARG A 103 2.06 5.84 0.64
N VAL A 104 3.02 4.95 0.58
CA VAL A 104 4.02 4.95 -0.54
C VAL A 104 3.54 4.05 -1.67
N PHE A 105 3.93 4.38 -2.88
CA PHE A 105 3.56 3.56 -4.07
C PHE A 105 4.83 2.97 -4.68
N THR A 106 4.78 1.72 -5.08
CA THR A 106 5.95 1.06 -5.69
C THR A 106 5.41 0.24 -6.88
N PRO A 107 6.08 0.22 -8.00
CA PRO A 107 5.64 -0.52 -9.25
C PRO A 107 6.13 -1.99 -9.35
N ILE A 108 5.40 -2.81 -10.10
CA ILE A 108 5.80 -4.24 -10.23
C ILE A 108 6.03 -4.58 -11.71
N TYR A 109 7.14 -5.21 -12.05
CA TYR A 109 7.45 -5.54 -13.46
C TYR A 109 7.15 -7.00 -13.76
N ASP A 110 6.69 -7.29 -14.94
CA ASP A 110 6.42 -8.71 -15.26
C ASP A 110 7.72 -9.54 -15.12
N GLU A 111 8.82 -8.93 -14.70
CA GLU A 111 10.13 -9.67 -14.53
C GLU A 111 10.85 -9.68 -15.88
N ASN A 112 10.61 -8.66 -16.64
CA ASN A 112 11.21 -8.50 -17.99
C ASN A 112 11.35 -7.01 -18.24
N HIS A 113 11.30 -6.26 -17.17
CA HIS A 113 11.39 -4.78 -17.25
C HIS A 113 10.08 -4.29 -17.86
N LYS A 114 9.13 -5.17 -17.97
CA LYS A 114 7.79 -4.79 -18.52
C LYS A 114 6.93 -4.32 -17.34
N GLN A 115 6.53 -3.09 -17.35
CA GLN A 115 5.74 -2.52 -16.21
C GLN A 115 4.30 -3.10 -16.11
N ILE A 116 3.96 -3.78 -15.00
CA ILE A 116 2.58 -4.39 -14.90
C ILE A 116 1.85 -4.17 -13.56
N GLY A 117 2.28 -3.34 -12.68
CA GLY A 117 1.50 -3.29 -11.40
C GLY A 117 1.94 -2.22 -10.43
N VAL A 118 1.26 -2.14 -9.30
CA VAL A 118 1.62 -1.12 -8.25
C VAL A 118 1.45 -1.68 -6.83
N VAL A 119 2.38 -1.33 -5.98
CA VAL A 119 2.31 -1.75 -4.56
C VAL A 119 2.04 -0.50 -3.70
N ALA A 120 1.05 -0.52 -2.88
CA ALA A 120 0.75 0.67 -1.98
C ALA A 120 0.95 0.21 -0.54
N ILE A 121 1.29 1.10 0.38
CA ILE A 121 1.49 0.68 1.79
C ILE A 121 1.08 1.87 2.59
N GLY A 122 -0.08 1.84 3.18
CA GLY A 122 -0.55 3.04 3.92
C GLY A 122 -0.66 2.79 5.39
N LEU A 123 -0.28 3.79 6.10
CA LEU A 123 -0.37 3.78 7.59
C LEU A 123 -1.68 4.51 7.94
N GLU A 124 -2.67 3.73 8.35
CA GLU A 124 -4.05 4.29 8.73
C GLU A 124 -3.95 5.02 10.08
N LEU A 125 -4.63 6.13 10.29
CA LEU A 125 -4.61 6.80 11.66
C LEU A 125 -3.23 6.78 12.34
N SER A 126 -3.21 7.28 13.56
CA SER A 126 -1.95 7.38 14.36
C SER A 126 -2.16 8.29 15.60
N ARG A 127 -1.96 9.58 15.39
CA ARG A 127 -2.16 10.64 16.46
C ARG A 127 -1.25 11.83 16.19
N VAL A 128 -0.12 11.63 15.56
CA VAL A 128 0.81 12.77 15.32
C VAL A 128 0.51 13.29 13.92
N THR A 129 -0.73 13.16 13.56
CA THR A 129 -1.23 13.58 12.21
C THR A 129 -1.41 15.09 12.12
N GLN A 130 -2.03 15.67 13.09
CA GLN A 130 -2.28 17.13 13.06
C GLN A 130 -0.94 17.85 13.21
N GLN A 131 -0.20 17.50 14.22
CA GLN A 131 1.12 18.13 14.44
C GLN A 131 1.93 18.01 13.16
N ILE A 132 2.32 16.83 12.82
CA ILE A 132 3.12 16.62 11.58
C ILE A 132 2.55 17.39 10.38
N ASN A 133 1.53 16.86 9.77
CA ASN A 133 0.93 17.48 8.55
C ASN A 133 0.93 19.02 8.57
N ASP A 134 -0.01 19.62 9.27
CA ASP A 134 -0.08 21.11 9.28
C ASP A 134 1.31 21.73 9.47
N SER A 135 2.03 21.31 10.48
CA SER A 135 3.39 21.87 10.70
C SER A 135 4.25 21.62 9.44
N ARG A 136 4.54 20.38 9.13
CA ARG A 136 5.37 20.07 7.92
C ARG A 136 4.59 20.48 6.66
N SER A 1 2.61 11.21 9.97
CA SER A 1 2.56 11.13 8.49
C SER A 1 3.98 11.03 7.96
N ASP A 2 4.81 11.92 8.39
CA ASP A 2 6.20 11.91 7.90
C ASP A 2 6.90 10.60 8.27
N MET A 3 6.94 10.28 9.57
CA MET A 3 7.74 9.11 10.07
C MET A 3 7.62 7.93 9.13
N THR A 4 6.38 7.47 8.95
CA THR A 4 6.11 6.32 8.09
C THR A 4 6.65 6.64 6.70
N ARG A 5 6.63 7.89 6.32
CA ARG A 5 7.17 8.24 4.98
C ARG A 5 8.47 7.49 4.70
N ASP A 6 9.44 7.66 5.59
CA ASP A 6 10.83 7.07 5.51
C ASP A 6 10.90 5.56 5.71
N GLY A 7 10.54 5.07 6.87
CA GLY A 7 10.68 3.60 7.10
C GLY A 7 9.51 2.83 6.53
N LEU A 8 8.27 3.27 6.64
CA LEU A 8 7.18 2.47 5.99
C LEU A 8 7.64 2.22 4.53
N ALA A 9 8.14 3.25 3.86
CA ALA A 9 8.65 3.05 2.48
C ALA A 9 9.59 1.83 2.45
N ASN A 10 10.73 1.89 3.10
CA ASN A 10 11.73 0.77 3.13
C ASN A 10 11.20 -0.45 3.90
N LYS A 11 10.82 -0.24 5.13
CA LYS A 11 10.40 -1.36 6.00
C LYS A 11 9.09 -2.04 5.59
N ALA A 12 8.01 -1.34 5.33
CA ALA A 12 6.75 -2.06 5.00
C ALA A 12 6.83 -2.71 3.64
N LEU A 13 7.51 -2.14 2.71
CA LEU A 13 7.64 -2.82 1.38
C LEU A 13 8.45 -4.14 1.52
N ALA A 14 9.47 -4.19 2.33
CA ALA A 14 10.33 -5.42 2.45
C ALA A 14 9.70 -6.61 3.23
N VAL A 15 9.13 -6.41 4.37
CA VAL A 15 8.54 -7.57 5.13
C VAL A 15 7.30 -7.98 4.36
N ALA A 16 6.63 -7.03 3.83
CA ALA A 16 5.49 -7.37 2.99
C ALA A 16 6.04 -8.29 1.92
N ARG A 17 7.26 -8.05 1.54
CA ARG A 17 7.87 -8.92 0.53
C ARG A 17 8.09 -10.34 1.05
N THR A 18 8.17 -10.64 2.34
CA THR A 18 8.39 -12.08 2.68
C THR A 18 7.24 -12.84 2.11
N LEU A 19 6.09 -12.32 2.37
CA LEU A 19 4.88 -12.99 1.89
C LEU A 19 4.58 -12.51 0.46
N ALA A 20 4.83 -11.26 0.12
CA ALA A 20 4.58 -10.87 -1.30
C ALA A 20 5.59 -11.68 -2.14
N ASP A 21 6.64 -12.09 -1.51
CA ASP A 21 7.70 -12.93 -2.21
C ASP A 21 7.23 -14.37 -2.35
N SER A 22 6.19 -14.73 -1.71
CA SER A 22 5.71 -16.12 -1.86
C SER A 22 5.10 -16.29 -3.28
N PRO A 23 4.17 -17.18 -3.49
CA PRO A 23 3.48 -17.35 -4.80
C PRO A 23 2.09 -16.74 -4.78
N GLU A 24 1.56 -16.57 -3.62
CA GLU A 24 0.23 -15.96 -3.51
C GLU A 24 0.26 -14.58 -4.17
N ILE A 25 1.34 -13.83 -4.04
CA ILE A 25 1.37 -12.48 -4.66
C ILE A 25 0.91 -12.53 -6.17
N ARG A 26 1.82 -12.94 -7.03
CA ARG A 26 1.56 -12.92 -8.49
C ARG A 26 0.25 -13.63 -8.75
N GLN A 27 -0.09 -14.60 -7.96
CA GLN A 27 -1.40 -15.27 -8.19
C GLN A 27 -2.55 -14.52 -7.52
N GLY A 28 -2.35 -13.55 -6.62
CA GLY A 28 -3.56 -12.84 -6.07
C GLY A 28 -3.71 -11.70 -7.03
N LEU A 29 -2.62 -11.04 -7.20
CA LEU A 29 -2.49 -9.93 -8.17
C LEU A 29 -3.17 -10.39 -9.47
N GLN A 30 -2.99 -11.63 -9.78
CA GLN A 30 -3.63 -12.18 -11.01
C GLN A 30 -5.16 -12.15 -10.84
N LYS A 31 -5.69 -11.70 -9.70
CA LYS A 31 -7.20 -11.67 -9.52
C LYS A 31 -7.72 -10.35 -8.91
N LYS A 32 -7.66 -9.25 -9.61
CA LYS A 32 -8.15 -7.88 -9.10
C LYS A 32 -8.47 -7.82 -7.57
N PRO A 33 -8.40 -6.65 -6.97
CA PRO A 33 -8.67 -6.44 -5.52
C PRO A 33 -9.67 -7.41 -4.90
N GLN A 34 -10.84 -7.50 -5.43
CA GLN A 34 -11.82 -8.39 -4.79
C GLN A 34 -11.21 -9.81 -4.62
N GLU A 35 -11.35 -10.34 -3.44
CA GLU A 35 -10.88 -11.74 -3.17
C GLU A 35 -9.34 -11.90 -3.20
N SER A 36 -8.58 -10.84 -3.26
CA SER A 36 -7.09 -11.03 -3.28
C SER A 36 -6.58 -11.33 -1.88
N GLY A 37 -6.64 -12.57 -1.49
CA GLY A 37 -6.20 -12.95 -0.10
C GLY A 37 -4.88 -12.20 0.29
N ILE A 38 -4.92 -10.91 0.39
CA ILE A 38 -3.73 -10.08 0.79
C ILE A 38 -3.47 -10.32 2.27
N GLN A 39 -4.21 -11.18 2.83
CA GLN A 39 -4.08 -11.51 4.26
C GLN A 39 -2.64 -11.89 4.62
N ALA A 40 -1.87 -12.52 3.73
CA ALA A 40 -0.46 -12.87 4.05
C ALA A 40 0.29 -11.57 3.85
N ILE A 41 0.98 -11.31 2.76
CA ILE A 41 1.70 -9.98 2.62
C ILE A 41 1.31 -9.00 3.76
N ALA A 42 0.06 -8.73 3.97
CA ALA A 42 -0.31 -7.85 5.10
C ALA A 42 0.15 -8.51 6.43
N GLU A 43 -0.26 -9.74 6.60
CA GLU A 43 0.08 -10.55 7.81
C GLU A 43 1.50 -10.34 8.25
N ALA A 44 2.53 -10.51 7.45
CA ALA A 44 3.84 -10.29 8.09
C ALA A 44 3.94 -8.84 8.47
N VAL A 45 3.95 -7.93 7.54
CA VAL A 45 4.18 -6.53 8.00
C VAL A 45 3.31 -6.24 9.27
N ARG A 46 2.00 -6.09 9.11
CA ARG A 46 1.08 -5.84 10.28
C ARG A 46 1.60 -6.57 11.53
N LYS A 47 1.94 -7.86 11.40
CA LYS A 47 2.49 -8.59 12.62
C LYS A 47 3.33 -7.58 13.43
N ARG A 48 4.00 -6.71 12.74
CA ARG A 48 4.71 -5.56 13.40
C ARG A 48 3.68 -4.76 14.22
N ASN A 49 2.67 -4.10 13.67
CA ASN A 49 1.79 -3.37 14.68
C ASN A 49 0.39 -3.96 14.66
N ASP A 50 -0.36 -3.75 13.62
CA ASP A 50 -1.70 -4.43 13.44
C ASP A 50 -2.58 -3.60 12.53
N LEU A 51 -2.11 -2.42 12.25
CA LEU A 51 -2.89 -1.52 11.37
C LEU A 51 -2.04 -1.17 10.13
N LEU A 52 -2.67 -0.88 9.00
CA LEU A 52 -1.84 -0.57 7.73
C LEU A 52 -2.55 -1.17 6.50
N PHE A 53 -2.46 -0.69 5.25
CA PHE A 53 -3.06 -1.50 4.18
C PHE A 53 -1.86 -1.89 3.32
N ILE A 54 -1.32 -3.07 3.54
CA ILE A 54 -0.18 -3.56 2.73
C ILE A 54 -0.85 -4.27 1.57
N VAL A 55 -0.78 -3.63 0.47
CA VAL A 55 -1.53 -4.07 -0.70
C VAL A 55 -0.74 -4.14 -1.98
N VAL A 56 -1.11 -5.14 -2.73
CA VAL A 56 -0.55 -5.32 -4.07
C VAL A 56 -1.74 -4.99 -4.95
N THR A 57 -1.53 -4.27 -6.01
CA THR A 57 -2.68 -3.90 -6.88
C THR A 57 -2.43 -4.48 -8.23
N ASP A 58 -3.47 -4.83 -8.91
CA ASP A 58 -3.29 -5.22 -10.30
C ASP A 58 -3.20 -3.85 -10.92
N MET A 59 -3.15 -3.72 -12.18
CA MET A 59 -3.06 -2.31 -12.64
C MET A 59 -4.45 -1.73 -12.43
N GLN A 60 -4.86 -1.51 -11.18
CA GLN A 60 -6.21 -1.04 -10.86
C GLN A 60 -6.17 -0.10 -9.64
N SER A 61 -5.50 -0.48 -8.56
CA SER A 61 -5.44 0.34 -7.33
C SER A 61 -6.63 0.00 -6.48
N LEU A 62 -6.42 -0.11 -5.20
CA LEU A 62 -7.48 -0.37 -4.22
C LEU A 62 -6.72 -1.00 -3.07
N ARG A 63 -7.07 -0.62 -1.89
CA ARG A 63 -6.33 -1.19 -0.73
C ARG A 63 -6.84 -2.60 -0.60
N TYR A 64 -6.08 -3.49 -1.14
CA TYR A 64 -6.49 -4.91 -1.10
C TYR A 64 -6.86 -5.23 0.33
N SER A 65 -6.33 -4.43 1.23
CA SER A 65 -6.52 -4.68 2.69
C SER A 65 -6.96 -3.45 3.52
N HIS A 66 -7.46 -3.69 4.73
CA HIS A 66 -7.87 -2.56 5.63
C HIS A 66 -8.63 -3.09 6.86
N PRO A 67 -8.46 -2.47 8.04
CA PRO A 67 -9.27 -2.86 9.23
C PRO A 67 -10.70 -2.47 8.90
N GLU A 68 -10.83 -1.27 8.35
CA GLU A 68 -12.15 -0.76 7.87
C GLU A 68 -12.10 -0.77 6.33
N ALA A 69 -12.85 -1.69 5.80
CA ALA A 69 -12.93 -1.89 4.31
C ALA A 69 -13.43 -0.66 3.55
N GLN A 70 -14.22 0.18 4.10
CA GLN A 70 -14.69 1.37 3.33
C GLN A 70 -13.52 2.27 2.83
N ARG A 71 -12.44 2.46 3.58
CA ARG A 71 -11.35 3.33 3.05
C ARG A 71 -10.91 2.76 1.69
N ILE A 72 -10.82 1.45 1.62
CA ILE A 72 -10.46 0.80 0.30
C ILE A 72 -11.20 1.51 -0.84
N GLY A 73 -12.44 1.16 -1.01
CA GLY A 73 -13.26 1.72 -2.13
C GLY A 73 -12.82 3.14 -2.59
N GLN A 74 -12.07 3.89 -1.81
CA GLN A 74 -11.72 5.27 -2.28
C GLN A 74 -10.66 5.28 -3.41
N PRO A 75 -9.41 4.95 -3.16
CA PRO A 75 -8.32 4.92 -4.18
C PRO A 75 -8.83 4.82 -5.62
N PHE A 76 -7.98 5.27 -6.52
CA PHE A 76 -8.32 5.33 -7.98
C PHE A 76 -8.99 6.71 -8.21
N LYS A 77 -8.74 7.26 -9.36
CA LYS A 77 -9.33 8.62 -9.62
C LYS A 77 -8.81 9.67 -8.57
N GLY A 78 -7.56 10.09 -8.68
CA GLY A 78 -7.01 11.16 -7.78
C GLY A 78 -5.89 11.89 -8.54
N ASP A 79 -4.87 11.18 -8.97
CA ASP A 79 -3.70 11.76 -9.78
C ASP A 79 -2.36 11.32 -9.20
N ASP A 80 -2.35 10.51 -8.18
CA ASP A 80 -1.03 10.06 -7.63
C ASP A 80 -0.68 8.71 -8.26
N ILE A 81 -1.64 7.93 -8.67
CA ILE A 81 -1.32 6.57 -9.26
C ILE A 81 -0.99 6.73 -10.75
N LEU A 82 -1.38 7.83 -11.35
CA LEU A 82 -1.09 8.09 -12.78
C LEU A 82 0.39 7.86 -12.98
N LYS A 83 1.17 8.21 -12.01
CA LYS A 83 2.61 7.98 -12.12
C LYS A 83 2.92 6.54 -11.80
N ALA A 84 2.22 5.88 -10.91
CA ALA A 84 2.60 4.47 -10.57
C ALA A 84 1.94 3.48 -11.54
N LEU A 85 0.79 3.86 -12.05
CA LEU A 85 0.01 3.01 -13.00
C LEU A 85 0.92 2.51 -14.12
N ASN A 86 1.96 3.24 -14.39
CA ASN A 86 2.90 2.83 -15.42
C ASN A 86 3.80 1.75 -14.82
N GLY A 87 4.97 2.13 -14.35
CA GLY A 87 5.91 1.24 -13.67
C GLY A 87 6.93 2.08 -12.86
N GLU A 88 6.49 3.04 -12.04
CA GLU A 88 7.47 3.88 -11.27
C GLU A 88 6.88 4.17 -9.87
N GLU A 89 7.73 4.59 -8.98
CA GLU A 89 7.30 4.88 -7.58
C GLU A 89 6.44 6.16 -7.50
N ASN A 90 5.75 6.35 -6.38
CA ASN A 90 4.94 7.58 -6.16
C ASN A 90 4.52 7.62 -4.68
N VAL A 91 4.45 8.78 -4.08
CA VAL A 91 4.08 8.88 -2.63
C VAL A 91 3.00 9.97 -2.44
N ALA A 92 1.93 9.65 -1.72
CA ALA A 92 0.83 10.64 -1.50
C ALA A 92 0.16 10.39 -0.13
N ILE A 93 -0.66 11.30 0.30
CA ILE A 93 -1.36 11.20 1.62
C ILE A 93 -2.83 10.78 1.46
N ASN A 94 -3.30 9.92 2.33
CA ASN A 94 -4.70 9.39 2.24
C ASN A 94 -5.63 10.07 3.24
N ARG A 95 -6.75 10.53 2.74
CA ARG A 95 -7.72 11.22 3.63
C ARG A 95 -9.08 10.58 3.47
N GLY A 96 -9.63 10.04 4.53
CA GLY A 96 -10.95 9.38 4.45
C GLY A 96 -11.59 9.39 5.83
N PHE A 97 -12.86 9.06 5.91
CA PHE A 97 -13.59 9.06 7.21
C PHE A 97 -12.66 8.62 8.36
N LEU A 98 -11.77 7.70 8.11
CA LEU A 98 -10.86 7.27 9.21
C LEU A 98 -10.03 8.45 9.69
N ALA A 99 -9.14 8.95 8.87
CA ALA A 99 -8.24 10.08 9.30
C ALA A 99 -6.97 10.13 8.44
N GLN A 100 -6.33 11.26 8.40
CA GLN A 100 -5.07 11.43 7.62
C GLN A 100 -4.11 10.23 7.85
N ALA A 101 -3.51 9.77 6.77
CA ALA A 101 -2.58 8.60 6.79
C ALA A 101 -1.58 8.79 5.63
N LEU A 102 -0.33 8.29 5.69
CA LEU A 102 0.55 8.48 4.48
C LEU A 102 0.66 7.15 3.75
N ARG A 103 0.97 7.18 2.47
CA ARG A 103 1.12 5.91 1.73
C ARG A 103 2.22 6.02 0.66
N VAL A 104 2.80 4.89 0.32
CA VAL A 104 3.89 4.83 -0.73
C VAL A 104 3.40 3.94 -1.88
N PHE A 105 3.90 4.19 -3.05
CA PHE A 105 3.52 3.39 -4.25
C PHE A 105 4.78 2.76 -4.83
N THR A 106 4.66 1.56 -5.34
CA THR A 106 5.82 0.87 -5.93
C THR A 106 5.29 0.08 -7.15
N PRO A 107 6.01 0.05 -8.24
CA PRO A 107 5.63 -0.70 -9.50
C PRO A 107 6.09 -2.16 -9.55
N ILE A 108 5.37 -2.98 -10.29
CA ILE A 108 5.72 -4.44 -10.40
C ILE A 108 6.04 -4.77 -11.86
N TYR A 109 7.13 -5.46 -12.13
CA TYR A 109 7.52 -5.76 -13.54
C TYR A 109 7.21 -7.19 -13.97
N ASP A 110 6.92 -7.38 -15.22
CA ASP A 110 6.68 -8.75 -15.73
C ASP A 110 8.04 -9.48 -15.80
N GLU A 111 8.78 -9.47 -14.72
CA GLU A 111 10.13 -10.14 -14.63
C GLU A 111 10.95 -9.90 -15.91
N ASN A 112 10.59 -8.91 -16.70
CA ASN A 112 11.37 -8.61 -17.95
C ASN A 112 11.62 -7.09 -18.01
N HIS A 113 11.73 -6.48 -16.89
CA HIS A 113 11.95 -5.02 -16.86
C HIS A 113 10.75 -4.34 -17.51
N LYS A 114 9.77 -5.14 -17.89
CA LYS A 114 8.52 -4.59 -18.51
C LYS A 114 7.60 -4.22 -17.34
N GLN A 115 7.00 -3.07 -17.33
CA GLN A 115 6.17 -2.67 -16.15
C GLN A 115 4.69 -3.17 -16.16
N ILE A 116 4.20 -3.79 -15.09
CA ILE A 116 2.77 -4.29 -15.13
C ILE A 116 1.89 -4.06 -13.88
N GLY A 117 2.28 -3.33 -12.88
CA GLY A 117 1.34 -3.27 -11.70
C GLY A 117 1.80 -2.27 -10.66
N VAL A 118 1.06 -2.12 -9.56
CA VAL A 118 1.48 -1.14 -8.50
C VAL A 118 1.21 -1.68 -7.10
N VAL A 119 2.14 -1.44 -6.21
CA VAL A 119 1.98 -1.86 -4.80
C VAL A 119 1.76 -0.60 -3.97
N ALA A 120 0.72 -0.54 -3.19
CA ALA A 120 0.46 0.67 -2.34
C ALA A 120 0.59 0.25 -0.88
N ILE A 121 0.83 1.18 0.02
CA ILE A 121 0.98 0.80 1.43
C ILE A 121 0.52 2.00 2.23
N GLY A 122 -0.67 2.00 2.75
CA GLY A 122 -1.15 3.20 3.47
C GLY A 122 -1.17 2.96 4.97
N LEU A 123 -0.61 3.88 5.68
CA LEU A 123 -0.58 3.78 7.17
C LEU A 123 -1.78 4.51 7.74
N GLU A 124 -2.73 3.76 8.30
CA GLU A 124 -3.95 4.38 8.92
C GLU A 124 -3.45 5.34 10.00
N LEU A 125 -4.26 6.24 10.47
CA LEU A 125 -3.80 7.22 11.52
C LEU A 125 -2.97 6.49 12.60
N SER A 126 -1.94 7.12 13.14
CA SER A 126 -1.12 6.47 14.21
C SER A 126 -1.36 7.14 15.57
N ARG A 127 -1.07 8.41 15.57
CA ARG A 127 -1.22 9.31 16.78
C ARG A 127 -0.16 10.41 16.73
N VAL A 128 1.03 10.14 16.25
CA VAL A 128 2.10 11.18 16.24
C VAL A 128 1.97 11.99 14.96
N THR A 129 0.81 12.02 14.40
CA THR A 129 0.54 12.77 13.14
C THR A 129 0.34 14.26 13.38
N GLN A 130 -0.33 14.65 14.44
CA GLN A 130 -0.55 16.11 14.62
C GLN A 130 0.74 16.75 15.10
N GLN A 131 1.25 16.27 16.21
CA GLN A 131 2.50 16.82 16.74
C GLN A 131 3.52 16.84 15.59
N ILE A 132 3.99 15.71 15.15
CA ILE A 132 4.97 15.65 14.02
C ILE A 132 4.66 16.61 12.85
N ASN A 133 3.66 16.29 12.05
CA ASN A 133 3.33 17.11 10.86
C ASN A 133 3.37 18.61 11.19
N ASP A 134 2.40 19.08 11.93
CA ASP A 134 2.37 20.56 12.23
C ASP A 134 3.75 21.01 12.68
N SER A 135 4.27 20.48 13.75
CA SER A 135 5.61 20.95 14.24
C SER A 135 6.57 21.09 13.06
N ARG A 136 7.00 19.99 12.50
CA ARG A 136 7.91 20.07 11.32
C ARG A 136 7.16 20.68 10.14
N SER A 1 2.55 10.76 10.24
CA SER A 1 2.55 10.84 8.75
C SER A 1 3.98 10.96 8.24
N ASP A 2 4.75 11.82 8.83
CA ASP A 2 6.13 11.98 8.36
C ASP A 2 6.97 10.75 8.71
N MET A 3 7.03 10.38 9.99
CA MET A 3 7.94 9.28 10.38
C MET A 3 7.69 8.07 9.49
N THR A 4 6.41 7.70 9.27
CA THR A 4 6.11 6.53 8.44
C THR A 4 6.67 6.82 7.04
N ARG A 5 6.69 8.05 6.65
CA ARG A 5 7.25 8.38 5.30
C ARG A 5 8.54 7.59 5.05
N ASP A 6 9.54 7.84 5.90
CA ASP A 6 10.92 7.24 5.82
C ASP A 6 10.99 5.75 6.17
N GLY A 7 10.60 5.38 7.35
CA GLY A 7 10.74 3.94 7.76
C GLY A 7 9.61 3.08 7.14
N LEU A 8 8.35 3.45 7.25
CA LEU A 8 7.30 2.61 6.57
C LEU A 8 7.78 2.36 5.11
N ALA A 9 8.27 3.39 4.44
CA ALA A 9 8.75 3.19 3.03
C ALA A 9 9.68 1.98 3.01
N ASN A 10 10.84 2.12 3.56
CA ASN A 10 11.86 1.03 3.60
C ASN A 10 11.35 -0.20 4.34
N LYS A 11 10.95 0.02 5.57
CA LYS A 11 10.54 -1.11 6.44
C LYS A 11 9.33 -1.86 5.93
N ALA A 12 8.16 -1.28 5.76
CA ALA A 12 6.99 -2.07 5.29
C ALA A 12 7.20 -2.56 3.86
N LEU A 13 7.95 -1.90 3.05
CA LEU A 13 8.17 -2.45 1.69
C LEU A 13 8.97 -3.76 1.82
N ALA A 14 9.82 -3.89 2.81
CA ALA A 14 10.71 -5.12 2.97
C ALA A 14 10.01 -6.34 3.66
N VAL A 15 9.31 -6.18 4.75
CA VAL A 15 8.71 -7.37 5.41
C VAL A 15 7.52 -7.76 4.56
N ALA A 16 6.89 -6.81 3.98
CA ALA A 16 5.82 -7.16 3.04
C ALA A 16 6.44 -8.00 1.95
N ARG A 17 7.64 -7.65 1.57
CA ARG A 17 8.28 -8.40 0.52
C ARG A 17 8.51 -9.82 1.01
N THR A 18 8.43 -10.18 2.31
CA THR A 18 8.71 -11.60 2.57
C THR A 18 7.59 -12.34 1.94
N LEU A 19 6.42 -11.91 2.23
CA LEU A 19 5.25 -12.55 1.66
C LEU A 19 4.98 -12.00 0.26
N ALA A 20 5.04 -10.69 0.06
CA ALA A 20 4.78 -10.15 -1.35
C ALA A 20 5.70 -10.95 -2.29
N ASP A 21 6.66 -11.52 -1.68
CA ASP A 21 7.65 -12.39 -2.45
C ASP A 21 7.15 -13.84 -2.54
N SER A 22 6.12 -14.19 -1.86
CA SER A 22 5.64 -15.61 -1.92
C SER A 22 5.00 -15.91 -3.31
N PRO A 23 4.09 -16.87 -3.43
CA PRO A 23 3.40 -17.21 -4.72
C PRO A 23 1.91 -16.77 -4.81
N GLU A 24 1.25 -16.77 -3.70
CA GLU A 24 -0.19 -16.32 -3.68
C GLU A 24 -0.21 -14.82 -3.72
N ILE A 25 0.75 -14.26 -4.40
CA ILE A 25 0.83 -12.82 -4.60
C ILE A 25 0.53 -12.62 -6.10
N ARG A 26 1.58 -12.75 -6.89
CA ARG A 26 1.45 -12.60 -8.35
C ARG A 26 0.21 -13.40 -8.81
N GLN A 27 -0.10 -14.48 -8.14
CA GLN A 27 -1.32 -15.25 -8.52
C GLN A 27 -2.57 -14.68 -7.84
N GLY A 28 -2.45 -13.87 -6.80
CA GLY A 28 -3.66 -13.30 -6.11
C GLY A 28 -3.79 -11.92 -6.64
N LEU A 29 -2.76 -11.53 -7.33
CA LEU A 29 -2.74 -10.27 -8.03
C LEU A 29 -3.41 -10.60 -9.35
N GLN A 30 -3.06 -11.77 -9.79
CA GLN A 30 -3.66 -12.27 -11.04
C GLN A 30 -5.17 -12.38 -10.91
N LYS A 31 -5.77 -12.18 -9.73
CA LYS A 31 -7.29 -12.26 -9.61
C LYS A 31 -7.90 -10.99 -8.98
N LYS A 32 -7.78 -9.86 -9.64
CA LYS A 32 -8.33 -8.51 -9.19
C LYS A 32 -8.54 -8.35 -7.66
N PRO A 33 -8.50 -7.12 -7.15
CA PRO A 33 -8.70 -6.83 -5.69
C PRO A 33 -9.65 -7.77 -5.00
N GLN A 34 -10.86 -7.81 -5.42
CA GLN A 34 -11.79 -8.70 -4.73
C GLN A 34 -11.17 -10.11 -4.68
N GLU A 35 -11.30 -10.73 -3.56
CA GLU A 35 -10.83 -12.12 -3.34
C GLU A 35 -9.30 -12.21 -3.15
N SER A 36 -8.56 -11.32 -3.73
CA SER A 36 -7.06 -11.38 -3.60
C SER A 36 -6.59 -11.65 -2.16
N GLY A 37 -6.30 -12.91 -1.89
CA GLY A 37 -5.87 -13.26 -0.49
C GLY A 37 -4.66 -12.40 -0.01
N ILE A 38 -4.74 -11.11 -0.19
CA ILE A 38 -3.67 -10.16 0.25
C ILE A 38 -3.43 -10.32 1.77
N GLN A 39 -4.08 -11.24 2.41
CA GLN A 39 -3.90 -11.50 3.87
C GLN A 39 -2.42 -11.81 4.19
N ALA A 40 -1.59 -12.27 3.25
CA ALA A 40 -0.17 -12.67 3.57
C ALA A 40 0.72 -11.45 3.71
N ILE A 41 1.07 -10.76 2.69
CA ILE A 41 1.78 -9.49 2.87
C ILE A 41 1.17 -8.72 4.07
N ALA A 42 -0.09 -8.46 4.09
CA ALA A 42 -0.66 -7.75 5.25
C ALA A 42 -0.24 -8.48 6.54
N GLU A 43 -0.18 -9.80 6.41
CA GLU A 43 0.19 -10.68 7.58
C GLU A 43 1.61 -10.46 8.03
N ALA A 44 2.66 -10.58 7.23
CA ALA A 44 3.97 -10.37 7.89
C ALA A 44 4.02 -8.95 8.45
N VAL A 45 4.01 -7.92 7.66
CA VAL A 45 4.17 -6.59 8.35
C VAL A 45 3.26 -6.51 9.63
N ARG A 46 1.93 -6.52 9.46
CA ARG A 46 0.97 -6.51 10.63
C ARG A 46 1.56 -7.29 11.79
N LYS A 47 2.11 -8.44 11.48
CA LYS A 47 2.73 -9.22 12.61
C LYS A 47 3.54 -8.23 13.46
N ARG A 48 4.50 -7.58 12.88
CA ARG A 48 5.21 -6.52 13.65
C ARG A 48 4.18 -5.43 14.00
N ASN A 49 3.65 -4.74 13.03
CA ASN A 49 2.66 -3.66 13.23
C ASN A 49 2.46 -3.03 11.86
N ASP A 50 1.36 -3.35 11.24
CA ASP A 50 1.06 -2.84 9.85
C ASP A 50 -0.38 -2.40 9.77
N LEU A 51 -0.73 -1.54 10.67
CA LEU A 51 -2.15 -1.07 10.66
C LEU A 51 -2.29 -0.11 9.41
N LEU A 52 -1.63 -0.58 8.36
CA LEU A 52 -1.56 0.14 7.03
C LEU A 52 -2.43 -0.61 5.99
N PHE A 53 -2.63 -0.15 4.74
CA PHE A 53 -3.31 -1.03 3.78
C PHE A 53 -2.16 -1.44 2.86
N ILE A 54 -1.60 -2.63 3.04
CA ILE A 54 -0.47 -3.03 2.14
C ILE A 54 -1.11 -3.68 0.95
N VAL A 55 -0.70 -3.26 -0.20
CA VAL A 55 -1.38 -3.75 -1.38
C VAL A 55 -0.45 -4.20 -2.47
N VAL A 56 -1.03 -5.02 -3.25
CA VAL A 56 -0.39 -5.50 -4.47
C VAL A 56 -1.56 -5.36 -5.43
N THR A 57 -1.42 -4.68 -6.51
CA THR A 57 -2.60 -4.51 -7.41
C THR A 57 -2.25 -4.96 -8.79
N ASP A 58 -3.26 -5.28 -9.54
CA ASP A 58 -3.02 -5.53 -10.94
C ASP A 58 -3.05 -4.11 -11.42
N MET A 59 -2.97 -3.85 -12.65
CA MET A 59 -3.00 -2.43 -12.99
C MET A 59 -4.47 -2.01 -12.85
N GLN A 60 -4.90 -1.66 -11.63
CA GLN A 60 -6.31 -1.31 -11.32
C GLN A 60 -6.35 -0.35 -10.11
N SER A 61 -5.56 -0.59 -9.06
CA SER A 61 -5.54 0.28 -7.85
C SER A 61 -6.69 -0.18 -6.97
N LEU A 62 -6.46 -0.24 -5.67
CA LEU A 62 -7.52 -0.61 -4.68
C LEU A 62 -6.76 -1.20 -3.48
N ARG A 63 -7.14 -0.77 -2.31
CA ARG A 63 -6.42 -1.31 -1.13
C ARG A 63 -6.86 -2.75 -0.98
N TYR A 64 -6.06 -3.60 -1.57
CA TYR A 64 -6.35 -5.06 -1.53
C TYR A 64 -6.59 -5.37 -0.05
N SER A 65 -5.82 -4.71 0.77
CA SER A 65 -5.91 -4.91 2.24
C SER A 65 -6.31 -3.63 2.97
N HIS A 66 -6.65 -3.77 4.24
CA HIS A 66 -7.11 -2.59 5.03
C HIS A 66 -7.50 -2.99 6.48
N PRO A 67 -7.36 -2.11 7.44
CA PRO A 67 -7.83 -2.37 8.82
C PRO A 67 -9.33 -2.06 8.86
N GLU A 68 -9.72 -1.15 8.00
CA GLU A 68 -11.15 -0.73 7.88
C GLU A 68 -11.64 -1.03 6.46
N ALA A 69 -12.81 -1.53 6.33
CA ALA A 69 -13.34 -1.92 4.99
C ALA A 69 -13.67 -0.70 4.09
N GLN A 70 -14.41 0.26 4.56
CA GLN A 70 -14.78 1.42 3.71
C GLN A 70 -13.57 2.20 3.07
N ARG A 71 -12.44 2.41 3.75
CA ARG A 71 -11.33 3.17 3.06
C ARG A 71 -10.95 2.43 1.77
N ILE A 72 -10.79 1.12 1.79
CA ILE A 72 -10.39 0.39 0.51
C ILE A 72 -10.90 1.07 -0.79
N GLY A 73 -12.06 0.68 -1.23
CA GLY A 73 -12.65 1.17 -2.50
C GLY A 73 -12.54 2.68 -2.71
N GLN A 74 -12.29 3.46 -1.72
CA GLN A 74 -12.25 4.93 -1.98
C GLN A 74 -11.17 5.32 -3.04
N PRO A 75 -9.89 5.14 -2.76
CA PRO A 75 -8.79 5.51 -3.70
C PRO A 75 -9.10 5.19 -5.16
N PHE A 76 -9.43 6.19 -5.94
CA PHE A 76 -9.76 6.05 -7.39
C PHE A 76 -9.64 7.49 -7.95
N LYS A 77 -9.13 7.64 -9.13
CA LYS A 77 -8.92 9.05 -9.66
C LYS A 77 -8.24 9.95 -8.60
N GLY A 78 -7.73 9.36 -7.54
CA GLY A 78 -7.03 10.15 -6.45
C GLY A 78 -5.82 10.88 -7.05
N ASP A 79 -5.39 10.50 -8.22
CA ASP A 79 -4.23 11.20 -8.87
C ASP A 79 -2.92 10.86 -8.17
N ASP A 80 -2.95 10.08 -7.14
CA ASP A 80 -1.67 9.69 -6.48
C ASP A 80 -1.21 8.39 -7.09
N ILE A 81 -2.07 7.43 -7.25
CA ILE A 81 -1.62 6.13 -7.83
C ILE A 81 -1.51 6.26 -9.36
N LEU A 82 -2.08 7.26 -9.97
CA LEU A 82 -1.97 7.43 -11.46
C LEU A 82 -0.48 7.45 -11.82
N LYS A 83 0.34 7.92 -10.92
CA LYS A 83 1.80 8.00 -11.17
C LYS A 83 2.45 6.63 -10.96
N ALA A 84 1.88 5.75 -10.17
CA ALA A 84 2.57 4.41 -9.92
C ALA A 84 2.10 3.38 -10.97
N LEU A 85 0.88 3.50 -11.38
CA LEU A 85 0.30 2.59 -12.41
C LEU A 85 1.28 2.49 -13.60
N ASN A 86 2.02 3.54 -13.83
CA ASN A 86 2.98 3.58 -14.91
C ASN A 86 3.99 2.41 -14.75
N GLY A 87 4.94 2.55 -13.85
CA GLY A 87 6.04 1.62 -13.52
C GLY A 87 7.05 2.40 -12.64
N GLU A 88 6.62 3.31 -11.79
CA GLU A 88 7.63 4.07 -10.99
C GLU A 88 7.11 4.28 -9.58
N GLU A 89 7.98 4.61 -8.68
CA GLU A 89 7.52 4.85 -7.29
C GLU A 89 6.84 6.21 -7.20
N ASN A 90 6.12 6.44 -6.11
CA ASN A 90 5.40 7.72 -5.89
C ASN A 90 4.92 7.73 -4.43
N VAL A 91 4.74 8.92 -3.83
CA VAL A 91 4.27 8.98 -2.41
C VAL A 91 3.11 10.03 -2.26
N ALA A 92 2.05 9.70 -1.52
CA ALA A 92 0.90 10.68 -1.35
C ALA A 92 0.32 10.53 0.09
N ILE A 93 -0.59 11.41 0.46
CA ILE A 93 -1.24 11.37 1.82
C ILE A 93 -2.73 10.96 1.70
N ASN A 94 -3.19 10.07 2.58
CA ASN A 94 -4.62 9.55 2.56
C ASN A 94 -5.40 10.24 3.69
N ARG A 95 -6.59 10.71 3.39
CA ARG A 95 -7.38 11.41 4.47
C ARG A 95 -8.82 10.88 4.46
N GLY A 96 -9.11 10.00 5.39
CA GLY A 96 -10.49 9.42 5.49
C GLY A 96 -11.10 9.83 6.83
N PHE A 97 -12.40 9.69 6.99
CA PHE A 97 -13.06 10.09 8.28
C PHE A 97 -12.25 9.59 9.47
N LEU A 98 -11.33 8.70 9.24
CA LEU A 98 -10.52 8.18 10.38
C LEU A 98 -9.51 9.24 10.80
N ALA A 99 -8.50 9.44 10.00
CA ALA A 99 -7.47 10.48 10.34
C ALA A 99 -6.34 10.49 9.32
N GLN A 100 -5.73 11.64 9.10
CA GLN A 100 -4.61 11.76 8.10
C GLN A 100 -3.77 10.48 8.10
N ALA A 101 -3.15 10.17 7.01
CA ALA A 101 -2.38 8.89 6.91
C ALA A 101 -1.33 9.05 5.80
N LEU A 102 -0.17 8.37 5.79
CA LEU A 102 0.74 8.57 4.61
C LEU A 102 0.90 7.26 3.86
N ARG A 103 1.01 7.32 2.55
CA ARG A 103 1.20 6.07 1.76
C ARG A 103 2.38 6.21 0.80
N VAL A 104 3.04 5.08 0.56
CA VAL A 104 4.16 5.02 -0.40
C VAL A 104 3.68 4.14 -1.51
N PHE A 105 4.27 4.28 -2.64
CA PHE A 105 3.86 3.48 -3.81
C PHE A 105 5.09 2.89 -4.46
N THR A 106 5.00 1.67 -4.87
CA THR A 106 6.12 1.00 -5.54
C THR A 106 5.52 0.27 -6.75
N PRO A 107 6.17 0.28 -7.88
CA PRO A 107 5.64 -0.39 -9.12
C PRO A 107 6.03 -1.87 -9.22
N ILE A 108 5.24 -2.63 -9.95
CA ILE A 108 5.56 -4.08 -10.11
C ILE A 108 5.80 -4.38 -11.59
N TYR A 109 6.84 -5.12 -11.87
CA TYR A 109 7.24 -5.43 -13.26
C TYR A 109 6.93 -6.84 -13.70
N ASP A 110 6.72 -7.01 -14.98
CA ASP A 110 6.53 -8.39 -15.47
C ASP A 110 7.95 -9.01 -15.55
N GLU A 111 8.04 -10.29 -15.66
CA GLU A 111 9.40 -10.92 -15.66
C GLU A 111 10.39 -10.21 -16.62
N ASN A 112 9.96 -9.29 -17.46
CA ASN A 112 10.92 -8.65 -18.44
C ASN A 112 11.01 -7.12 -18.32
N HIS A 113 11.19 -6.61 -17.15
CA HIS A 113 11.33 -5.14 -16.96
C HIS A 113 10.12 -4.41 -17.50
N LYS A 114 9.09 -5.13 -17.85
CA LYS A 114 7.85 -4.47 -18.35
C LYS A 114 7.03 -4.07 -17.11
N GLN A 115 6.63 -2.84 -17.03
CA GLN A 115 5.87 -2.35 -15.84
C GLN A 115 4.40 -2.85 -15.81
N ILE A 116 3.93 -3.48 -14.74
CA ILE A 116 2.51 -3.99 -14.76
C ILE A 116 1.71 -3.86 -13.45
N GLY A 117 2.15 -3.13 -12.47
CA GLY A 117 1.31 -3.17 -11.22
C GLY A 117 1.86 -2.25 -10.16
N VAL A 118 1.15 -2.11 -9.06
CA VAL A 118 1.64 -1.20 -7.98
C VAL A 118 1.49 -1.78 -6.57
N VAL A 119 2.46 -1.50 -5.75
CA VAL A 119 2.40 -1.91 -4.32
C VAL A 119 2.21 -0.63 -3.52
N ALA A 120 1.25 -0.59 -2.65
CA ALA A 120 0.99 0.66 -1.88
C ALA A 120 0.97 0.32 -0.39
N ILE A 121 1.21 1.28 0.46
CA ILE A 121 1.21 0.99 1.90
C ILE A 121 0.77 2.26 2.60
N GLY A 122 -0.47 2.34 3.00
CA GLY A 122 -0.96 3.58 3.67
C GLY A 122 -1.20 3.36 5.15
N LEU A 123 -0.46 4.11 5.92
CA LEU A 123 -0.59 4.08 7.40
C LEU A 123 -1.91 4.79 7.72
N GLU A 124 -2.85 4.13 8.38
CA GLU A 124 -4.23 4.76 8.68
C GLU A 124 -4.11 5.83 9.78
N LEU A 125 -3.16 5.59 10.64
CA LEU A 125 -2.98 6.56 11.75
C LEU A 125 -1.71 6.33 12.57
N SER A 126 -1.53 7.22 13.52
CA SER A 126 -0.39 7.17 14.44
C SER A 126 -0.47 8.34 15.42
N ARG A 127 -1.52 8.34 16.23
CA ARG A 127 -1.81 9.38 17.28
C ARG A 127 -1.00 10.68 17.15
N VAL A 128 0.21 10.64 16.67
CA VAL A 128 1.05 11.86 16.52
C VAL A 128 0.86 12.40 15.12
N THR A 129 -0.34 12.29 14.63
CA THR A 129 -0.67 12.78 13.26
C THR A 129 -1.00 14.26 13.34
N GLN A 130 -1.61 14.69 14.39
CA GLN A 130 -1.92 16.13 14.49
C GLN A 130 -0.63 16.86 14.89
N GLN A 131 0.02 16.40 15.93
CA GLN A 131 1.29 17.02 16.41
C GLN A 131 2.31 17.10 15.25
N ILE A 132 2.81 15.98 14.83
CA ILE A 132 3.82 15.92 13.70
C ILE A 132 3.46 16.90 12.54
N ASN A 133 2.43 16.56 11.77
CA ASN A 133 2.01 17.43 10.63
C ASN A 133 1.99 18.93 11.01
N ASP A 134 0.98 19.39 11.72
CA ASP A 134 0.89 20.86 12.01
C ASP A 134 2.23 21.42 12.55
N SER A 135 2.72 20.90 13.64
CA SER A 135 3.97 21.46 14.23
C SER A 135 5.02 21.72 13.16
N ARG A 136 5.52 20.68 12.54
CA ARG A 136 6.57 20.87 11.51
C ARG A 136 6.05 21.81 10.42
#